data_6LLH
#
_entry.id   6LLH
#
_cell.length_a   98.257
_cell.length_b   89.793
_cell.length_c   105.445
_cell.angle_alpha   90.000
_cell.angle_beta   103.990
_cell.angle_gamma   90.000
#
_symmetry.space_group_name_H-M   'P 1 21 1'
#
loop_
_entity.id
_entity.type
_entity.pdbx_description
1 polymer 'Terminal oxygenase component of carbazole'
2 polymer 'Ferredoxin CarAc'
3 non-polymer 'FE (II) ION'
4 non-polymer 'FE2/S2 (INORGANIC) CLUSTER'
5 non-polymer BIPHENYL-2,3-DIOL
6 non-polymer 1,2-ETHANEDIOL
7 non-polymer 'TRIETHYLENE GLYCOL'
8 non-polymer 'ACETATE ION'
9 non-polymer DI(HYDROXYETHYL)ETHER
10 non-polymer GLYCEROL
11 water water
#
loop_
_entity_poly.entity_id
_entity_poly.type
_entity_poly.pdbx_seq_one_letter_code
_entity_poly.pdbx_strand_id
1 'polypeptide(L)'
;MANVDEAILKRVKGWAPYVDAKLGFRNHWYPVMFSKEINEGEPKTLKLLGENLLVNRIDGKLYCLKDRCLHRGVQLSVKV
ECKTKSTITCWYHAWTYRWEDGVLCDILTNPTSAQIGRQKLKTYPVQEAKGCVFIYLGDGDPPPLARDTPPNFLDDDMEI
LGKNQIIKSNWRLAVENGFDPSHIYIHKDSILVKDNDLALPLGFAPGGDRKQQTRVVDDDVVGRKGVYDLIGEHGVPVFE
GTIGGEVVREGAYGEKIVANDISIWLPGVLKVNPFPNPDMMQFEWYVPIDENTHYYFQTLGKPCANDEERKKYEQEFESK
WKPMALEGFNNDDIWAREAMVDFYADDKGWVNEILFESDEAIVAWRKLASEHNQGIQTQAHVSGLEHHHHHH
;
A,B,C
2 'polypeptide(L)'
;MNQIWLKVCAASDMQPGTIRRVNRVGAAPLAVYRVGDQFYATEDTCTHGIASLSEGTLDGDVIECPFHGGAFNVCTGMPA
SSPCTVPLGVFEVEVKEGEVYVAGEKKLEHHHHHH
;
D,E,F
#
loop_
_chem_comp.id
_chem_comp.type
_chem_comp.name
_chem_comp.formula
ACT non-polymer 'ACETATE ION' 'C2 H3 O2 -1'
BPY non-polymer BIPHENYL-2,3-DIOL 'C12 H10 O2'
EDO non-polymer 1,2-ETHANEDIOL 'C2 H6 O2'
FE2 non-polymer 'FE (II) ION' 'Fe 2'
FES non-polymer 'FE2/S2 (INORGANIC) CLUSTER' 'Fe2 S2'
GOL non-polymer GLYCEROL 'C3 H8 O3'
PEG non-polymer DI(HYDROXYETHYL)ETHER 'C4 H10 O3'
PGE non-polymer 'TRIETHYLENE GLYCOL' 'C6 H14 O4'
#
# COMPACT_ATOMS: atom_id res chain seq x y z
N ALA A 2 1.85 -17.31 8.19
CA ALA A 2 0.56 -16.53 7.99
C ALA A 2 0.86 -15.08 7.60
N ASN A 3 1.72 -14.43 8.41
CA ASN A 3 1.87 -12.98 8.47
C ASN A 3 3.09 -12.49 7.66
N VAL A 4 4.04 -13.38 7.37
CA VAL A 4 5.30 -12.97 6.78
C VAL A 4 5.50 -13.80 5.52
N ASP A 5 6.22 -13.25 4.55
CA ASP A 5 6.68 -14.01 3.35
C ASP A 5 7.26 -15.37 3.78
N GLU A 6 6.74 -16.46 3.19
CA GLU A 6 7.18 -17.82 3.49
C GLU A 6 8.68 -18.03 3.16
N ALA A 7 9.23 -17.30 2.21
CA ALA A 7 10.68 -17.43 1.90
C ALA A 7 11.56 -16.90 3.06
N ILE A 8 11.04 -15.93 3.81
CA ILE A 8 11.74 -15.44 5.00
C ILE A 8 11.53 -16.43 6.14
N LEU A 9 10.30 -16.91 6.36
CA LEU A 9 10.09 -17.86 7.46
C LEU A 9 10.91 -19.12 7.26
N LYS A 10 11.11 -19.51 5.99
CA LYS A 10 11.89 -20.71 5.73
C LYS A 10 13.34 -20.52 6.19
N ARG A 11 13.90 -19.31 6.03
CA ARG A 11 15.30 -19.02 6.41
C ARG A 11 15.51 -19.02 7.93
N VAL A 12 14.50 -18.60 8.70
CA VAL A 12 14.71 -18.39 10.16
C VAL A 12 14.17 -19.59 10.93
N LYS A 13 14.85 -20.73 10.78
CA LYS A 13 14.42 -22.00 11.29
C LYS A 13 14.47 -22.03 12.82
N GLY A 14 15.33 -21.22 13.43
CA GLY A 14 15.40 -21.14 14.90
C GLY A 14 14.12 -20.59 15.55
N TRP A 15 13.35 -19.78 14.81
CA TRP A 15 12.34 -18.98 15.48
C TRP A 15 11.32 -18.40 14.51
N ALA A 16 10.88 -19.24 13.58
CA ALA A 16 9.92 -18.83 12.55
C ALA A 16 8.60 -18.38 13.19
N PRO A 17 8.01 -19.06 14.19
CA PRO A 17 6.76 -18.59 14.77
C PRO A 17 6.86 -17.19 15.38
N TYR A 18 8.01 -16.84 15.95
CA TYR A 18 8.22 -15.53 16.52
C TYR A 18 8.28 -14.45 15.44
N VAL A 19 8.98 -14.74 14.36
CA VAL A 19 9.10 -13.83 13.26
C VAL A 19 7.70 -13.65 12.62
N ASP A 20 6.90 -14.71 12.65
CA ASP A 20 5.56 -14.69 12.08
C ASP A 20 4.61 -13.89 12.98
N ALA A 21 4.95 -13.80 14.29
CA ALA A 21 4.09 -13.17 15.35
C ALA A 21 4.17 -11.64 15.39
N LYS A 22 4.00 -11.02 14.22
CA LYS A 22 3.93 -9.58 14.00
C LYS A 22 2.82 -8.89 14.82
N LEU A 23 1.65 -9.55 14.96
CA LEU A 23 0.53 -8.99 15.66
C LEU A 23 0.49 -9.48 17.12
N GLY A 24 1.48 -10.26 17.57
CA GLY A 24 1.47 -10.76 18.92
C GLY A 24 0.98 -12.20 19.03
N PHE A 25 0.94 -12.67 20.27
CA PHE A 25 0.55 -13.99 20.57
C PHE A 25 -0.86 -13.98 21.18
N ARG A 26 -1.72 -14.78 20.57
CA ARG A 26 -3.06 -15.02 21.08
C ARG A 26 -3.03 -16.00 22.25
N ASN A 27 -4.06 -15.92 23.10
CA ASN A 27 -4.31 -16.82 24.23
C ASN A 27 -3.33 -16.56 25.38
N HIS A 28 -3.12 -15.26 25.66
CA HIS A 28 -2.40 -14.77 26.78
C HIS A 28 -3.17 -13.56 27.33
N TRP A 29 -2.87 -13.24 28.60
CA TRP A 29 -3.30 -12.04 29.28
C TRP A 29 -2.39 -10.88 28.96
N TYR A 30 -2.97 -9.68 28.82
CA TYR A 30 -2.23 -8.46 28.58
C TYR A 30 -2.81 -7.33 29.40
N PRO A 31 -1.97 -6.49 30.03
CA PRO A 31 -2.43 -5.29 30.70
C PRO A 31 -2.66 -4.20 29.65
N VAL A 32 -3.74 -3.42 29.83
CA VAL A 32 -4.09 -2.42 28.83
C VAL A 32 -4.32 -1.03 29.42
N MET A 33 -4.69 -0.97 30.68
CA MET A 33 -4.88 0.29 31.35
C MET A 33 -4.87 0.03 32.85
N PHE A 34 -4.92 1.12 33.63
CA PHE A 34 -5.01 1.08 35.10
C PHE A 34 -6.50 1.11 35.50
N SER A 35 -6.82 0.41 36.58
CA SER A 35 -8.17 0.28 37.14
C SER A 35 -8.84 1.64 37.29
N LYS A 36 -8.06 2.64 37.73
CA LYS A 36 -8.61 3.96 38.02
C LYS A 36 -9.04 4.69 36.74
N GLU A 37 -8.61 4.23 35.56
CA GLU A 37 -8.94 4.88 34.30
C GLU A 37 -10.33 4.45 33.77
N ILE A 38 -10.98 3.49 34.40
CA ILE A 38 -12.31 3.07 33.95
C ILE A 38 -13.26 3.09 35.15
N ASN A 39 -14.30 3.94 35.04
CA ASN A 39 -15.31 4.17 36.07
C ASN A 39 -16.63 3.52 35.66
N GLU A 40 -17.45 3.31 36.68
CA GLU A 40 -18.75 2.71 36.63
C GLU A 40 -19.54 3.35 35.49
N GLY A 41 -19.99 2.48 34.59
CA GLY A 41 -20.88 2.82 33.52
C GLY A 41 -20.29 3.81 32.53
N GLU A 42 -18.97 3.86 32.37
CA GLU A 42 -18.31 4.73 31.38
C GLU A 42 -17.44 3.87 30.45
N PRO A 43 -18.01 3.22 29.42
CA PRO A 43 -17.23 2.32 28.56
C PRO A 43 -16.02 3.03 27.93
N LYS A 44 -14.96 2.24 27.74
CA LYS A 44 -13.67 2.73 27.24
C LYS A 44 -13.25 1.86 26.05
N THR A 45 -12.81 2.50 24.95
CA THR A 45 -12.34 1.81 23.73
C THR A 45 -10.83 1.58 23.82
N LEU A 46 -10.35 0.50 23.20
CA LEU A 46 -8.93 0.29 22.98
C LEU A 46 -8.77 -0.73 21.86
N LYS A 47 -7.55 -0.85 21.34
CA LYS A 47 -7.17 -1.84 20.38
C LYS A 47 -6.06 -2.72 20.95
N LEU A 48 -6.24 -4.03 20.87
CA LEU A 48 -5.33 -5.00 21.44
C LEU A 48 -5.20 -6.17 20.45
N LEU A 49 -3.96 -6.47 20.07
CA LEU A 49 -3.62 -7.49 19.01
C LEU A 49 -4.41 -7.23 17.71
N GLY A 50 -4.63 -5.95 17.40
CA GLY A 50 -5.32 -5.50 16.21
C GLY A 50 -6.84 -5.47 16.29
N GLU A 51 -7.41 -5.82 17.44
CA GLU A 51 -8.87 -5.98 17.67
C GLU A 51 -9.36 -4.76 18.43
N ASN A 52 -10.41 -4.10 17.93
CA ASN A 52 -11.04 -3.05 18.63
C ASN A 52 -11.93 -3.61 19.77
N LEU A 53 -11.72 -3.14 21.00
CA LEU A 53 -12.44 -3.68 22.19
C LEU A 53 -13.08 -2.54 22.96
N LEU A 54 -14.12 -2.90 23.69
CA LEU A 54 -14.84 -2.00 24.60
C LEU A 54 -14.79 -2.63 25.98
N VAL A 55 -14.49 -1.81 27.00
CA VAL A 55 -14.46 -2.30 28.37
C VAL A 55 -15.41 -1.43 29.18
N ASN A 56 -16.23 -2.07 30.02
CA ASN A 56 -17.20 -1.37 30.87
C ASN A 56 -17.08 -1.92 32.29
N ARG A 57 -17.41 -1.08 33.26
CA ARG A 57 -17.46 -1.44 34.69
C ARG A 57 -18.94 -1.36 35.12
N ILE A 58 -19.49 -2.53 35.48
CA ILE A 58 -20.88 -2.72 35.91
C ILE A 58 -20.90 -3.37 37.30
N ASP A 59 -21.50 -2.65 38.26
CA ASP A 59 -21.50 -3.05 39.69
C ASP A 59 -20.07 -3.40 40.17
N GLY A 60 -19.10 -2.54 39.84
CA GLY A 60 -17.69 -2.72 40.23
C GLY A 60 -16.87 -3.63 39.33
N LYS A 61 -17.52 -4.49 38.53
CA LYS A 61 -16.79 -5.54 37.78
C LYS A 61 -16.61 -5.10 36.31
N LEU A 62 -15.45 -5.46 35.72
CA LEU A 62 -15.08 -5.17 34.31
C LEU A 62 -15.59 -6.27 33.38
N TYR A 63 -16.11 -5.83 32.23
CA TYR A 63 -16.54 -6.67 31.12
C TYR A 63 -15.92 -6.12 29.81
N CYS A 64 -15.60 -7.02 28.89
CA CYS A 64 -14.95 -6.66 27.66
C CYS A 64 -15.70 -7.33 26.50
N LEU A 65 -16.20 -6.51 25.58
CA LEU A 65 -16.85 -6.89 24.31
C LEU A 65 -15.98 -6.42 23.14
N LYS A 66 -15.97 -7.19 22.08
CA LYS A 66 -15.44 -6.72 20.80
C LYS A 66 -16.26 -5.50 20.36
N ASP A 67 -15.56 -4.44 19.98
CA ASP A 67 -16.14 -3.17 19.52
C ASP A 67 -16.37 -3.25 18.01
N ARG A 68 -17.25 -4.17 17.61
CA ARG A 68 -17.62 -4.39 16.24
C ARG A 68 -18.97 -5.09 16.21
N CYS A 69 -19.98 -4.36 15.75
CA CYS A 69 -21.33 -4.91 15.64
C CYS A 69 -21.32 -6.10 14.69
N LEU A 70 -22.05 -7.13 15.08
CA LEU A 70 -22.19 -8.33 14.26
C LEU A 70 -22.81 -8.07 12.89
N HIS A 71 -23.68 -7.08 12.82
CA HIS A 71 -24.57 -6.88 11.68
C HIS A 71 -23.81 -6.29 10.50
N ARG A 72 -23.46 -5.00 10.56
CA ARG A 72 -22.74 -4.38 9.43
C ARG A 72 -21.29 -3.99 9.82
N GLY A 73 -20.78 -4.48 10.96
CA GLY A 73 -19.32 -4.31 11.32
C GLY A 73 -18.89 -2.91 11.73
N VAL A 74 -19.82 -2.07 12.18
CA VAL A 74 -19.45 -0.78 12.69
C VAL A 74 -18.91 -0.91 14.12
N GLN A 75 -18.18 0.11 14.55
CA GLN A 75 -17.78 0.15 15.93
C GLN A 75 -19.00 0.67 16.70
N LEU A 76 -19.39 -0.06 17.76
CA LEU A 76 -20.46 0.44 18.64
C LEU A 76 -20.09 1.80 19.24
N SER A 77 -18.79 1.98 19.53
CA SER A 77 -18.25 3.14 20.25
C SER A 77 -18.39 4.42 19.43
N VAL A 78 -18.69 4.33 18.12
CA VAL A 78 -18.95 5.56 17.37
C VAL A 78 -20.03 6.38 18.10
N LYS A 79 -21.05 5.71 18.62
CA LYS A 79 -22.10 6.40 19.37
C LYS A 79 -22.63 5.39 20.40
N VAL A 80 -22.08 5.45 21.61
CA VAL A 80 -22.40 4.47 22.64
C VAL A 80 -23.85 4.67 23.08
N GLU A 81 -24.65 3.60 23.04
CA GLU A 81 -26.00 3.66 23.64
C GLU A 81 -26.14 2.50 24.64
N CYS A 82 -25.88 2.78 25.91
CA CYS A 82 -26.11 1.81 27.00
C CYS A 82 -27.49 2.14 27.59
N LYS A 83 -28.51 1.41 27.16
CA LYS A 83 -29.88 1.78 27.46
C LYS A 83 -30.37 1.07 28.72
N THR A 84 -29.67 0.01 29.13
CA THR A 84 -29.86 -0.63 30.41
C THR A 84 -28.49 -0.97 30.97
N LYS A 85 -28.47 -1.18 32.28
CA LYS A 85 -27.25 -1.34 33.01
C LYS A 85 -26.45 -2.50 32.43
N SER A 86 -27.14 -3.55 32.00
CA SER A 86 -26.49 -4.76 31.61
C SER A 86 -26.28 -4.87 30.08
N THR A 87 -26.65 -3.87 29.29
CA THR A 87 -26.64 -4.03 27.83
C THR A 87 -25.99 -2.84 27.15
N ILE A 88 -25.60 -3.07 25.88
CA ILE A 88 -25.25 -2.00 24.96
C ILE A 88 -26.03 -2.21 23.64
N THR A 89 -26.53 -1.10 23.10
CA THR A 89 -27.34 -1.12 21.91
C THR A 89 -26.56 -0.45 20.77
N CYS A 90 -26.38 -1.16 19.67
CA CYS A 90 -25.75 -0.56 18.50
C CYS A 90 -26.57 0.65 18.05
N TRP A 91 -25.85 1.72 17.72
CA TRP A 91 -26.43 2.96 17.30
C TRP A 91 -27.07 2.89 15.92
N TYR A 92 -26.80 1.84 15.14
CA TYR A 92 -27.16 1.82 13.72
C TYR A 92 -28.56 1.20 13.53
N HIS A 93 -28.71 -0.08 13.87
CA HIS A 93 -30.04 -0.74 13.79
C HIS A 93 -30.44 -1.35 15.13
N ALA A 94 -29.82 -0.89 16.24
CA ALA A 94 -30.26 -1.19 17.63
C ALA A 94 -30.15 -2.69 17.98
N TRP A 95 -29.24 -3.43 17.35
CA TRP A 95 -28.87 -4.69 17.90
C TRP A 95 -28.33 -4.52 19.31
N THR A 96 -28.85 -5.33 20.26
CA THR A 96 -28.55 -5.12 21.66
C THR A 96 -27.90 -6.37 22.23
N TYR A 97 -26.82 -6.15 22.99
CA TYR A 97 -25.97 -7.21 23.43
C TYR A 97 -25.79 -7.09 24.96
N ARG A 98 -25.73 -8.24 25.64
CA ARG A 98 -25.38 -8.29 27.05
C ARG A 98 -23.87 -8.18 27.27
N TRP A 99 -23.45 -7.32 28.18
CA TRP A 99 -22.06 -7.21 28.57
C TRP A 99 -21.51 -8.52 29.10
N GLU A 100 -22.36 -9.30 29.79
CA GLU A 100 -21.91 -10.43 30.59
C GLU A 100 -21.50 -11.59 29.69
N ASP A 101 -22.22 -11.81 28.59
CA ASP A 101 -21.94 -12.98 27.75
C ASP A 101 -21.96 -12.66 26.25
N GLY A 102 -22.20 -11.41 25.87
CA GLY A 102 -22.21 -10.99 24.47
C GLY A 102 -23.45 -11.41 23.69
N VAL A 103 -24.40 -12.10 24.32
CA VAL A 103 -25.56 -12.56 23.60
C VAL A 103 -26.38 -11.38 23.09
N LEU A 104 -26.81 -11.52 21.82
CA LEU A 104 -27.75 -10.66 21.18
C LEU A 104 -29.16 -10.95 21.75
N CYS A 105 -29.60 -10.08 22.66
CA CYS A 105 -30.73 -10.38 23.53
C CYS A 105 -31.99 -9.62 23.06
N ASP A 106 -31.79 -8.59 22.25
CA ASP A 106 -32.90 -7.74 21.72
C ASP A 106 -32.44 -7.06 20.42
N ILE A 107 -33.39 -6.75 19.52
CA ILE A 107 -33.14 -5.84 18.44
C ILE A 107 -34.29 -4.81 18.42
N LEU A 108 -34.01 -3.56 18.78
CA LEU A 108 -35.11 -2.61 18.94
C LEU A 108 -35.86 -2.39 17.62
N THR A 109 -35.16 -2.49 16.47
CA THR A 109 -35.78 -2.19 15.17
C THR A 109 -36.61 -3.35 14.61
N ASN A 110 -36.48 -4.52 15.23
CA ASN A 110 -37.28 -5.70 14.83
C ASN A 110 -37.34 -6.71 15.98
N PRO A 111 -38.23 -6.49 16.96
CA PRO A 111 -38.34 -7.40 18.10
C PRO A 111 -38.78 -8.85 17.78
N THR A 112 -39.21 -9.12 16.57
CA THR A 112 -39.56 -10.50 16.19
C THR A 112 -38.42 -11.16 15.41
N SER A 113 -37.28 -10.49 15.24
CA SER A 113 -36.20 -11.10 14.44
C SER A 113 -35.84 -12.50 14.98
N ALA A 114 -35.64 -13.45 14.04
CA ALA A 114 -35.11 -14.77 14.35
C ALA A 114 -33.64 -14.73 14.80
N GLN A 115 -32.93 -13.59 14.66
CA GLN A 115 -31.52 -13.54 15.10
C GLN A 115 -31.44 -13.46 16.63
N ILE A 116 -32.50 -12.98 17.28
CA ILE A 116 -32.46 -12.73 18.72
C ILE A 116 -32.23 -14.04 19.45
N GLY A 117 -31.22 -14.04 20.34
CA GLY A 117 -30.83 -15.17 21.12
C GLY A 117 -30.04 -16.17 20.29
N ARG A 118 -29.69 -15.84 19.05
CA ARG A 118 -29.02 -16.84 18.17
C ARG A 118 -27.64 -16.35 17.67
N GLN A 119 -27.15 -15.24 18.21
CA GLN A 119 -25.87 -14.71 17.83
C GLN A 119 -25.24 -14.21 19.12
N LYS A 120 -23.91 -14.15 19.10
N LYS A 120 -23.91 -14.14 19.10
CA LYS A 120 -23.07 -13.83 20.24
CA LYS A 120 -23.10 -13.80 20.25
C LYS A 120 -21.92 -12.93 19.76
C LYS A 120 -21.92 -12.93 19.77
N LEU A 121 -21.83 -11.72 20.31
CA LEU A 121 -20.70 -10.84 20.13
C LEU A 121 -19.51 -11.40 20.94
N LYS A 122 -18.31 -11.40 20.38
CA LYS A 122 -17.11 -11.93 21.07
C LYS A 122 -16.91 -11.21 22.40
N THR A 123 -16.71 -11.99 23.48
CA THR A 123 -16.29 -11.42 24.75
C THR A 123 -14.89 -11.93 25.09
N TYR A 124 -14.18 -11.15 25.90
CA TYR A 124 -12.90 -11.57 26.43
C TYR A 124 -12.91 -11.41 27.94
N PRO A 125 -12.29 -12.34 28.67
CA PRO A 125 -12.15 -12.18 30.12
C PRO A 125 -11.28 -10.96 30.47
N VAL A 126 -11.64 -10.31 31.58
CA VAL A 126 -10.97 -9.20 32.12
C VAL A 126 -10.78 -9.48 33.60
N GLN A 127 -9.59 -9.14 34.11
CA GLN A 127 -9.25 -9.27 35.53
C GLN A 127 -8.47 -8.02 35.95
N GLU A 128 -8.81 -7.44 37.10
CA GLU A 128 -7.98 -6.40 37.72
C GLU A 128 -7.07 -7.06 38.74
N ALA A 129 -5.79 -6.70 38.71
CA ALA A 129 -4.82 -7.08 39.70
C ALA A 129 -3.81 -5.94 39.86
N LYS A 130 -3.56 -5.57 41.12
CA LYS A 130 -2.55 -4.61 41.46
C LYS A 130 -2.85 -3.29 40.79
N GLY A 131 -4.11 -2.94 40.67
CA GLY A 131 -4.48 -1.68 40.08
C GLY A 131 -4.41 -1.68 38.55
N CYS A 132 -4.16 -2.83 37.92
CA CYS A 132 -3.95 -2.89 36.47
C CYS A 132 -5.06 -3.73 35.86
N VAL A 133 -5.50 -3.38 34.65
CA VAL A 133 -6.57 -4.13 33.97
C VAL A 133 -5.96 -5.11 32.97
N PHE A 134 -6.19 -6.41 33.13
CA PHE A 134 -5.71 -7.40 32.20
C PHE A 134 -6.90 -7.98 31.40
N ILE A 135 -6.66 -8.20 30.11
CA ILE A 135 -7.57 -8.84 29.20
C ILE A 135 -6.94 -10.12 28.68
N TYR A 136 -7.73 -11.19 28.70
CA TYR A 136 -7.29 -12.40 28.10
C TYR A 136 -7.67 -12.38 26.62
N LEU A 137 -6.69 -12.09 25.73
CA LEU A 137 -7.02 -11.94 24.30
C LEU A 137 -6.88 -13.34 23.69
N GLY A 138 -7.94 -14.11 23.88
CA GLY A 138 -7.92 -15.52 23.65
C GLY A 138 -9.29 -16.17 23.75
N ASP A 139 -9.31 -17.44 23.37
CA ASP A 139 -10.51 -18.24 23.19
C ASP A 139 -10.57 -19.25 24.32
N GLY A 140 -11.78 -19.55 24.80
CA GLY A 140 -11.95 -20.59 25.83
C GLY A 140 -11.55 -20.08 27.21
N ASP A 141 -11.53 -21.00 28.17
CA ASP A 141 -11.37 -20.69 29.58
C ASP A 141 -9.95 -20.23 29.83
N PRO A 142 -9.77 -19.09 30.51
CA PRO A 142 -8.44 -18.52 30.63
C PRO A 142 -7.60 -19.32 31.62
N PRO A 143 -6.27 -19.34 31.50
CA PRO A 143 -5.43 -19.89 32.55
C PRO A 143 -5.38 -18.88 33.68
N PRO A 144 -4.74 -19.21 34.81
CA PRO A 144 -4.55 -18.23 35.87
C PRO A 144 -3.70 -17.07 35.34
N LEU A 145 -3.95 -15.85 35.82
CA LEU A 145 -3.20 -14.66 35.41
C LEU A 145 -1.71 -14.85 35.72
N ALA A 146 -1.40 -15.60 36.78
CA ALA A 146 -0.02 -15.77 37.25
C ALA A 146 0.88 -16.36 36.15
N ARG A 147 0.30 -17.19 35.28
CA ARG A 147 1.01 -17.79 34.17
C ARG A 147 1.72 -16.74 33.31
N ASP A 148 1.09 -15.58 33.12
CA ASP A 148 1.51 -14.55 32.19
C ASP A 148 2.02 -13.29 32.90
N THR A 149 2.45 -13.43 34.15
CA THR A 149 3.04 -12.33 34.89
C THR A 149 4.40 -12.78 35.42
N PRO A 150 5.40 -11.91 35.57
CA PRO A 150 6.68 -12.33 36.11
C PRO A 150 6.53 -12.68 37.59
N PRO A 151 7.49 -13.47 38.12
CA PRO A 151 7.52 -13.80 39.55
C PRO A 151 7.44 -12.52 40.40
N ASN A 152 6.64 -12.57 41.48
CA ASN A 152 6.55 -11.56 42.55
C ASN A 152 5.60 -10.41 42.22
N PHE A 153 5.16 -10.27 40.96
CA PHE A 153 4.33 -9.16 40.59
C PHE A 153 3.02 -9.26 41.38
N LEU A 154 2.50 -10.47 41.52
CA LEU A 154 1.26 -10.68 42.22
C LEU A 154 1.43 -10.92 43.74
N ASP A 155 2.61 -10.78 44.32
CA ASP A 155 2.74 -11.00 45.79
C ASP A 155 1.82 -10.05 46.59
N ASP A 156 1.19 -10.59 47.63
CA ASP A 156 0.23 -9.85 48.48
C ASP A 156 0.77 -8.45 48.84
N ASP A 157 2.02 -8.37 49.29
CA ASP A 157 2.59 -7.11 49.84
C ASP A 157 3.06 -6.13 48.78
N MET A 158 3.15 -6.57 47.51
CA MET A 158 3.86 -5.80 46.49
C MET A 158 2.97 -4.63 46.04
N GLU A 159 3.43 -3.40 46.24
CA GLU A 159 2.65 -2.20 45.84
C GLU A 159 3.11 -1.82 44.42
N ILE A 160 2.16 -1.73 43.48
CA ILE A 160 2.48 -1.46 42.05
C ILE A 160 1.96 -0.08 41.69
N LEU A 161 2.81 0.77 41.13
CA LEU A 161 2.44 2.02 40.50
C LEU A 161 3.07 2.06 39.10
N GLY A 162 2.50 2.85 38.20
CA GLY A 162 3.04 2.83 36.86
C GLY A 162 2.48 3.90 35.97
N LYS A 163 2.77 3.69 34.69
CA LYS A 163 2.48 4.59 33.63
C LYS A 163 2.27 3.74 32.36
N ASN A 164 1.40 4.19 31.48
CA ASN A 164 1.13 3.52 30.20
C ASN A 164 1.13 4.59 29.10
N GLN A 165 1.64 4.23 27.92
CA GLN A 165 1.57 5.06 26.75
C GLN A 165 1.66 4.19 25.50
N ILE A 166 1.31 4.80 24.38
CA ILE A 166 1.41 4.14 23.08
C ILE A 166 2.73 4.54 22.41
N ILE A 167 3.50 3.53 21.96
CA ILE A 167 4.78 3.71 21.30
C ILE A 167 4.70 3.20 19.86
N LYS A 168 5.29 3.96 18.91
CA LYS A 168 5.30 3.61 17.44
C LYS A 168 6.47 2.67 17.09
N SER A 169 6.45 1.44 17.62
CA SER A 169 7.23 0.33 17.07
C SER A 169 6.44 -0.95 17.30
N ASN A 170 6.77 -1.94 16.49
CA ASN A 170 6.33 -3.30 16.73
C ASN A 170 6.76 -3.75 18.14
N TRP A 171 5.89 -4.49 18.83
CA TRP A 171 6.14 -4.98 20.18
C TRP A 171 7.48 -5.74 20.34
N ARG A 172 7.92 -6.45 19.32
CA ARG A 172 9.10 -7.31 19.47
C ARG A 172 10.38 -6.48 19.58
N LEU A 173 10.43 -5.36 18.87
CA LEU A 173 11.56 -4.47 18.91
C LEU A 173 11.68 -3.90 20.34
N ALA A 174 10.55 -3.62 20.99
CA ALA A 174 10.55 -3.22 22.39
C ALA A 174 11.12 -4.31 23.32
N VAL A 175 10.63 -5.53 23.18
CA VAL A 175 11.05 -6.68 23.99
C VAL A 175 12.55 -6.86 23.86
N GLU A 176 13.03 -6.90 22.61
CA GLU A 176 14.44 -7.20 22.38
C GLU A 176 15.34 -6.08 22.93
N ASN A 177 14.95 -4.83 22.73
CA ASN A 177 15.68 -3.72 23.30
C ASN A 177 15.76 -3.83 24.83
N GLY A 178 14.64 -4.14 25.48
CA GLY A 178 14.57 -4.23 26.93
C GLY A 178 15.47 -5.32 27.51
N PHE A 179 15.55 -6.47 26.82
CA PHE A 179 16.25 -7.64 27.30
C PHE A 179 17.71 -7.68 26.80
N ASP A 180 18.10 -6.73 25.97
CA ASP A 180 19.41 -6.72 25.34
C ASP A 180 20.50 -6.27 26.32
N PRO A 181 21.43 -7.16 26.74
CA PRO A 181 22.43 -6.80 27.74
C PRO A 181 23.32 -5.60 27.33
N SER A 182 23.65 -5.49 26.03
CA SER A 182 24.57 -4.49 25.57
C SER A 182 23.87 -3.15 25.32
N HIS A 183 22.53 -3.08 25.36
CA HIS A 183 21.86 -1.84 25.09
C HIS A 183 22.06 -0.78 26.20
N ILE A 184 22.52 -1.21 27.38
CA ILE A 184 22.89 -0.36 28.52
C ILE A 184 23.75 0.83 28.10
N TYR A 185 24.54 0.72 27.03
CA TYR A 185 25.31 1.82 26.49
C TYR A 185 24.44 3.06 26.27
N ILE A 186 23.17 2.87 25.84
CA ILE A 186 22.34 4.03 25.51
C ILE A 186 21.95 4.82 26.76
N HIS A 187 22.12 4.22 27.94
CA HIS A 187 21.71 4.83 29.19
C HIS A 187 22.85 5.57 29.89
N LYS A 188 24.04 5.61 29.28
CA LYS A 188 25.24 6.02 29.95
C LYS A 188 25.10 7.47 30.47
N ASP A 189 24.31 8.32 29.83
CA ASP A 189 24.17 9.74 30.23
C ASP A 189 22.84 9.99 30.94
N SER A 190 22.08 8.95 31.33
CA SER A 190 20.77 9.14 31.95
C SER A 190 20.91 9.93 33.26
N ILE A 191 19.94 10.80 33.56
CA ILE A 191 19.92 11.59 34.83
C ILE A 191 19.82 10.64 36.03
N LEU A 192 19.10 9.51 35.88
CA LEU A 192 19.00 8.55 36.97
C LEU A 192 20.39 8.09 37.41
N VAL A 193 21.30 7.87 36.47
CA VAL A 193 22.55 7.27 36.81
C VAL A 193 23.35 8.20 37.76
N LYS A 194 23.48 9.45 37.36
CA LYS A 194 24.13 10.47 38.20
C LYS A 194 23.32 10.69 39.47
N ASP A 195 22.02 11.01 39.35
CA ASP A 195 21.24 11.54 40.48
C ASP A 195 20.81 10.44 41.45
N ASN A 196 20.94 9.14 41.09
CA ASN A 196 20.67 8.04 42.02
C ASN A 196 21.96 7.23 42.22
N ASP A 197 23.10 7.77 41.80
CA ASP A 197 24.45 7.23 42.06
C ASP A 197 24.53 5.72 41.75
N LEU A 198 24.04 5.34 40.55
CA LEU A 198 24.15 4.00 40.05
C LEU A 198 25.56 3.70 39.54
N ALA A 199 25.93 2.43 39.76
CA ALA A 199 27.00 1.79 39.04
C ALA A 199 26.38 1.31 37.72
N LEU A 200 26.99 1.67 36.60
CA LEU A 200 26.43 1.28 35.30
C LEU A 200 27.58 1.12 34.33
N PRO A 201 27.90 -0.14 34.00
CA PRO A 201 28.93 -0.39 33.01
C PRO A 201 28.45 0.05 31.62
N LEU A 202 29.38 0.07 30.67
CA LEU A 202 29.08 0.33 29.26
C LEU A 202 28.55 -0.95 28.58
N GLY A 203 28.82 -2.12 29.15
CA GLY A 203 28.58 -3.46 28.56
C GLY A 203 29.30 -4.53 29.35
N PHE A 204 29.47 -5.72 28.72
CA PHE A 204 30.05 -6.90 29.30
C PHE A 204 30.85 -7.67 28.29
N ALA A 205 32.04 -8.09 28.70
CA ALA A 205 32.80 -9.03 28.00
C ALA A 205 32.37 -10.41 28.51
N PRO A 206 31.69 -11.25 27.69
CA PRO A 206 31.19 -12.54 28.15
C PRO A 206 32.33 -13.46 28.58
N GLY A 207 32.04 -14.28 29.59
CA GLY A 207 32.88 -15.39 30.05
C GLY A 207 32.06 -16.66 30.16
N GLY A 208 32.73 -17.82 30.23
CA GLY A 208 32.03 -19.14 30.28
C GLY A 208 31.46 -19.53 28.92
N ASP A 209 30.60 -20.55 28.88
CA ASP A 209 30.11 -21.04 27.57
C ASP A 209 28.77 -20.37 27.25
N ARG A 210 28.32 -20.49 26.00
CA ARG A 210 27.00 -20.00 25.49
C ARG A 210 25.83 -20.39 26.42
N LYS A 211 25.83 -21.64 26.91
CA LYS A 211 24.75 -22.17 27.68
C LYS A 211 24.66 -21.45 29.03
N GLN A 212 25.79 -20.97 29.57
CA GLN A 212 25.81 -20.31 30.90
C GLN A 212 25.37 -18.84 30.79
N GLN A 213 25.16 -18.33 29.57
CA GLN A 213 24.83 -16.88 29.33
C GLN A 213 23.35 -16.59 29.64
N THR A 214 22.53 -17.64 29.67
CA THR A 214 21.09 -17.52 29.95
C THR A 214 20.62 -18.70 30.80
N ARG A 215 19.46 -18.48 31.45
CA ARG A 215 18.71 -19.56 32.10
C ARG A 215 17.24 -19.46 31.66
N VAL A 216 16.82 -20.45 30.86
CA VAL A 216 15.47 -20.63 30.41
C VAL A 216 14.68 -21.32 31.51
N VAL A 217 13.50 -20.77 31.80
CA VAL A 217 12.53 -21.35 32.68
C VAL A 217 11.32 -21.83 31.87
N ASP A 218 11.09 -23.14 31.90
CA ASP A 218 9.88 -23.77 31.36
C ASP A 218 9.05 -24.35 32.54
N ASP A 219 8.42 -23.50 33.34
CA ASP A 219 7.87 -23.88 34.65
C ASP A 219 6.50 -24.52 34.39
N ASP A 220 6.12 -25.48 35.23
CA ASP A 220 4.81 -26.15 35.11
C ASP A 220 4.08 -26.16 36.46
N VAL A 221 4.47 -25.31 37.43
CA VAL A 221 3.67 -25.08 38.67
C VAL A 221 2.65 -23.96 38.40
N VAL A 222 3.09 -22.77 37.97
CA VAL A 222 2.14 -21.78 37.48
C VAL A 222 2.18 -21.74 35.93
N GLY A 223 3.17 -22.38 35.32
CA GLY A 223 3.24 -22.47 33.86
C GLY A 223 3.93 -21.31 33.17
N ARG A 224 4.64 -20.48 33.93
CA ARG A 224 5.36 -19.37 33.35
C ARG A 224 6.50 -19.83 32.47
N LYS A 225 6.82 -19.00 31.49
CA LYS A 225 7.84 -19.32 30.49
C LYS A 225 8.69 -18.05 30.30
N GLY A 226 10.00 -18.16 30.48
CA GLY A 226 10.84 -16.98 30.43
C GLY A 226 12.31 -17.35 30.42
N VAL A 227 13.14 -16.29 30.35
CA VAL A 227 14.58 -16.39 30.22
C VAL A 227 15.19 -15.33 31.13
N TYR A 228 16.18 -15.74 31.91
CA TYR A 228 17.05 -14.83 32.72
C TYR A 228 18.34 -14.54 31.94
N ASP A 229 18.77 -13.28 31.98
CA ASP A 229 20.05 -12.84 31.39
C ASP A 229 21.16 -13.03 32.45
N LEU A 230 22.11 -13.92 32.22
CA LEU A 230 23.17 -14.24 33.16
C LEU A 230 24.54 -13.75 32.65
N ILE A 231 24.57 -12.73 31.80
CA ILE A 231 25.82 -12.35 31.15
C ILE A 231 26.85 -11.92 32.24
N GLY A 232 26.36 -11.34 33.32
CA GLY A 232 27.19 -10.79 34.42
C GLY A 232 27.66 -11.83 35.45
N GLU A 233 27.27 -13.08 35.29
CA GLU A 233 27.64 -14.13 36.22
C GLU A 233 29.11 -14.53 36.07
N HIS A 234 29.60 -14.68 34.83
CA HIS A 234 30.99 -14.99 34.49
C HIS A 234 31.59 -13.90 33.60
N GLY A 235 30.80 -12.88 33.25
CA GLY A 235 31.23 -11.80 32.40
C GLY A 235 31.98 -10.70 33.16
N VAL A 236 32.78 -9.96 32.42
CA VAL A 236 33.50 -8.86 32.97
C VAL A 236 32.81 -7.55 32.60
N PRO A 237 32.42 -6.73 33.58
CA PRO A 237 31.83 -5.44 33.28
C PRO A 237 32.90 -4.55 32.64
N VAL A 238 32.45 -3.81 31.63
CA VAL A 238 33.27 -2.92 30.87
C VAL A 238 32.98 -1.51 31.38
N PHE A 239 33.96 -0.92 32.05
CA PHE A 239 33.79 0.43 32.55
C PHE A 239 34.59 1.47 31.76
N GLU A 240 35.54 1.05 30.94
CA GLU A 240 36.15 2.02 30.04
C GLU A 240 36.00 1.54 28.59
N GLY A 241 35.59 2.46 27.72
CA GLY A 241 35.49 2.18 26.32
C GLY A 241 36.71 2.72 25.62
N THR A 242 37.39 1.87 24.87
CA THR A 242 38.56 2.22 24.14
C THR A 242 38.30 2.11 22.64
N ILE A 243 38.95 3.01 21.90
CA ILE A 243 39.11 2.89 20.46
C ILE A 243 40.60 2.99 20.16
N GLY A 244 41.11 1.98 19.46
CA GLY A 244 42.54 1.88 19.12
C GLY A 244 43.43 1.95 20.35
N GLY A 245 42.93 1.44 21.49
CA GLY A 245 43.67 1.43 22.76
C GLY A 245 43.58 2.72 23.59
N GLU A 246 42.94 3.78 23.08
CA GLU A 246 42.76 5.06 23.79
C GLU A 246 41.37 5.08 24.45
N VAL A 247 41.25 5.61 25.69
CA VAL A 247 40.03 5.61 26.39
C VAL A 247 39.20 6.80 25.90
N VAL A 248 37.97 6.55 25.45
CA VAL A 248 37.14 7.57 24.93
C VAL A 248 35.88 7.74 25.76
N ARG A 249 35.58 6.79 26.63
CA ARG A 249 34.37 6.86 27.41
C ARG A 249 34.54 5.96 28.63
N GLU A 250 33.97 6.41 29.75
CA GLU A 250 33.92 5.66 31.02
C GLU A 250 32.46 5.38 31.37
N GLY A 251 32.23 4.21 31.98
CA GLY A 251 30.99 3.88 32.69
C GLY A 251 30.82 4.74 33.93
N ALA A 252 29.77 4.46 34.70
CA ALA A 252 29.39 5.19 35.88
C ALA A 252 29.79 4.36 37.10
N TYR A 253 30.67 4.93 37.94
CA TYR A 253 31.18 4.25 39.15
C TYR A 253 30.43 4.67 40.41
N GLY A 254 29.10 4.63 40.40
CA GLY A 254 28.34 4.91 41.59
C GLY A 254 28.34 3.73 42.55
N GLU A 255 27.72 3.92 43.72
CA GLU A 255 27.72 2.93 44.78
C GLU A 255 26.56 1.94 44.64
N LYS A 256 25.42 2.35 44.06
CA LYS A 256 24.21 1.54 44.09
C LYS A 256 24.26 0.54 42.95
N ILE A 257 24.09 -0.72 43.32
CA ILE A 257 24.10 -1.85 42.41
C ILE A 257 22.64 -2.25 42.14
N VAL A 258 22.23 -2.12 40.87
CA VAL A 258 20.85 -2.41 40.47
C VAL A 258 20.89 -3.45 39.34
N ALA A 259 19.72 -4.03 39.04
CA ALA A 259 19.60 -4.87 37.88
C ALA A 259 20.50 -6.11 38.05
N ASN A 260 20.48 -6.67 39.27
CA ASN A 260 21.04 -7.97 39.62
C ASN A 260 20.45 -9.06 38.69
N ASP A 261 19.12 -9.13 38.61
CA ASP A 261 18.50 -10.08 37.70
C ASP A 261 17.47 -9.43 36.79
N ILE A 262 17.57 -9.84 35.52
CA ILE A 262 16.81 -9.35 34.42
C ILE A 262 16.23 -10.60 33.74
N SER A 263 14.92 -10.63 33.60
CA SER A 263 14.27 -11.74 32.98
C SER A 263 13.13 -11.24 32.07
N ILE A 264 12.88 -11.97 30.99
CA ILE A 264 11.78 -11.69 30.05
C ILE A 264 10.88 -12.93 30.07
N TRP A 265 9.57 -12.69 30.08
CA TRP A 265 8.55 -13.71 30.21
C TRP A 265 7.51 -13.56 29.07
N LEU A 266 6.97 -14.68 28.60
CA LEU A 266 5.81 -14.64 27.71
C LEU A 266 4.66 -14.06 28.52
N PRO A 267 3.83 -13.21 27.90
CA PRO A 267 3.80 -12.97 26.47
C PRO A 267 4.69 -11.82 26.01
N GLY A 268 5.39 -11.16 26.96
CA GLY A 268 6.37 -10.16 26.61
C GLY A 268 6.44 -9.11 27.70
N VAL A 269 6.95 -9.51 28.86
CA VAL A 269 7.03 -8.66 30.02
C VAL A 269 8.43 -8.86 30.66
N LEU A 270 9.13 -7.74 30.88
CA LEU A 270 10.46 -7.69 31.44
C LEU A 270 10.37 -7.42 32.94
N LYS A 271 11.23 -8.10 33.71
CA LYS A 271 11.40 -7.86 35.14
C LYS A 271 12.87 -7.48 35.38
N VAL A 272 13.12 -6.33 36.00
CA VAL A 272 14.47 -5.92 36.37
C VAL A 272 14.46 -5.74 37.89
N ASN A 273 15.28 -6.54 38.56
CA ASN A 273 15.30 -6.57 40.01
C ASN A 273 16.76 -6.46 40.50
N PRO A 274 17.12 -5.53 41.40
CA PRO A 274 16.29 -4.39 41.77
C PRO A 274 16.48 -3.23 40.79
N PHE A 275 15.45 -2.39 40.69
CA PHE A 275 15.49 -1.23 39.84
C PHE A 275 14.26 -0.37 40.11
N PRO A 276 14.42 0.96 40.09
CA PRO A 276 15.63 1.70 39.84
C PRO A 276 16.45 2.05 41.09
N ASN A 277 16.10 1.42 42.21
CA ASN A 277 16.74 1.58 43.49
C ASN A 277 16.80 0.19 44.11
N PRO A 278 17.79 -0.11 44.99
CA PRO A 278 17.88 -1.43 45.62
C PRO A 278 16.63 -2.01 46.29
N ASP A 279 15.66 -1.19 46.66
CA ASP A 279 14.52 -1.70 47.43
C ASP A 279 13.25 -1.92 46.56
N MET A 280 13.42 -1.86 45.23
CA MET A 280 12.30 -1.77 44.27
C MET A 280 12.58 -2.71 43.07
N MET A 281 11.55 -2.97 42.27
CA MET A 281 11.65 -3.79 41.04
C MET A 281 10.88 -3.06 39.96
N GLN A 282 11.28 -3.25 38.69
CA GLN A 282 10.51 -2.74 37.55
C GLN A 282 9.97 -3.95 36.77
N PHE A 283 8.69 -3.88 36.42
CA PHE A 283 8.03 -4.80 35.51
C PHE A 283 7.46 -3.96 34.37
N GLU A 284 7.81 -4.29 33.13
CA GLU A 284 7.28 -3.55 31.99
C GLU A 284 6.85 -4.51 30.86
N TRP A 285 5.63 -4.29 30.40
CA TRP A 285 5.01 -5.00 29.30
C TRP A 285 5.15 -4.19 27.99
N TYR A 286 5.23 -4.92 26.88
CA TYR A 286 5.20 -4.35 25.58
C TYR A 286 4.05 -5.01 24.82
N VAL A 287 2.91 -4.33 24.80
CA VAL A 287 1.67 -4.97 24.51
C VAL A 287 1.33 -4.66 23.06
N PRO A 288 1.16 -5.67 22.19
CA PRO A 288 0.88 -5.38 20.79
C PRO A 288 -0.53 -4.74 20.61
N ILE A 289 -0.58 -3.56 20.02
CA ILE A 289 -1.80 -2.90 19.59
C ILE A 289 -2.11 -3.26 18.14
N ASP A 290 -1.12 -3.11 17.26
CA ASP A 290 -1.21 -3.46 15.86
C ASP A 290 0.22 -3.77 15.41
N GLU A 291 0.45 -3.95 14.10
CA GLU A 291 1.76 -4.35 13.60
C GLU A 291 2.83 -3.26 13.88
N ASN A 292 2.43 -2.01 14.06
CA ASN A 292 3.36 -0.87 14.11
C ASN A 292 3.44 -0.22 15.48
N THR A 293 2.62 -0.66 16.46
CA THR A 293 2.35 0.05 17.68
CA THR A 293 2.50 0.07 17.74
C THR A 293 2.26 -0.88 18.90
N HIS A 294 2.69 -0.42 20.09
CA HIS A 294 2.51 -1.18 21.30
C HIS A 294 2.18 -0.23 22.47
N TYR A 295 1.59 -0.80 23.51
CA TYR A 295 1.54 -0.17 24.82
C TYR A 295 2.85 -0.44 25.52
N TYR A 296 3.50 0.63 25.95
CA TYR A 296 4.62 0.51 26.88
C TYR A 296 4.06 0.69 28.31
N PHE A 297 3.72 -0.46 28.94
CA PHE A 297 3.08 -0.49 30.19
C PHE A 297 4.11 -0.74 31.29
N GLN A 298 4.49 0.34 31.97
CA GLN A 298 5.60 0.40 32.92
C GLN A 298 5.05 0.34 34.35
N THR A 299 5.62 -0.54 35.20
CA THR A 299 5.23 -0.60 36.58
C THR A 299 6.47 -0.70 37.48
N LEU A 300 6.40 -0.01 38.63
CA LEU A 300 7.40 -0.12 39.72
C LEU A 300 6.71 -0.73 40.93
N GLY A 301 7.37 -1.73 41.52
CA GLY A 301 6.85 -2.50 42.61
C GLY A 301 7.76 -2.34 43.81
N LYS A 302 7.14 -2.18 44.97
CA LYS A 302 7.89 -2.11 46.24
C LYS A 302 7.06 -2.78 47.33
N PRO A 303 7.59 -3.78 48.08
CA PRO A 303 6.82 -4.41 49.14
C PRO A 303 6.47 -3.32 50.18
N CYS A 304 5.18 -3.23 50.56
CA CYS A 304 4.70 -2.27 51.56
C CYS A 304 3.79 -3.03 52.54
N ALA A 305 4.01 -2.85 53.85
CA ALA A 305 3.31 -3.62 54.92
C ALA A 305 1.99 -2.94 55.33
N ASN A 306 1.91 -1.61 55.26
CA ASN A 306 0.74 -0.93 55.80
C ASN A 306 0.38 0.26 54.91
N ASP A 307 -0.56 1.08 55.38
CA ASP A 307 -1.10 2.17 54.61
C ASP A 307 -0.09 3.33 54.51
N GLU A 308 0.76 3.51 55.52
CA GLU A 308 1.59 4.71 55.49
C GLU A 308 2.87 4.45 54.68
N GLU A 309 3.26 3.19 54.57
CA GLU A 309 4.29 2.73 53.62
C GLU A 309 3.83 2.94 52.17
N ARG A 310 2.62 2.49 51.85
CA ARG A 310 2.03 2.68 50.53
C ARG A 310 1.94 4.17 50.21
N LYS A 311 1.44 4.95 51.17
CA LYS A 311 1.25 6.37 50.95
C LYS A 311 2.61 7.01 50.67
N LYS A 312 3.61 6.65 51.47
CA LYS A 312 4.94 7.18 51.28
C LYS A 312 5.52 6.77 49.90
N TYR A 313 5.26 5.51 49.52
CA TYR A 313 5.79 4.99 48.24
C TYR A 313 5.19 5.80 47.09
N GLU A 314 3.86 6.02 47.15
CA GLU A 314 3.12 6.85 46.20
C GLU A 314 3.75 8.24 46.06
N GLN A 315 4.18 8.84 47.17
CA GLN A 315 4.74 10.18 47.12
C GLN A 315 6.12 10.16 46.48
N GLU A 316 6.94 9.15 46.79
CA GLU A 316 8.30 9.00 46.20
C GLU A 316 8.20 8.70 44.70
N PHE A 317 7.27 7.82 44.32
CA PHE A 317 6.99 7.55 42.89
C PHE A 317 6.69 8.84 42.10
N GLU A 318 5.80 9.67 42.62
CA GLU A 318 5.35 10.83 41.85
C GLU A 318 6.45 11.89 41.83
N SER A 319 7.16 12.08 42.95
CA SER A 319 8.14 13.16 43.05
C SER A 319 9.49 12.76 42.44
N LYS A 320 9.81 11.45 42.43
CA LYS A 320 11.16 10.96 42.07
C LYS A 320 11.13 9.87 40.96
N TRP A 321 10.53 8.71 41.23
CA TRP A 321 10.81 7.52 40.41
C TRP A 321 10.14 7.65 39.03
N LYS A 322 8.91 8.18 38.97
CA LYS A 322 8.28 8.38 37.68
C LYS A 322 9.09 9.32 36.82
N PRO A 323 9.40 10.58 37.21
CA PRO A 323 10.25 11.46 36.39
C PRO A 323 11.73 11.08 36.20
N MET A 324 12.38 10.52 37.21
CA MET A 324 13.83 10.26 37.07
C MET A 324 14.08 8.92 36.34
N ALA A 325 13.27 7.90 36.67
CA ALA A 325 13.49 6.54 36.16
C ALA A 325 12.54 6.25 34.97
N LEU A 326 11.24 6.20 35.21
CA LEU A 326 10.31 5.79 34.11
C LEU A 326 10.44 6.71 32.90
N GLU A 327 10.70 8.00 33.14
CA GLU A 327 10.95 8.94 32.04
C GLU A 327 12.45 9.18 31.85
N GLY A 328 13.16 9.56 32.89
CA GLY A 328 14.56 9.96 32.73
C GLY A 328 15.46 8.84 32.26
N PHE A 329 15.13 7.59 32.63
CA PHE A 329 15.91 6.48 32.14
C PHE A 329 15.30 5.88 30.85
N ASN A 330 14.01 5.52 30.87
CA ASN A 330 13.40 4.70 29.77
C ASN A 330 13.07 5.55 28.54
N ASN A 331 13.11 6.89 28.63
CA ASN A 331 12.85 7.65 27.45
C ASN A 331 13.84 7.30 26.33
N ASP A 332 15.09 6.98 26.66
CA ASP A 332 16.05 6.62 25.63
C ASP A 332 15.71 5.27 24.97
N ASP A 333 15.01 4.40 25.69
CA ASP A 333 14.57 3.10 25.16
C ASP A 333 13.53 3.31 24.05
N ILE A 334 12.68 4.34 24.24
CA ILE A 334 11.62 4.66 23.27
C ILE A 334 12.23 4.99 21.90
N TRP A 335 13.21 5.89 21.84
CA TRP A 335 13.69 6.29 20.53
C TRP A 335 14.64 5.22 19.95
N ALA A 336 15.27 4.40 20.79
CA ALA A 336 16.05 3.27 20.29
C ALA A 336 15.15 2.26 19.56
N ARG A 337 14.00 1.94 20.17
CA ARG A 337 13.04 1.03 19.56
C ARG A 337 12.61 1.59 18.22
N GLU A 338 12.32 2.89 18.19
CA GLU A 338 11.84 3.54 16.95
C GLU A 338 12.89 3.49 15.84
N ALA A 339 14.18 3.49 16.21
CA ALA A 339 15.30 3.48 15.25
C ALA A 339 15.44 2.14 14.56
N MET A 340 14.92 1.05 15.13
CA MET A 340 14.96 -0.28 14.49
C MET A 340 13.79 -0.53 13.52
N VAL A 341 12.76 0.31 13.52
CA VAL A 341 11.58 0.06 12.69
C VAL A 341 11.93 -0.18 11.21
N ASP A 342 12.66 0.71 10.57
CA ASP A 342 12.88 0.64 9.12
C ASP A 342 13.51 -0.71 8.75
N PHE A 343 14.50 -1.16 9.52
CA PHE A 343 15.28 -2.33 9.14
C PHE A 343 14.38 -3.57 9.20
N TYR A 344 13.43 -3.60 10.13
CA TYR A 344 12.58 -4.80 10.34
C TYR A 344 11.22 -4.64 9.63
N ALA A 345 10.93 -3.48 9.07
CA ALA A 345 9.58 -3.16 8.52
C ALA A 345 9.26 -4.04 7.32
N ASP A 346 10.24 -4.36 6.48
CA ASP A 346 9.98 -5.22 5.30
C ASP A 346 10.22 -6.68 5.67
N ASP A 347 10.38 -6.96 6.97
CA ASP A 347 10.76 -8.25 7.53
C ASP A 347 12.17 -8.73 7.11
N LYS A 348 12.96 -7.92 6.41
CA LYS A 348 14.26 -8.42 5.95
C LYS A 348 15.33 -8.33 7.05
N GLY A 349 15.12 -7.44 8.04
CA GLY A 349 16.08 -7.33 9.19
C GLY A 349 16.25 -8.64 9.92
N TRP A 350 15.19 -9.49 9.94
CA TRP A 350 15.21 -10.78 10.61
C TRP A 350 16.20 -11.74 9.94
N VAL A 351 16.59 -11.46 8.70
CA VAL A 351 17.60 -12.24 7.97
C VAL A 351 18.96 -11.53 7.93
N ASN A 352 18.97 -10.20 7.83
CA ASN A 352 20.16 -9.43 7.51
C ASN A 352 20.90 -8.87 8.74
N GLU A 353 20.28 -8.90 9.93
CA GLU A 353 20.94 -8.51 11.20
C GLU A 353 22.26 -9.28 11.37
N ILE A 354 23.29 -8.61 11.91
CA ILE A 354 24.53 -9.30 12.27
C ILE A 354 24.66 -9.28 13.80
N LEU A 355 24.42 -10.42 14.42
CA LEU A 355 24.37 -10.57 15.87
C LEU A 355 25.81 -10.70 16.42
N PHE A 356 26.00 -10.26 17.67
CA PHE A 356 27.25 -10.58 18.38
C PHE A 356 26.89 -11.28 19.69
N GLU A 357 27.90 -11.46 20.54
CA GLU A 357 27.85 -12.42 21.68
C GLU A 357 26.73 -12.12 22.67
N SER A 358 26.53 -10.87 23.07
CA SER A 358 25.49 -10.57 24.03
C SER A 358 24.07 -10.83 23.50
N ASP A 359 23.92 -11.00 22.20
CA ASP A 359 22.61 -11.34 21.60
C ASP A 359 22.18 -12.80 21.90
N GLU A 360 23.00 -13.59 22.60
CA GLU A 360 22.57 -14.95 23.04
C GLU A 360 21.29 -14.85 23.87
N ALA A 361 21.14 -13.77 24.65
CA ALA A 361 19.91 -13.55 25.43
C ALA A 361 18.68 -13.41 24.51
N ILE A 362 18.83 -12.58 23.48
CA ILE A 362 17.80 -12.32 22.50
C ILE A 362 17.42 -13.64 21.79
N VAL A 363 18.41 -14.41 21.36
CA VAL A 363 18.23 -15.69 20.70
C VAL A 363 17.48 -16.68 21.61
N ALA A 364 17.82 -16.73 22.90
CA ALA A 364 17.13 -17.57 23.86
C ALA A 364 15.66 -17.16 24.02
N TRP A 365 15.40 -15.86 23.96
CA TRP A 365 14.04 -15.38 24.02
C TRP A 365 13.24 -15.73 22.74
N ARG A 366 13.85 -15.55 21.58
CA ARG A 366 13.16 -15.85 20.32
C ARG A 366 12.76 -17.33 20.26
N LYS A 367 13.67 -18.20 20.72
CA LYS A 367 13.42 -19.64 20.73
CA LYS A 367 13.46 -19.65 20.73
C LYS A 367 12.37 -20.00 21.77
N LEU A 368 12.48 -19.45 22.98
CA LEU A 368 11.51 -19.68 24.03
C LEU A 368 10.14 -19.24 23.51
N ALA A 369 10.07 -18.03 22.98
CA ALA A 369 8.81 -17.47 22.52
C ALA A 369 8.23 -18.34 21.39
N SER A 370 9.09 -18.84 20.48
CA SER A 370 8.65 -19.65 19.39
C SER A 370 8.11 -20.98 19.90
N GLU A 371 8.70 -21.57 20.94
CA GLU A 371 8.31 -22.89 21.40
C GLU A 371 7.06 -22.88 22.30
N HIS A 372 6.82 -21.80 23.05
CA HIS A 372 5.91 -21.87 24.17
C HIS A 372 4.77 -20.85 24.11
N ASN A 373 4.70 -20.06 23.05
CA ASN A 373 3.55 -19.19 22.89
C ASN A 373 2.25 -20.04 22.74
N GLN A 374 1.10 -19.42 22.97
CA GLN A 374 -0.17 -20.15 23.00
C GLN A 374 -1.00 -19.89 21.72
N GLY A 375 -0.39 -19.28 20.70
CA GLY A 375 -1.01 -19.06 19.42
C GLY A 375 -0.53 -17.78 18.74
N ILE A 376 -0.49 -17.79 17.42
CA ILE A 376 -0.09 -16.63 16.62
C ILE A 376 -1.36 -15.86 16.21
N GLN A 377 -1.46 -14.57 16.58
CA GLN A 377 -2.54 -13.72 16.08
C GLN A 377 -2.34 -13.45 14.58
N THR A 378 -3.40 -13.67 13.79
CA THR A 378 -3.37 -13.45 12.34
C THR A 378 -4.36 -12.37 11.95
N GLN A 379 -4.19 -11.83 10.73
CA GLN A 379 -5.07 -10.78 10.28
C GLN A 379 -6.49 -11.38 10.17
N ALA A 380 -6.61 -12.68 9.94
CA ALA A 380 -7.94 -13.33 9.87
C ALA A 380 -8.65 -13.35 11.25
N HIS A 381 -7.91 -13.40 12.38
CA HIS A 381 -8.55 -13.29 13.69
C HIS A 381 -9.20 -11.91 13.80
N VAL A 382 -8.60 -10.93 13.13
CA VAL A 382 -9.08 -9.59 13.20
C VAL A 382 -10.32 -9.42 12.32
N SER A 383 -10.27 -9.89 11.08
CA SER A 383 -11.43 -9.63 10.16
C SER A 383 -12.54 -10.69 10.36
N GLY A 384 -12.13 -11.94 10.61
CA GLY A 384 -13.02 -13.09 10.89
C GLY A 384 -12.32 -14.33 10.35
N LEU A 385 -12.22 -15.39 11.17
CA LEU A 385 -11.44 -16.61 10.80
C LEU A 385 -12.04 -17.19 9.52
N GLU A 386 -11.15 -17.70 8.67
CA GLU A 386 -11.46 -18.16 7.32
C GLU A 386 -11.14 -19.66 7.25
N HIS A 387 -12.09 -20.44 6.70
CA HIS A 387 -11.91 -21.89 6.45
C HIS A 387 -12.86 -22.38 5.33
N HIS A 388 -12.27 -23.10 4.36
CA HIS A 388 -13.01 -23.68 3.20
C HIS A 388 -13.06 -25.22 3.34
N HIS A 389 -14.24 -25.82 3.25
CA HIS A 389 -14.36 -27.31 3.37
C HIS A 389 -13.48 -28.03 2.33
N ALA B 2 13.57 -6.93 -12.36
CA ALA B 2 13.57 -6.78 -10.86
C ALA B 2 12.40 -5.87 -10.42
N ASN B 3 12.33 -4.65 -10.98
CA ASN B 3 11.62 -3.48 -10.37
C ASN B 3 10.19 -3.32 -10.92
N VAL B 4 9.89 -3.91 -12.07
CA VAL B 4 8.64 -3.65 -12.80
C VAL B 4 8.05 -5.00 -13.26
N ASP B 5 6.72 -5.08 -13.28
CA ASP B 5 5.97 -6.24 -13.80
C ASP B 5 6.57 -6.69 -15.13
N GLU B 6 6.75 -8.00 -15.29
CA GLU B 6 7.48 -8.53 -16.42
C GLU B 6 6.63 -8.38 -17.69
N ALA B 7 5.31 -8.35 -17.57
CA ALA B 7 4.42 -8.15 -18.72
C ALA B 7 4.67 -6.79 -19.37
N ILE B 8 5.04 -5.78 -18.56
CA ILE B 8 5.36 -4.47 -19.10
C ILE B 8 6.74 -4.49 -19.74
N LEU B 9 7.71 -5.12 -19.07
CA LEU B 9 9.04 -5.13 -19.63
C LEU B 9 9.04 -5.87 -20.98
N LYS B 10 8.21 -6.92 -21.13
CA LYS B 10 8.16 -7.69 -22.40
C LYS B 10 7.63 -6.83 -23.57
N ARG B 11 6.76 -5.87 -23.24
CA ARG B 11 6.14 -4.95 -24.23
C ARG B 11 7.15 -3.89 -24.71
N VAL B 12 8.07 -3.45 -23.83
CA VAL B 12 8.93 -2.33 -24.19
C VAL B 12 10.30 -2.83 -24.63
N LYS B 13 10.30 -3.51 -25.79
CA LYS B 13 11.42 -4.21 -26.32
C LYS B 13 12.59 -3.28 -26.62
N GLY B 14 12.34 -2.01 -26.94
CA GLY B 14 13.42 -1.07 -27.29
C GLY B 14 14.22 -0.59 -26.09
N TRP B 15 13.64 -0.59 -24.87
CA TRP B 15 14.32 0.08 -23.76
C TRP B 15 13.88 -0.48 -22.42
N ALA B 16 13.78 -1.82 -22.32
CA ALA B 16 13.31 -2.48 -21.11
C ALA B 16 14.22 -2.18 -19.92
N PRO B 17 15.55 -2.18 -20.06
CA PRO B 17 16.42 -1.89 -18.89
C PRO B 17 16.16 -0.50 -18.29
N TYR B 18 15.88 0.48 -19.16
CA TYR B 18 15.55 1.83 -18.74
C TYR B 18 14.24 1.88 -17.95
N VAL B 19 13.24 1.17 -18.41
CA VAL B 19 11.96 1.13 -17.77
C VAL B 19 12.09 0.41 -16.41
N ASP B 20 12.92 -0.64 -16.37
CA ASP B 20 13.24 -1.36 -15.12
C ASP B 20 14.03 -0.50 -14.11
N ALA B 21 14.68 0.59 -14.58
CA ALA B 21 15.63 1.32 -13.73
C ALA B 21 14.96 2.44 -12.92
N LYS B 22 13.87 2.11 -12.21
CA LYS B 22 13.09 2.99 -11.40
C LYS B 22 13.95 3.65 -10.30
N LEU B 23 14.92 2.89 -9.74
CA LEU B 23 15.77 3.39 -8.59
C LEU B 23 17.07 3.99 -9.10
N GLY B 24 17.28 3.94 -10.42
CA GLY B 24 18.46 4.50 -11.03
C GLY B 24 19.49 3.47 -11.43
N PHE B 25 20.63 3.96 -11.90
CA PHE B 25 21.69 3.16 -12.38
C PHE B 25 22.81 3.13 -11.35
N ARG B 26 23.20 1.91 -10.95
CA ARG B 26 24.32 1.70 -10.07
C ARG B 26 25.60 1.74 -10.92
N ASN B 27 26.71 2.04 -10.24
CA ASN B 27 28.07 2.05 -10.77
C ASN B 27 28.27 3.29 -11.66
N HIS B 28 27.70 4.42 -11.22
CA HIS B 28 28.02 5.73 -11.74
C HIS B 28 28.26 6.70 -10.58
N TRP B 29 28.93 7.81 -10.92
CA TRP B 29 29.09 8.95 -10.04
C TRP B 29 27.85 9.87 -10.10
N TYR B 30 27.47 10.44 -8.96
CA TYR B 30 26.37 11.35 -8.86
C TYR B 30 26.72 12.49 -7.93
N PRO B 31 26.38 13.76 -8.28
CA PRO B 31 26.54 14.90 -7.41
C PRO B 31 25.38 14.93 -6.40
N VAL B 32 25.68 15.25 -5.15
CA VAL B 32 24.69 15.20 -4.11
C VAL B 32 24.62 16.48 -3.27
N MET B 33 25.73 17.22 -3.21
CA MET B 33 25.76 18.50 -2.50
C MET B 33 26.95 19.32 -2.98
N PHE B 34 27.04 20.56 -2.49
CA PHE B 34 28.18 21.43 -2.79
C PHE B 34 29.24 21.26 -1.70
N SER B 35 30.51 21.45 -2.05
CA SER B 35 31.62 21.25 -1.10
C SER B 35 31.43 22.11 0.15
N LYS B 36 30.86 23.31 -0.05
CA LYS B 36 30.76 24.31 1.03
C LYS B 36 29.64 23.94 1.99
N GLU B 37 28.84 22.91 1.67
CA GLU B 37 27.79 22.48 2.60
C GLU B 37 28.32 21.40 3.58
N ILE B 38 29.56 20.93 3.44
CA ILE B 38 30.08 19.87 4.33
C ILE B 38 31.38 20.39 4.96
N ASN B 39 31.34 20.56 6.27
CA ASN B 39 32.41 21.16 7.07
C ASN B 39 33.21 20.06 7.78
N GLU B 40 34.49 20.34 8.03
CA GLU B 40 35.40 19.45 8.77
C GLU B 40 34.70 18.89 9.99
N GLY B 41 34.65 17.54 10.11
CA GLY B 41 34.20 16.81 11.25
C GLY B 41 32.72 17.00 11.57
N GLU B 42 31.89 17.39 10.61
CA GLU B 42 30.46 17.48 10.85
C GLU B 42 29.74 16.58 9.86
N PRO B 43 29.53 15.29 10.19
CA PRO B 43 28.93 14.37 9.22
C PRO B 43 27.56 14.83 8.70
N LYS B 44 27.28 14.60 7.42
CA LYS B 44 25.99 14.95 6.82
C LYS B 44 25.28 13.71 6.28
N THR B 45 23.95 13.64 6.42
CA THR B 45 23.16 12.49 5.92
C THR B 45 22.53 12.84 4.58
N LEU B 46 22.35 11.84 3.72
CA LEU B 46 21.59 11.99 2.51
C LEU B 46 21.14 10.61 2.08
N LYS B 47 20.18 10.58 1.15
CA LYS B 47 19.77 9.35 0.53
C LYS B 47 20.05 9.42 -0.98
N LEU B 48 20.77 8.41 -1.49
CA LEU B 48 21.16 8.29 -2.88
C LEU B 48 20.83 6.88 -3.37
N LEU B 49 20.05 6.80 -4.47
CA LEU B 49 19.60 5.51 -5.05
C LEU B 49 18.93 4.60 -3.99
N GLY B 50 18.20 5.21 -3.06
CA GLY B 50 17.45 4.50 -2.03
C GLY B 50 18.26 4.20 -0.78
N GLU B 51 19.59 4.43 -0.85
CA GLU B 51 20.49 4.06 0.20
C GLU B 51 20.78 5.26 1.11
N ASN B 52 20.70 5.08 2.43
CA ASN B 52 21.01 6.16 3.40
C ASN B 52 22.52 6.17 3.60
N LEU B 53 23.12 7.34 3.40
CA LEU B 53 24.58 7.50 3.44
C LEU B 53 24.92 8.63 4.42
N LEU B 54 26.15 8.56 4.94
CA LEU B 54 26.76 9.57 5.77
C LEU B 54 28.04 10.06 5.08
N VAL B 55 28.22 11.39 4.96
CA VAL B 55 29.47 11.93 4.43
C VAL B 55 30.15 12.78 5.52
N ASN B 56 31.47 12.65 5.65
CA ASN B 56 32.28 13.39 6.65
C ASN B 56 33.52 13.96 5.96
N ARG B 57 33.99 15.11 6.46
CA ARG B 57 35.27 15.72 6.01
C ARG B 57 36.27 15.56 7.15
N ILE B 58 37.38 14.88 6.87
CA ILE B 58 38.44 14.61 7.78
C ILE B 58 39.77 15.04 7.13
N ASP B 59 40.45 16.01 7.75
CA ASP B 59 41.71 16.55 7.22
C ASP B 59 41.49 17.05 5.81
N GLY B 60 40.34 17.69 5.62
CA GLY B 60 39.88 18.27 4.39
C GLY B 60 39.38 17.26 3.33
N LYS B 61 39.54 15.95 3.55
CA LYS B 61 39.12 14.91 2.55
C LYS B 61 37.76 14.29 2.94
N LEU B 62 36.97 13.99 1.91
CA LEU B 62 35.62 13.46 2.05
C LEU B 62 35.66 11.93 2.09
N TYR B 63 34.82 11.39 2.98
CA TYR B 63 34.63 9.93 3.19
C TYR B 63 33.12 9.66 3.27
N CYS B 64 32.69 8.48 2.78
CA CYS B 64 31.27 8.14 2.72
C CYS B 64 31.08 6.70 3.24
N LEU B 65 30.24 6.57 4.26
CA LEU B 65 29.84 5.30 4.85
C LEU B 65 28.35 5.13 4.66
N LYS B 66 27.89 3.88 4.53
CA LYS B 66 26.48 3.64 4.56
C LYS B 66 25.98 3.97 5.97
N ASP B 67 24.87 4.72 6.07
CA ASP B 67 24.29 5.16 7.32
C ASP B 67 23.36 4.05 7.82
N ARG B 68 23.93 2.88 8.11
CA ARG B 68 23.13 1.76 8.62
C ARG B 68 24.06 0.79 9.33
N CYS B 69 23.92 0.71 10.64
CA CYS B 69 24.78 -0.17 11.44
C CYS B 69 24.56 -1.63 11.01
N LEU B 70 25.65 -2.41 10.95
CA LEU B 70 25.65 -3.80 10.62
C LEU B 70 24.82 -4.62 11.62
N HIS B 71 24.73 -4.16 12.87
CA HIS B 71 24.23 -4.98 13.95
C HIS B 71 22.71 -5.09 13.87
N ARG B 72 21.97 -4.04 14.20
CA ARG B 72 20.50 -4.10 14.23
C ARG B 72 19.93 -3.11 13.20
N GLY B 73 20.76 -2.56 12.31
CA GLY B 73 20.32 -1.82 11.16
C GLY B 73 19.76 -0.43 11.44
N VAL B 74 20.17 0.18 12.56
CA VAL B 74 19.80 1.56 12.85
C VAL B 74 20.64 2.51 12.02
N GLN B 75 20.12 3.70 11.80
CA GLN B 75 20.96 4.76 11.24
C GLN B 75 21.84 5.30 12.38
N LEU B 76 23.14 5.33 12.12
CA LEU B 76 24.14 5.92 13.01
C LEU B 76 23.78 7.38 13.27
N SER B 77 23.19 8.02 12.28
CA SER B 77 22.95 9.44 12.30
C SER B 77 21.83 9.83 13.26
N VAL B 78 21.09 8.87 13.83
CA VAL B 78 20.09 9.21 14.82
C VAL B 78 20.79 9.96 15.99
N LYS B 79 22.01 9.56 16.32
CA LYS B 79 22.78 10.19 17.36
C LYS B 79 24.26 9.94 17.05
N VAL B 80 24.85 10.91 16.37
CA VAL B 80 26.22 10.78 15.88
C VAL B 80 27.20 10.84 17.06
N GLU B 81 28.04 9.82 17.18
CA GLU B 81 29.11 9.74 18.16
C GLU B 81 30.41 9.47 17.37
N CYS B 82 31.12 10.52 16.99
CA CYS B 82 32.45 10.40 16.43
C CYS B 82 33.42 10.60 17.60
N LYS B 83 34.01 9.53 18.11
CA LYS B 83 34.74 9.65 19.38
C LYS B 83 36.24 9.79 19.13
N THR B 84 36.70 9.42 17.94
CA THR B 84 38.02 9.76 17.52
C THR B 84 37.92 10.34 16.13
N LYS B 85 38.99 11.02 15.74
CA LYS B 85 39.04 11.71 14.43
C LYS B 85 38.65 10.75 13.31
N SER B 86 39.18 9.52 13.34
CA SER B 86 39.09 8.62 12.18
C SER B 86 37.90 7.62 12.26
N THR B 87 36.99 7.75 13.23
CA THR B 87 35.97 6.68 13.51
C THR B 87 34.59 7.29 13.74
N ILE B 88 33.57 6.41 13.66
CA ILE B 88 32.27 6.71 14.13
C ILE B 88 31.77 5.49 14.93
N THR B 89 31.14 5.78 16.06
CA THR B 89 30.63 4.82 16.99
C THR B 89 29.10 4.82 16.97
N CYS B 90 28.49 3.65 16.67
CA CYS B 90 27.03 3.49 16.76
C CYS B 90 26.57 3.83 18.17
N TRP B 91 25.51 4.62 18.26
CA TRP B 91 24.92 5.07 19.48
C TRP B 91 24.25 3.97 20.30
N TYR B 92 24.00 2.81 19.70
CA TYR B 92 23.17 1.77 20.30
C TYR B 92 24.01 0.80 21.16
N HIS B 93 24.85 -0.02 20.53
CA HIS B 93 25.73 -0.95 21.23
C HIS B 93 27.20 -0.62 20.93
N ALA B 94 27.44 0.55 20.37
CA ALA B 94 28.82 1.07 20.23
C ALA B 94 29.72 0.30 19.28
N TRP B 95 29.17 -0.34 18.23
CA TRP B 95 29.98 -0.81 17.15
C TRP B 95 30.66 0.41 16.50
N THR B 96 31.98 0.33 16.32
CA THR B 96 32.85 1.44 15.88
C THR B 96 33.53 1.11 14.55
N TYR B 97 33.38 2.03 13.58
CA TYR B 97 33.81 1.84 12.22
C TYR B 97 34.80 2.94 11.82
N ARG B 98 35.79 2.59 11.03
CA ARG B 98 36.73 3.55 10.42
C ARG B 98 36.08 4.20 9.20
N TRP B 99 36.15 5.53 9.11
CA TRP B 99 35.67 6.26 7.94
C TRP B 99 36.38 5.80 6.66
N GLU B 100 37.65 5.46 6.79
CA GLU B 100 38.54 5.24 5.65
C GLU B 100 38.21 3.94 4.92
N ASP B 101 37.91 2.85 5.63
CA ASP B 101 37.64 1.55 4.94
C ASP B 101 36.36 0.84 5.43
N GLY B 102 35.62 1.44 6.37
CA GLY B 102 34.41 0.85 6.97
C GLY B 102 34.64 -0.33 7.93
N VAL B 103 35.90 -0.66 8.27
CA VAL B 103 36.18 -1.85 9.06
C VAL B 103 35.69 -1.62 10.49
N LEU B 104 35.05 -2.64 11.05
CA LEU B 104 34.58 -2.68 12.40
C LEU B 104 35.82 -2.86 13.28
N CYS B 105 36.29 -1.77 13.91
CA CYS B 105 37.63 -1.80 14.50
C CYS B 105 37.57 -1.92 16.03
N ASP B 106 36.41 -1.65 16.64
CA ASP B 106 36.22 -1.70 18.07
C ASP B 106 34.73 -1.90 18.35
N ILE B 107 34.44 -2.42 19.52
CA ILE B 107 33.08 -2.44 20.01
C ILE B 107 33.16 -2.10 21.49
N LEU B 108 32.66 -0.95 21.89
CA LEU B 108 32.86 -0.47 23.26
C LEU B 108 32.08 -1.32 24.28
N THR B 109 30.96 -1.93 23.88
CA THR B 109 30.18 -2.76 24.77
C THR B 109 30.78 -4.15 24.94
N ASN B 110 31.74 -4.52 24.10
CA ASN B 110 32.33 -5.84 24.20
C ASN B 110 33.61 -5.90 23.39
N PRO B 111 34.74 -5.48 24.00
CA PRO B 111 35.98 -5.38 23.25
C PRO B 111 36.64 -6.72 22.94
N THR B 112 36.07 -7.80 23.44
CA THR B 112 36.53 -9.14 23.11
C THR B 112 35.71 -9.78 21.99
N SER B 113 34.75 -9.07 21.42
CA SER B 113 33.89 -9.71 20.42
C SER B 113 34.67 -10.24 19.21
N ALA B 114 34.28 -11.43 18.75
CA ALA B 114 34.83 -12.05 17.53
C ALA B 114 34.46 -11.27 16.25
N GLN B 115 33.50 -10.32 16.33
CA GLN B 115 33.11 -9.54 15.14
C GLN B 115 34.19 -8.51 14.81
N ILE B 116 35.00 -8.14 15.79
CA ILE B 116 35.95 -7.00 15.62
C ILE B 116 36.98 -7.39 14.56
N GLY B 117 37.24 -6.52 13.59
CA GLY B 117 38.17 -6.81 12.51
C GLY B 117 37.58 -7.77 11.46
N ARG B 118 36.39 -8.37 11.67
CA ARG B 118 35.87 -9.38 10.74
C ARG B 118 34.73 -8.83 9.86
N GLN B 119 34.11 -7.71 10.22
CA GLN B 119 33.01 -7.17 9.45
C GLN B 119 33.45 -5.83 8.92
N LYS B 120 32.76 -5.36 7.89
CA LYS B 120 33.01 -4.10 7.23
C LYS B 120 31.68 -3.47 6.79
N LEU B 121 31.49 -2.21 7.15
CA LEU B 121 30.39 -1.39 6.70
C LEU B 121 30.71 -0.87 5.30
N LYS B 122 29.68 -0.78 4.45
CA LYS B 122 29.82 -0.40 3.09
C LYS B 122 30.36 1.03 3.00
N THR B 123 31.41 1.23 2.18
CA THR B 123 31.91 2.60 1.88
C THR B 123 31.75 2.88 0.38
N TYR B 124 31.62 4.16 0.03
CA TYR B 124 31.55 4.55 -1.36
C TYR B 124 32.60 5.62 -1.63
N PRO B 125 33.26 5.61 -2.80
CA PRO B 125 34.17 6.70 -3.18
C PRO B 125 33.44 8.05 -3.30
N VAL B 126 34.12 9.10 -2.83
CA VAL B 126 33.66 10.50 -2.87
C VAL B 126 34.79 11.33 -3.47
N GLN B 127 34.42 12.23 -4.37
CA GLN B 127 35.36 13.13 -5.08
C GLN B 127 34.68 14.49 -5.20
N GLU B 128 35.43 15.53 -4.88
CA GLU B 128 35.03 16.91 -5.04
C GLU B 128 35.64 17.44 -6.33
N ALA B 129 34.83 18.11 -7.16
CA ALA B 129 35.27 18.74 -8.38
C ALA B 129 34.35 19.92 -8.64
N LYS B 130 34.92 21.10 -8.94
CA LYS B 130 34.17 22.30 -9.30
C LYS B 130 33.18 22.70 -8.20
N GLY B 131 33.61 22.49 -6.96
CA GLY B 131 32.85 22.82 -5.80
C GLY B 131 31.65 21.90 -5.56
N CYS B 132 31.64 20.74 -6.21
CA CYS B 132 30.51 19.81 -6.15
C CYS B 132 31.01 18.46 -5.60
N VAL B 133 30.19 17.82 -4.77
CA VAL B 133 30.54 16.51 -4.14
C VAL B 133 29.85 15.39 -4.93
N PHE B 134 30.66 14.52 -5.49
CA PHE B 134 30.22 13.42 -6.26
C PHE B 134 30.43 12.14 -5.44
N ILE B 135 29.43 11.28 -5.41
CA ILE B 135 29.58 9.92 -4.80
C ILE B 135 29.44 8.86 -5.90
N TYR B 136 30.37 7.91 -5.92
CA TYR B 136 30.29 6.81 -6.79
C TYR B 136 29.43 5.73 -6.12
N LEU B 137 28.17 5.63 -6.54
CA LEU B 137 27.23 4.69 -5.93
C LEU B 137 27.37 3.38 -6.70
N GLY B 138 28.41 2.63 -6.30
CA GLY B 138 28.82 1.43 -6.95
C GLY B 138 29.91 0.67 -6.23
N ASP B 139 30.26 -0.45 -6.84
CA ASP B 139 31.11 -1.47 -6.25
C ASP B 139 32.43 -1.49 -7.05
N GLY B 140 33.53 -1.73 -6.36
CA GLY B 140 34.84 -1.85 -7.01
C GLY B 140 35.45 -0.47 -7.23
N ASP B 141 36.68 -0.45 -7.77
CA ASP B 141 37.42 0.78 -7.97
C ASP B 141 36.69 1.61 -9.01
N PRO B 142 36.45 2.91 -8.76
CA PRO B 142 35.64 3.72 -9.65
C PRO B 142 36.31 4.10 -10.96
N PRO B 143 35.52 4.39 -12.01
CA PRO B 143 36.07 5.00 -13.21
C PRO B 143 36.41 6.45 -12.92
N PRO B 144 37.05 7.13 -13.86
CA PRO B 144 37.27 8.56 -13.73
C PRO B 144 35.91 9.28 -13.76
N LEU B 145 35.79 10.36 -12.98
CA LEU B 145 34.62 11.17 -12.88
C LEU B 145 34.20 11.67 -14.27
N ALA B 146 35.18 11.92 -15.15
CA ALA B 146 34.89 12.52 -16.44
C ALA B 146 33.93 11.64 -17.24
N ARG B 147 33.95 10.32 -17.01
CA ARG B 147 33.09 9.40 -17.76
C ARG B 147 31.61 9.77 -17.57
N ASP B 148 31.27 10.23 -16.36
CA ASP B 148 29.89 10.52 -15.94
C ASP B 148 29.65 12.03 -15.81
N THR B 149 30.43 12.84 -16.52
CA THR B 149 30.16 14.29 -16.58
C THR B 149 30.02 14.69 -18.04
N PRO B 150 29.27 15.76 -18.37
CA PRO B 150 29.19 16.25 -19.74
C PRO B 150 30.49 16.92 -20.19
N PRO B 151 30.75 17.04 -21.51
CA PRO B 151 31.91 17.76 -22.02
C PRO B 151 31.96 19.18 -21.44
N ASN B 152 33.16 19.57 -20.99
CA ASN B 152 33.58 20.92 -20.66
C ASN B 152 33.35 21.22 -19.17
N PHE B 153 32.57 20.38 -18.46
CA PHE B 153 32.19 20.66 -17.09
C PHE B 153 33.43 20.77 -16.21
N LEU B 154 34.39 19.87 -16.44
CA LEU B 154 35.64 19.81 -15.66
C LEU B 154 36.76 20.71 -16.26
N ASP B 155 36.46 21.57 -17.25
CA ASP B 155 37.47 22.45 -17.90
C ASP B 155 38.16 23.31 -16.84
N ASP B 156 39.48 23.43 -16.90
CA ASP B 156 40.26 24.22 -15.91
C ASP B 156 39.68 25.60 -15.65
N ASP B 157 39.28 26.32 -16.71
CA ASP B 157 38.91 27.74 -16.62
C ASP B 157 37.42 27.90 -16.27
N MET B 158 36.65 26.81 -16.40
CA MET B 158 35.20 26.85 -16.24
C MET B 158 34.83 27.01 -14.77
N GLU B 159 34.12 28.10 -14.47
CA GLU B 159 33.72 28.43 -13.14
C GLU B 159 32.25 28.00 -12.94
N ILE B 160 32.03 27.17 -11.93
CA ILE B 160 30.76 26.47 -11.71
C ILE B 160 30.09 27.01 -10.45
N LEU B 161 28.89 27.51 -10.60
CA LEU B 161 28.06 27.92 -9.50
C LEU B 161 26.72 27.21 -9.64
N GLY B 162 26.00 26.99 -8.56
CA GLY B 162 24.70 26.39 -8.77
C GLY B 162 23.85 26.32 -7.53
N LYS B 163 22.84 25.44 -7.63
CA LYS B 163 21.76 25.29 -6.71
C LYS B 163 21.32 23.81 -6.73
N ASN B 164 20.95 23.27 -5.55
CA ASN B 164 20.44 21.91 -5.43
C ASN B 164 19.16 21.92 -4.59
N GLN B 165 18.22 21.02 -4.90
CA GLN B 165 16.98 20.87 -4.12
C GLN B 165 16.35 19.50 -4.45
N ILE B 166 15.42 19.08 -3.59
CA ILE B 166 14.70 17.81 -3.75
C ILE B 166 13.36 18.02 -4.44
N ILE B 167 13.13 17.24 -5.52
CA ILE B 167 11.95 17.30 -6.33
C ILE B 167 11.23 15.94 -6.28
N LYS B 168 9.90 16.02 -6.23
CA LYS B 168 8.97 14.90 -6.07
C LYS B 168 8.56 14.37 -7.44
N SER B 169 9.53 13.82 -8.17
CA SER B 169 9.21 12.93 -9.25
C SER B 169 10.37 11.94 -9.41
N ASN B 170 10.10 10.85 -10.11
CA ASN B 170 11.11 9.93 -10.49
C ASN B 170 12.13 10.68 -11.35
N TRP B 171 13.39 10.28 -11.26
CA TRP B 171 14.47 10.91 -12.01
C TRP B 171 14.27 10.84 -13.54
N ARG B 172 13.70 9.77 -14.07
CA ARG B 172 13.61 9.65 -15.51
C ARG B 172 12.63 10.67 -16.10
N LEU B 173 11.61 11.08 -15.35
CA LEU B 173 10.66 12.09 -15.81
C LEU B 173 11.39 13.44 -15.91
N ALA B 174 12.33 13.69 -15.02
CA ALA B 174 13.12 14.94 -15.01
C ALA B 174 14.07 14.95 -16.23
N VAL B 175 14.71 13.83 -16.53
CA VAL B 175 15.61 13.68 -17.68
C VAL B 175 14.87 13.91 -18.99
N GLU B 176 13.76 13.20 -19.17
CA GLU B 176 13.05 13.29 -20.38
C GLU B 176 12.50 14.71 -20.59
N ASN B 177 11.94 15.31 -19.54
CA ASN B 177 11.49 16.67 -19.63
C ASN B 177 12.64 17.59 -20.08
N GLY B 178 13.79 17.43 -19.45
CA GLY B 178 15.03 18.18 -19.76
C GLY B 178 15.42 18.15 -21.24
N PHE B 179 15.36 16.93 -21.84
CA PHE B 179 15.96 16.64 -23.13
C PHE B 179 14.95 16.76 -24.28
N ASP B 180 13.69 16.98 -23.92
CA ASP B 180 12.55 17.00 -24.79
C ASP B 180 12.57 18.29 -25.60
N PRO B 181 12.82 18.28 -26.93
CA PRO B 181 12.96 19.53 -27.68
C PRO B 181 11.68 20.38 -27.73
N SER B 182 10.51 19.73 -27.77
CA SER B 182 9.20 20.42 -27.87
C SER B 182 8.70 21.03 -26.54
N HIS B 183 9.35 20.75 -25.41
CA HIS B 183 8.85 21.19 -24.14
C HIS B 183 9.17 22.66 -23.90
N ILE B 184 10.02 23.23 -24.75
CA ILE B 184 10.33 24.68 -24.83
C ILE B 184 9.05 25.54 -24.77
N TYR B 185 7.94 25.00 -25.24
CA TYR B 185 6.62 25.63 -25.12
C TYR B 185 6.33 26.10 -23.69
N ILE B 186 6.73 25.33 -22.66
CA ILE B 186 6.33 25.68 -21.27
C ILE B 186 7.12 26.92 -20.83
N HIS B 187 8.16 27.28 -21.58
CA HIS B 187 9.01 28.38 -21.17
C HIS B 187 8.67 29.73 -21.83
N LYS B 188 7.59 29.81 -22.59
CA LYS B 188 7.32 30.89 -23.52
C LYS B 188 7.02 32.21 -22.78
N ASP B 189 6.57 32.15 -21.51
CA ASP B 189 6.31 33.36 -20.72
C ASP B 189 7.32 33.49 -19.59
N SER B 190 8.46 32.80 -19.66
CA SER B 190 9.47 32.91 -18.62
C SER B 190 10.06 34.33 -18.61
N ILE B 191 10.34 34.86 -17.42
CA ILE B 191 10.85 36.22 -17.28
C ILE B 191 12.24 36.30 -17.94
N LEU B 192 12.90 35.15 -18.12
CA LEU B 192 14.22 35.18 -18.72
C LEU B 192 14.10 35.63 -20.17
N VAL B 193 12.99 35.27 -20.81
CA VAL B 193 12.76 35.48 -22.23
C VAL B 193 12.65 36.97 -22.53
N LYS B 194 11.79 37.67 -21.78
CA LYS B 194 11.65 39.14 -21.87
C LYS B 194 12.92 39.80 -21.35
N ASP B 195 13.32 39.49 -20.11
CA ASP B 195 14.29 40.30 -19.38
C ASP B 195 15.75 40.01 -19.75
N ASN B 196 16.02 39.02 -20.62
CA ASN B 196 17.39 38.77 -21.16
C ASN B 196 17.34 38.69 -22.69
N ASP B 197 16.19 39.07 -23.27
CA ASP B 197 16.07 39.38 -24.68
C ASP B 197 16.43 38.15 -25.52
N LEU B 198 15.84 36.99 -25.20
CA LEU B 198 16.18 35.71 -25.83
C LEU B 198 15.37 35.57 -27.11
N ALA B 199 15.98 34.95 -28.11
CA ALA B 199 15.25 34.29 -29.17
C ALA B 199 14.79 32.95 -28.61
N LEU B 200 13.49 32.64 -28.74
CA LEU B 200 13.01 31.36 -28.22
C LEU B 200 11.80 30.94 -28.99
N PRO B 201 11.94 29.90 -29.83
CA PRO B 201 10.81 29.38 -30.56
C PRO B 201 9.80 28.69 -29.62
N LEU B 202 8.65 28.35 -30.20
CA LEU B 202 7.62 27.60 -29.54
C LEU B 202 7.84 26.10 -29.72
N GLY B 203 8.61 25.72 -30.75
CA GLY B 203 8.83 24.32 -31.10
C GLY B 203 9.58 24.18 -32.42
N PHE B 204 9.55 22.99 -33.00
CA PHE B 204 10.28 22.72 -34.23
C PHE B 204 9.48 21.82 -35.15
N ALA B 205 9.46 22.18 -36.44
CA ALA B 205 9.04 21.31 -37.49
C ALA B 205 10.27 20.54 -37.94
N PRO B 206 10.35 19.21 -37.71
CA PRO B 206 11.60 18.50 -37.94
C PRO B 206 11.77 18.32 -39.45
N GLY B 207 13.02 18.09 -39.89
CA GLY B 207 13.32 17.69 -41.27
C GLY B 207 14.44 16.67 -41.31
N GLY B 208 14.56 15.97 -42.44
CA GLY B 208 15.55 14.91 -42.60
C GLY B 208 15.02 13.57 -42.11
N ASP B 209 15.88 12.55 -42.12
CA ASP B 209 15.49 11.22 -41.68
C ASP B 209 15.66 11.11 -40.14
N ARG B 210 15.26 9.95 -39.62
CA ARG B 210 15.31 9.68 -38.18
C ARG B 210 16.74 9.83 -37.63
N LYS B 211 17.70 9.17 -38.31
CA LYS B 211 19.10 9.17 -37.89
C LYS B 211 19.62 10.61 -37.74
N GLN B 212 19.17 11.53 -38.59
CA GLN B 212 19.65 12.90 -38.57
C GLN B 212 19.12 13.72 -37.37
N GLN B 213 18.15 13.19 -36.62
CA GLN B 213 17.53 14.00 -35.54
C GLN B 213 18.42 14.07 -34.30
N THR B 214 19.38 13.13 -34.15
CA THR B 214 20.26 13.05 -32.98
C THR B 214 21.69 12.66 -33.39
N ARG B 215 22.65 12.86 -32.49
CA ARG B 215 24.00 12.27 -32.60
CA ARG B 215 24.00 12.28 -32.59
C ARG B 215 24.26 11.49 -31.30
N VAL B 216 24.35 10.18 -31.44
CA VAL B 216 24.61 9.27 -30.37
C VAL B 216 26.14 9.19 -30.18
N VAL B 217 26.60 9.47 -28.97
CA VAL B 217 27.99 9.39 -28.62
C VAL B 217 28.20 8.11 -27.81
N ASP B 218 28.77 7.11 -28.47
CA ASP B 218 29.20 5.90 -27.81
C ASP B 218 30.66 5.62 -28.19
N ASP B 219 31.38 6.70 -28.55
CA ASP B 219 32.78 6.67 -29.02
C ASP B 219 33.52 7.93 -28.55
N ASP B 220 33.25 8.35 -27.32
CA ASP B 220 33.98 9.41 -26.67
C ASP B 220 35.20 8.75 -26.02
N VAL B 221 36.34 9.45 -26.10
CA VAL B 221 37.66 8.93 -25.69
C VAL B 221 37.70 8.67 -24.16
N VAL B 222 36.93 9.46 -23.38
CA VAL B 222 36.91 9.39 -21.89
C VAL B 222 35.76 8.47 -21.42
N GLY B 223 35.03 7.89 -22.37
CA GLY B 223 34.03 6.87 -22.12
C GLY B 223 32.63 7.43 -21.89
N ARG B 224 32.46 8.76 -22.00
CA ARG B 224 31.15 9.39 -21.87
C ARG B 224 30.19 8.79 -22.88
N LYS B 225 28.93 8.65 -22.46
CA LYS B 225 27.93 8.10 -23.31
C LYS B 225 26.73 9.02 -23.26
N GLY B 226 26.23 9.44 -24.42
CA GLY B 226 25.22 10.48 -24.47
C GLY B 226 24.65 10.62 -25.86
N VAL B 227 23.71 11.59 -25.96
CA VAL B 227 22.94 11.91 -27.17
C VAL B 227 22.83 13.42 -27.27
N TYR B 228 23.16 13.96 -28.47
CA TYR B 228 22.90 15.34 -28.90
C TYR B 228 21.57 15.41 -29.64
N ASP B 229 20.81 16.44 -29.30
CA ASP B 229 19.53 16.73 -29.94
C ASP B 229 19.82 17.68 -31.14
N LEU B 230 19.63 17.18 -32.35
CA LEU B 230 19.97 17.97 -33.55
C LEU B 230 18.70 18.41 -34.30
N ILE B 231 17.57 18.56 -33.59
CA ILE B 231 16.28 18.77 -34.28
C ILE B 231 16.32 20.06 -35.15
N GLY B 232 17.04 21.06 -34.66
CA GLY B 232 17.12 22.37 -35.28
C GLY B 232 18.11 22.46 -36.43
N GLU B 233 18.85 21.38 -36.72
CA GLU B 233 19.79 21.36 -37.84
C GLU B 233 19.04 21.33 -39.19
N HIS B 234 17.95 20.57 -39.29
CA HIS B 234 17.14 20.49 -40.53
C HIS B 234 15.70 20.99 -40.28
N GLY B 235 15.38 21.36 -39.04
CA GLY B 235 14.02 21.72 -38.68
C GLY B 235 13.74 23.20 -38.94
N VAL B 236 12.48 23.51 -39.23
CA VAL B 236 12.02 24.92 -39.24
C VAL B 236 11.53 25.22 -37.83
N PRO B 237 12.16 26.14 -37.07
CA PRO B 237 11.62 26.54 -35.77
C PRO B 237 10.29 27.29 -35.91
N VAL B 238 9.35 26.97 -35.03
CA VAL B 238 8.03 27.59 -34.97
C VAL B 238 8.11 28.89 -34.16
N PHE B 239 7.78 30.03 -34.76
CA PHE B 239 7.63 31.27 -34.02
C PHE B 239 6.17 31.79 -34.04
N GLU B 240 5.33 31.22 -34.89
CA GLU B 240 3.91 31.54 -34.97
C GLU B 240 3.13 30.24 -34.85
N GLY B 241 2.49 30.04 -33.68
CA GLY B 241 1.62 28.91 -33.47
C GLY B 241 0.20 29.20 -33.89
N THR B 242 -0.40 28.26 -34.61
CA THR B 242 -1.69 28.43 -35.24
C THR B 242 -2.67 27.32 -34.88
N ILE B 243 -3.94 27.74 -34.73
CA ILE B 243 -5.07 26.83 -34.64
C ILE B 243 -6.04 27.18 -35.77
N GLY B 244 -6.46 26.17 -36.52
CA GLY B 244 -7.34 26.37 -37.66
C GLY B 244 -6.79 27.44 -38.59
N GLY B 245 -5.46 27.59 -38.63
CA GLY B 245 -4.78 28.49 -39.56
C GLY B 245 -4.59 29.88 -39.00
N GLU B 246 -5.31 30.24 -37.92
CA GLU B 246 -5.18 31.54 -37.20
C GLU B 246 -3.98 31.50 -36.27
N VAL B 247 -3.22 32.60 -36.20
CA VAL B 247 -2.14 32.70 -35.27
C VAL B 247 -2.71 32.93 -33.87
N VAL B 248 -2.29 32.12 -32.89
CA VAL B 248 -2.79 32.27 -31.53
C VAL B 248 -1.65 32.56 -30.57
N ARG B 249 -0.41 32.32 -31.01
CA ARG B 249 0.71 32.51 -30.14
C ARG B 249 2.00 32.73 -30.95
N GLU B 250 2.84 33.63 -30.45
CA GLU B 250 4.12 33.84 -31.06
C GLU B 250 5.26 33.47 -30.09
N GLY B 251 6.34 32.93 -30.66
CA GLY B 251 7.60 32.78 -29.94
C GLY B 251 8.23 34.12 -29.65
N ALA B 252 9.44 34.10 -29.10
CA ALA B 252 10.14 35.28 -28.66
C ALA B 252 11.18 35.68 -29.72
N TYR B 253 11.15 36.96 -30.12
CA TYR B 253 12.03 37.43 -31.20
C TYR B 253 13.14 38.35 -30.67
N GLY B 254 13.70 38.04 -29.50
CA GLY B 254 14.85 38.76 -28.98
C GLY B 254 16.11 38.45 -29.79
N GLU B 255 17.24 39.08 -29.39
CA GLU B 255 18.51 39.07 -30.14
C GLU B 255 19.41 37.88 -29.77
N LYS B 256 19.39 37.47 -28.49
CA LYS B 256 20.40 36.55 -27.94
C LYS B 256 20.03 35.10 -28.30
N ILE B 257 20.97 34.41 -28.95
CA ILE B 257 20.78 33.06 -29.43
C ILE B 257 21.32 32.10 -28.37
N VAL B 258 20.48 31.15 -27.93
CA VAL B 258 20.82 30.23 -26.81
C VAL B 258 20.40 28.81 -27.19
N ALA B 259 21.02 27.80 -26.56
CA ALA B 259 20.57 26.40 -26.70
C ALA B 259 20.76 25.90 -28.14
N ASN B 260 21.92 26.25 -28.71
CA ASN B 260 22.41 25.72 -29.96
C ASN B 260 22.67 24.21 -29.84
N ASP B 261 23.40 23.78 -28.79
CA ASP B 261 23.64 22.33 -28.57
C ASP B 261 23.09 21.89 -27.19
N ILE B 262 22.27 20.86 -27.27
CA ILE B 262 21.65 20.21 -26.13
C ILE B 262 22.05 18.73 -26.19
N SER B 263 22.56 18.20 -25.07
CA SER B 263 23.02 16.84 -24.98
C SER B 263 22.64 16.25 -23.61
N ILE B 264 22.26 14.96 -23.61
CA ILE B 264 22.00 14.23 -22.37
C ILE B 264 23.06 13.13 -22.24
N TRP B 265 23.61 12.96 -21.03
CA TRP B 265 24.68 12.01 -20.76
C TRP B 265 24.28 11.06 -19.63
N LEU B 266 24.63 9.78 -19.76
CA LEU B 266 24.58 8.91 -18.57
C LEU B 266 25.46 9.52 -17.48
N PRO B 267 25.05 9.41 -16.20
CA PRO B 267 23.87 8.68 -15.75
C PRO B 267 22.53 9.42 -15.78
N GLY B 268 22.54 10.70 -16.19
CA GLY B 268 21.33 11.57 -16.28
C GLY B 268 21.71 13.02 -15.99
N VAL B 269 22.48 13.64 -16.90
CA VAL B 269 22.95 15.03 -16.74
C VAL B 269 22.85 15.69 -18.11
N LEU B 270 22.13 16.82 -18.15
CA LEU B 270 21.89 17.58 -19.36
C LEU B 270 22.94 18.69 -19.47
N LYS B 271 23.39 18.97 -20.70
CA LYS B 271 24.26 20.13 -21.02
C LYS B 271 23.54 21.00 -22.03
N VAL B 272 23.32 22.27 -21.70
CA VAL B 272 22.69 23.21 -22.62
C VAL B 272 23.69 24.35 -22.88
N ASN B 273 24.02 24.55 -24.17
CA ASN B 273 25.10 25.44 -24.60
C ASN B 273 24.67 26.24 -25.84
N PRO B 274 24.72 27.57 -25.82
CA PRO B 274 24.97 28.35 -24.61
C PRO B 274 23.66 28.66 -23.88
N PHE B 275 23.76 28.88 -22.56
CA PHE B 275 22.56 29.11 -21.76
C PHE B 275 22.96 29.47 -20.34
N PRO B 276 22.24 30.40 -19.69
CA PRO B 276 21.11 31.17 -20.18
C PRO B 276 21.48 32.47 -20.93
N ASN B 277 22.78 32.63 -21.20
CA ASN B 277 23.35 33.75 -21.93
C ASN B 277 24.31 33.20 -22.98
N PRO B 278 24.58 33.92 -24.11
CA PRO B 278 25.53 33.43 -25.11
C PRO B 278 26.96 33.07 -24.66
N ASP B 279 27.39 33.49 -23.47
CA ASP B 279 28.74 33.23 -22.99
C ASP B 279 28.77 32.27 -21.79
N MET B 280 27.70 31.49 -21.57
CA MET B 280 27.64 30.58 -20.43
C MET B 280 27.04 29.26 -20.87
N MET B 281 27.14 28.26 -19.99
CA MET B 281 26.57 26.89 -20.19
C MET B 281 25.81 26.45 -18.94
N GLN B 282 24.74 25.67 -19.15
CA GLN B 282 23.99 25.03 -18.06
C GLN B 282 24.26 23.52 -18.08
N PHE B 283 24.65 22.99 -16.92
CA PHE B 283 24.72 21.57 -16.69
C PHE B 283 23.81 21.22 -15.51
N GLU B 284 22.90 20.26 -15.71
CA GLU B 284 22.01 19.87 -14.61
C GLU B 284 21.80 18.35 -14.55
N TRP B 285 21.85 17.85 -13.32
CA TRP B 285 21.73 16.45 -13.00
C TRP B 285 20.38 16.18 -12.37
N TYR B 286 19.84 14.99 -12.63
CA TYR B 286 18.62 14.56 -12.01
C TYR B 286 18.95 13.25 -11.26
N VAL B 287 19.24 13.39 -9.98
CA VAL B 287 19.89 12.34 -9.22
C VAL B 287 18.86 11.52 -8.45
N PRO B 288 18.78 10.21 -8.66
CA PRO B 288 17.76 9.40 -8.00
C PRO B 288 18.02 9.33 -6.49
N ILE B 289 16.99 9.67 -5.73
CA ILE B 289 17.00 9.58 -4.26
C ILE B 289 16.24 8.32 -3.86
N ASP B 290 15.03 8.17 -4.37
CA ASP B 290 14.22 6.95 -4.25
C ASP B 290 13.28 6.94 -5.45
N GLU B 291 12.31 6.03 -5.47
CA GLU B 291 11.51 5.81 -6.65
C GLU B 291 10.72 7.07 -7.01
N ASN B 292 10.45 7.92 -6.03
CA ASN B 292 9.52 9.06 -6.17
C ASN B 292 10.20 10.42 -6.19
N THR B 293 11.51 10.49 -5.88
N THR B 293 11.54 10.46 -6.09
CA THR B 293 12.20 11.78 -5.66
CA THR B 293 12.23 11.66 -5.71
C THR B 293 13.57 11.77 -6.34
C THR B 293 13.58 11.74 -6.41
N HIS B 294 14.05 12.98 -6.68
CA HIS B 294 15.38 13.21 -7.21
C HIS B 294 15.96 14.54 -6.71
N TYR B 295 17.30 14.64 -6.70
CA TYR B 295 17.96 15.97 -6.60
C TYR B 295 17.95 16.60 -7.98
N TYR B 296 17.47 17.84 -8.03
CA TYR B 296 17.63 18.66 -9.20
C TYR B 296 18.84 19.56 -8.94
N PHE B 297 19.98 19.08 -9.44
CA PHE B 297 21.27 19.66 -9.15
C PHE B 297 21.71 20.49 -10.35
N GLN B 298 21.46 21.81 -10.27
CA GLN B 298 21.69 22.78 -11.34
C GLN B 298 23.06 23.47 -11.20
N THR B 299 23.79 23.54 -12.30
CA THR B 299 25.02 24.33 -12.33
C THR B 299 25.03 25.19 -13.59
N LEU B 300 25.68 26.36 -13.46
CA LEU B 300 25.97 27.27 -14.58
C LEU B 300 27.48 27.43 -14.68
N GLY B 301 28.00 27.27 -15.89
CA GLY B 301 29.39 27.46 -16.14
C GLY B 301 29.64 28.76 -16.94
N LYS B 302 30.63 29.53 -16.49
CA LYS B 302 31.20 30.63 -17.28
C LYS B 302 32.71 30.59 -17.19
N PRO B 303 33.45 30.52 -18.33
CA PRO B 303 34.91 30.71 -18.30
C PRO B 303 35.32 32.00 -17.56
N CYS B 304 36.33 31.90 -16.70
CA CYS B 304 36.85 32.98 -15.87
C CYS B 304 38.38 32.82 -15.72
N ALA B 305 39.10 33.95 -15.76
CA ALA B 305 40.59 33.97 -15.91
C ALA B 305 41.31 34.33 -14.60
N ASN B 306 40.58 34.84 -13.61
CA ASN B 306 41.15 35.44 -12.43
C ASN B 306 40.02 35.76 -11.45
N ASP B 307 40.37 36.12 -10.22
CA ASP B 307 39.39 36.30 -9.13
C ASP B 307 38.47 37.50 -9.43
N GLU B 308 38.95 38.40 -10.28
CA GLU B 308 38.18 39.56 -10.71
C GLU B 308 36.95 39.05 -11.47
N GLU B 309 37.19 38.20 -12.47
CA GLU B 309 36.12 37.66 -13.34
C GLU B 309 35.16 36.76 -12.55
N ARG B 310 35.73 35.90 -11.69
CA ARG B 310 34.98 34.95 -10.84
C ARG B 310 34.04 35.68 -9.89
N LYS B 311 34.57 36.70 -9.19
CA LYS B 311 33.76 37.47 -8.24
C LYS B 311 32.62 38.19 -8.97
N LYS B 312 32.92 38.79 -10.12
CA LYS B 312 31.89 39.45 -10.94
C LYS B 312 30.85 38.40 -11.41
N TYR B 313 31.32 37.22 -11.83
CA TYR B 313 30.41 36.13 -12.19
C TYR B 313 29.49 35.80 -11.00
N GLU B 314 30.06 35.64 -9.79
CA GLU B 314 29.26 35.28 -8.60
C GLU B 314 28.18 36.33 -8.30
N GLN B 315 28.54 37.62 -8.37
CA GLN B 315 27.57 38.70 -8.12
C GLN B 315 26.43 38.63 -9.13
N GLU B 316 26.77 38.46 -10.40
CA GLU B 316 25.76 38.33 -11.45
C GLU B 316 24.90 37.08 -11.23
N PHE B 317 25.54 35.97 -10.82
CA PHE B 317 24.84 34.69 -10.50
C PHE B 317 23.79 34.96 -9.44
N GLU B 318 24.23 35.54 -8.31
CA GLU B 318 23.34 35.89 -7.22
C GLU B 318 22.22 36.85 -7.66
N SER B 319 22.55 37.94 -8.38
CA SER B 319 21.55 38.99 -8.62
C SER B 319 20.68 38.68 -9.85
N LYS B 320 21.21 37.94 -10.83
CA LYS B 320 20.48 37.77 -12.09
C LYS B 320 20.26 36.26 -12.46
N TRP B 321 21.32 35.49 -12.64
CA TRP B 321 21.22 34.14 -13.28
C TRP B 321 20.42 33.16 -12.40
N LYS B 322 20.80 33.06 -11.12
CA LYS B 322 20.06 32.20 -10.19
C LYS B 322 18.58 32.59 -10.12
N PRO B 323 18.19 33.85 -9.78
CA PRO B 323 16.77 34.18 -9.73
C PRO B 323 16.03 34.16 -11.08
N MET B 324 16.69 34.65 -12.12
CA MET B 324 16.00 34.86 -13.40
C MET B 324 16.01 33.57 -14.20
N ALA B 325 17.11 32.80 -14.13
CA ALA B 325 17.27 31.56 -14.95
C ALA B 325 17.00 30.30 -14.11
N LEU B 326 17.82 30.05 -13.11
CA LEU B 326 17.72 28.74 -12.39
C LEU B 326 16.33 28.59 -11.78
N GLU B 327 15.77 29.71 -11.32
CA GLU B 327 14.41 29.74 -10.81
C GLU B 327 13.43 30.23 -11.86
N GLY B 328 13.62 31.44 -12.38
CA GLY B 328 12.61 32.05 -13.25
C GLY B 328 12.33 31.26 -14.51
N PHE B 329 13.32 30.53 -15.03
CA PHE B 329 13.13 29.65 -16.23
C PHE B 329 12.76 28.23 -15.79
N ASN B 330 13.60 27.61 -14.97
CA ASN B 330 13.52 26.15 -14.69
C ASN B 330 12.44 25.80 -13.66
N ASN B 331 11.90 26.79 -12.92
CA ASN B 331 10.76 26.49 -12.03
C ASN B 331 9.63 25.84 -12.80
N ASP B 332 9.39 26.21 -14.06
CA ASP B 332 8.28 25.59 -14.79
C ASP B 332 8.57 24.10 -15.12
N ASP B 333 9.84 23.74 -15.28
CA ASP B 333 10.23 22.33 -15.49
C ASP B 333 9.84 21.46 -14.29
N ILE B 334 9.99 22.01 -13.08
CA ILE B 334 9.69 21.31 -11.84
C ILE B 334 8.25 20.80 -11.82
N TRP B 335 7.28 21.69 -12.04
CA TRP B 335 5.88 21.24 -11.95
C TRP B 335 5.46 20.44 -13.20
N ALA B 336 6.15 20.64 -14.33
CA ALA B 336 5.95 19.78 -15.50
C ALA B 336 6.34 18.33 -15.18
N ARG B 337 7.50 18.15 -14.54
CA ARG B 337 7.92 16.80 -14.05
C ARG B 337 6.83 16.19 -13.16
N GLU B 338 6.39 16.96 -12.18
CA GLU B 338 5.42 16.52 -11.18
C GLU B 338 4.13 16.11 -11.87
N ALA B 339 3.77 16.78 -12.99
CA ALA B 339 2.50 16.54 -13.65
C ALA B 339 2.48 15.18 -14.36
N MET B 340 3.67 14.62 -14.64
CA MET B 340 3.77 13.30 -15.32
C MET B 340 3.73 12.12 -14.33
N VAL B 341 3.83 12.39 -13.04
CA VAL B 341 4.00 11.35 -12.05
C VAL B 341 2.89 10.31 -12.18
N ASP B 342 1.62 10.75 -12.22
CA ASP B 342 0.49 9.84 -12.09
C ASP B 342 0.43 8.86 -13.27
N PHE B 343 0.72 9.34 -14.47
CA PHE B 343 0.62 8.50 -15.65
C PHE B 343 1.66 7.38 -15.60
N TYR B 344 2.85 7.68 -15.07
CA TYR B 344 3.96 6.71 -15.07
C TYR B 344 4.06 5.97 -13.72
N ALA B 345 3.28 6.37 -12.70
CA ALA B 345 3.43 5.85 -11.28
C ALA B 345 3.20 4.33 -11.20
N ASP B 346 2.22 3.82 -11.95
CA ASP B 346 1.87 2.40 -12.03
C ASP B 346 2.62 1.68 -13.15
N ASP B 347 3.63 2.33 -13.71
CA ASP B 347 4.42 1.84 -14.86
C ASP B 347 3.60 1.67 -16.16
N LYS B 348 2.32 2.08 -16.22
CA LYS B 348 1.55 1.85 -17.46
C LYS B 348 1.79 2.96 -18.51
N GLY B 349 2.22 4.13 -18.06
CA GLY B 349 2.60 5.26 -18.91
C GLY B 349 3.67 4.88 -19.93
N TRP B 350 4.56 3.96 -19.56
CA TRP B 350 5.62 3.46 -20.41
C TRP B 350 5.05 2.67 -21.59
N VAL B 351 3.79 2.25 -21.50
CA VAL B 351 3.15 1.53 -22.57
C VAL B 351 2.12 2.42 -23.30
N ASN B 352 1.40 3.28 -22.58
CA ASN B 352 0.26 3.97 -23.11
C ASN B 352 0.62 5.35 -23.72
N GLU B 353 1.81 5.89 -23.46
CA GLU B 353 2.23 7.22 -23.99
C GLU B 353 2.07 7.22 -25.53
N ILE B 354 1.59 8.32 -26.10
CA ILE B 354 1.45 8.44 -27.57
C ILE B 354 2.47 9.47 -28.03
N LEU B 355 3.59 8.99 -28.59
CA LEU B 355 4.72 9.87 -28.93
C LEU B 355 4.48 10.56 -30.30
N PHE B 356 5.14 11.70 -30.49
CA PHE B 356 5.21 12.36 -31.82
C PHE B 356 6.68 12.60 -32.18
N GLU B 357 6.92 13.32 -33.28
CA GLU B 357 8.18 13.28 -34.01
C GLU B 357 9.36 13.74 -33.15
N SER B 358 9.22 14.82 -32.37
CA SER B 358 10.33 15.33 -31.60
C SER B 358 10.73 14.39 -30.44
N ASP B 359 9.93 13.38 -30.13
CA ASP B 359 10.20 12.40 -29.11
C ASP B 359 11.32 11.45 -29.58
N GLU B 360 11.72 11.58 -30.85
CA GLU B 360 12.81 10.76 -31.35
C GLU B 360 14.07 11.00 -30.51
N ALA B 361 14.30 12.21 -30.03
CA ALA B 361 15.40 12.49 -29.12
C ALA B 361 15.29 11.65 -27.84
N ILE B 362 14.08 11.57 -27.29
CA ILE B 362 13.82 10.85 -26.03
C ILE B 362 14.08 9.36 -26.23
N VAL B 363 13.61 8.83 -27.36
CA VAL B 363 13.77 7.43 -27.69
C VAL B 363 15.26 7.06 -27.80
N ALA B 364 16.03 7.91 -28.45
CA ALA B 364 17.49 7.74 -28.59
C ALA B 364 18.14 7.67 -27.20
N TRP B 365 17.72 8.56 -26.30
CA TRP B 365 18.24 8.53 -24.94
C TRP B 365 17.84 7.22 -24.24
N ARG B 366 16.59 6.82 -24.37
CA ARG B 366 16.15 5.55 -23.73
C ARG B 366 17.00 4.35 -24.17
N LYS B 367 17.29 4.27 -25.47
CA LYS B 367 18.06 3.17 -26.00
C LYS B 367 19.50 3.23 -25.51
N LEU B 368 20.11 4.42 -25.56
CA LEU B 368 21.49 4.67 -25.09
C LEU B 368 21.60 4.26 -23.62
N ALA B 369 20.62 4.68 -22.82
CA ALA B 369 20.63 4.43 -21.40
C ALA B 369 20.47 2.92 -21.13
N SER B 370 19.59 2.28 -21.90
CA SER B 370 19.37 0.85 -21.82
C SER B 370 20.64 0.05 -22.12
N GLU B 371 21.42 0.50 -23.09
CA GLU B 371 22.52 -0.27 -23.60
C GLU B 371 23.82 0.00 -22.81
N HIS B 372 24.03 1.20 -22.27
CA HIS B 372 25.33 1.58 -21.76
C HIS B 372 25.32 1.93 -20.27
N ASN B 373 24.20 1.75 -19.56
CA ASN B 373 24.20 1.91 -18.12
C ASN B 373 25.09 0.83 -17.49
N GLN B 374 25.62 1.12 -16.29
CA GLN B 374 26.61 0.24 -15.63
C GLN B 374 25.95 -0.64 -14.55
N GLY B 375 24.62 -0.71 -14.55
CA GLY B 375 23.93 -1.62 -13.64
C GLY B 375 22.60 -1.04 -13.19
N ILE B 376 21.66 -1.93 -12.91
CA ILE B 376 20.34 -1.52 -12.46
C ILE B 376 20.30 -1.61 -10.93
N GLN B 377 20.07 -0.49 -10.25
CA GLN B 377 19.85 -0.54 -8.80
C GLN B 377 18.52 -1.27 -8.50
N THR B 378 18.53 -2.13 -7.49
CA THR B 378 17.36 -2.92 -7.07
C THR B 378 17.11 -2.75 -5.57
N GLN B 379 15.90 -3.12 -5.14
CA GLN B 379 15.53 -2.96 -3.76
C GLN B 379 16.44 -3.87 -2.90
N ALA B 380 16.92 -4.99 -3.46
CA ALA B 380 17.83 -5.87 -2.75
C ALA B 380 19.17 -5.18 -2.49
N HIS B 381 19.67 -4.34 -3.42
CA HIS B 381 20.82 -3.49 -3.13
C HIS B 381 20.57 -2.64 -1.88
N VAL B 382 19.33 -2.11 -1.73
CA VAL B 382 19.00 -1.27 -0.60
C VAL B 382 18.94 -2.11 0.68
N SER B 383 18.21 -3.24 0.66
CA SER B 383 17.93 -4.00 1.88
C SER B 383 19.11 -4.92 2.23
N GLY B 384 19.73 -5.53 1.21
CA GLY B 384 20.86 -6.43 1.37
C GLY B 384 20.78 -7.55 0.33
N LEU B 385 21.84 -7.72 -0.46
CA LEU B 385 21.78 -8.58 -1.64
C LEU B 385 21.37 -10.02 -1.25
N GLU B 386 20.55 -10.65 -2.11
CA GLU B 386 19.91 -11.95 -1.84
C GLU B 386 20.29 -12.94 -2.94
N HIS B 387 20.81 -14.10 -2.56
CA HIS B 387 21.21 -15.12 -3.53
C HIS B 387 21.33 -16.49 -2.84
N HIS B 388 21.03 -17.53 -3.62
CA HIS B 388 21.57 -18.88 -3.46
C HIS B 388 22.44 -19.16 -4.71
N HIS B 389 23.77 -19.31 -4.54
CA HIS B 389 24.70 -19.49 -5.68
C HIS B 389 24.35 -20.79 -6.44
N ALA C 2 -12.75 -8.41 -11.67
CA ALA C 2 -11.56 -7.60 -12.12
C ALA C 2 -10.97 -6.85 -10.92
N ASN C 3 -11.84 -6.33 -10.05
CA ASN C 3 -11.48 -5.39 -8.99
C ASN C 3 -11.27 -6.06 -7.63
N VAL C 4 -11.87 -7.24 -7.41
CA VAL C 4 -11.91 -7.87 -6.08
C VAL C 4 -11.26 -9.25 -6.18
N ASP C 5 -10.62 -9.70 -5.09
CA ASP C 5 -10.09 -11.09 -4.95
C ASP C 5 -11.14 -12.11 -5.43
N GLU C 6 -10.79 -12.92 -6.41
CA GLU C 6 -11.75 -13.89 -7.00
C GLU C 6 -12.26 -14.92 -5.97
N ALA C 7 -11.50 -15.24 -4.93
CA ALA C 7 -11.98 -16.15 -3.87
C ALA C 7 -13.21 -15.53 -3.15
N ILE C 8 -13.21 -14.19 -3.03
CA ILE C 8 -14.34 -13.50 -2.39
C ILE C 8 -15.53 -13.50 -3.34
N LEU C 9 -15.30 -13.18 -4.63
CA LEU C 9 -16.39 -13.15 -5.63
C LEU C 9 -17.07 -14.52 -5.74
N LYS C 10 -16.29 -15.60 -5.64
CA LYS C 10 -16.84 -16.97 -5.76
C LYS C 10 -17.79 -17.29 -4.61
N ARG C 11 -17.55 -16.69 -3.43
CA ARG C 11 -18.39 -16.86 -2.23
C ARG C 11 -19.74 -16.13 -2.38
N VAL C 12 -19.75 -14.95 -3.02
CA VAL C 12 -20.98 -14.15 -3.06
C VAL C 12 -21.70 -14.36 -4.39
N LYS C 13 -22.18 -15.60 -4.58
CA LYS C 13 -22.79 -16.11 -5.83
C LYS C 13 -24.02 -15.27 -6.23
N GLY C 14 -24.80 -14.82 -5.26
CA GLY C 14 -26.01 -13.99 -5.53
C GLY C 14 -25.71 -12.63 -6.16
N TRP C 15 -24.48 -12.10 -6.03
CA TRP C 15 -24.32 -10.68 -6.36
C TRP C 15 -22.86 -10.30 -6.58
N ALA C 16 -22.12 -11.19 -7.26
CA ALA C 16 -20.71 -11.03 -7.45
C ALA C 16 -20.43 -9.76 -8.25
N PRO C 17 -21.19 -9.47 -9.34
CA PRO C 17 -20.96 -8.27 -10.13
C PRO C 17 -21.00 -7.00 -9.27
N TYR C 18 -21.95 -6.94 -8.32
CA TYR C 18 -22.12 -5.82 -7.43
C TYR C 18 -20.94 -5.69 -6.47
N VAL C 19 -20.48 -6.81 -5.93
CA VAL C 19 -19.27 -6.77 -5.08
C VAL C 19 -18.01 -6.35 -5.87
N ASP C 20 -17.97 -6.71 -7.14
CA ASP C 20 -16.89 -6.38 -8.04
C ASP C 20 -16.94 -4.89 -8.46
N ALA C 21 -18.10 -4.23 -8.33
CA ALA C 21 -18.28 -2.89 -8.87
C ALA C 21 -17.84 -1.84 -7.87
N LYS C 22 -16.62 -1.98 -7.35
CA LYS C 22 -16.08 -1.03 -6.41
C LYS C 22 -15.98 0.38 -7.00
N LEU C 23 -15.75 0.49 -8.32
CA LEU C 23 -15.53 1.79 -8.99
C LEU C 23 -16.83 2.28 -9.64
N GLY C 24 -17.90 1.48 -9.52
CA GLY C 24 -19.19 1.85 -10.06
C GLY C 24 -19.47 1.14 -11.36
N PHE C 25 -20.60 1.52 -11.98
CA PHE C 25 -21.09 0.87 -13.14
C PHE C 25 -20.92 1.80 -14.34
N ARG C 26 -20.21 1.31 -15.35
CA ARG C 26 -19.98 2.05 -16.58
C ARG C 26 -21.25 2.00 -17.44
N ASN C 27 -21.38 3.00 -18.31
CA ASN C 27 -22.48 3.09 -19.30
C ASN C 27 -23.78 3.48 -18.61
N HIS C 28 -23.70 4.39 -17.64
CA HIS C 28 -24.86 5.03 -17.06
C HIS C 28 -24.62 6.54 -17.02
N TRP C 29 -25.73 7.31 -16.92
CA TRP C 29 -25.73 8.73 -16.60
C TRP C 29 -25.56 8.95 -15.11
N TYR C 30 -24.73 9.92 -14.74
CA TYR C 30 -24.52 10.31 -13.35
C TYR C 30 -24.51 11.84 -13.24
N PRO C 31 -25.16 12.42 -12.21
CA PRO C 31 -25.06 13.85 -11.97
C PRO C 31 -23.76 14.17 -11.24
N VAL C 32 -23.11 15.29 -11.58
CA VAL C 32 -21.86 15.60 -10.96
C VAL C 32 -21.81 17.02 -10.44
N MET C 33 -22.67 17.91 -10.91
CA MET C 33 -22.68 19.24 -10.35
C MET C 33 -24.01 19.86 -10.76
N PHE C 34 -24.27 21.06 -10.26
CA PHE C 34 -25.40 21.89 -10.69
C PHE C 34 -24.96 22.80 -11.84
N SER C 35 -25.87 23.01 -12.78
CA SER C 35 -25.73 23.93 -13.92
C SER C 35 -25.09 25.26 -13.53
N LYS C 36 -25.55 25.86 -12.43
CA LYS C 36 -25.11 27.21 -12.07
C LYS C 36 -23.64 27.19 -11.61
N GLU C 37 -23.04 26.00 -11.40
CA GLU C 37 -21.66 25.92 -10.96
C GLU C 37 -20.66 25.92 -12.15
N ILE C 38 -21.16 25.87 -13.38
CA ILE C 38 -20.31 25.75 -14.56
C ILE C 38 -20.71 26.88 -15.51
N ASN C 39 -19.82 27.86 -15.61
CA ASN C 39 -19.99 29.11 -16.37
C ASN C 39 -19.23 29.08 -17.69
N GLU C 40 -19.73 29.87 -18.65
CA GLU C 40 -19.17 30.05 -19.98
C GLU C 40 -17.65 30.21 -19.88
N GLY C 41 -16.93 29.30 -20.54
CA GLY C 41 -15.47 29.42 -20.75
C GLY C 41 -14.69 29.29 -19.46
N GLU C 42 -15.26 28.59 -18.49
CA GLU C 42 -14.62 28.42 -17.20
C GLU C 42 -14.52 26.92 -16.91
N PRO C 43 -13.56 26.18 -17.48
CA PRO C 43 -13.61 24.73 -17.36
C PRO C 43 -13.37 24.26 -15.90
N LYS C 44 -14.04 23.16 -15.55
CA LYS C 44 -14.10 22.62 -14.20
C LYS C 44 -13.61 21.18 -14.25
N THR C 45 -12.78 20.81 -13.28
CA THR C 45 -12.26 19.48 -13.17
C THR C 45 -13.16 18.68 -12.21
N LEU C 46 -13.30 17.39 -12.47
CA LEU C 46 -13.95 16.46 -11.54
C LEU C 46 -13.43 15.05 -11.86
N LYS C 47 -13.58 14.15 -10.90
CA LYS C 47 -13.27 12.76 -11.05
C LYS C 47 -14.57 11.96 -10.89
N LEU C 48 -14.85 11.11 -11.89
CA LEU C 48 -16.05 10.32 -11.95
C LEU C 48 -15.67 8.89 -12.37
N LEU C 49 -16.08 7.90 -11.57
CA LEU C 49 -15.75 6.44 -11.78
C LEU C 49 -14.23 6.26 -11.93
N GLY C 50 -13.46 7.08 -11.23
CA GLY C 50 -12.02 7.02 -11.21
C GLY C 50 -11.34 7.82 -12.33
N GLU C 51 -12.10 8.39 -13.27
CA GLU C 51 -11.54 9.11 -14.45
C GLU C 51 -11.53 10.63 -14.18
N ASN C 52 -10.39 11.29 -14.47
CA ASN C 52 -10.31 12.72 -14.38
C ASN C 52 -10.94 13.30 -15.64
N LEU C 53 -11.92 14.20 -15.44
CA LEU C 53 -12.68 14.85 -16.53
C LEU C 53 -12.65 16.38 -16.37
N LEU C 54 -12.76 17.03 -17.52
CA LEU C 54 -12.88 18.47 -17.63
C LEU C 54 -14.22 18.72 -18.28
N VAL C 55 -14.97 19.67 -17.73
CA VAL C 55 -16.20 20.11 -18.32
C VAL C 55 -16.08 21.60 -18.60
N ASN C 56 -16.63 22.00 -19.74
CA ASN C 56 -16.63 23.40 -20.15
C ASN C 56 -17.98 23.74 -20.78
N ARG C 57 -18.31 25.02 -20.73
CA ARG C 57 -19.55 25.52 -21.35
C ARG C 57 -19.18 26.51 -22.47
N ILE C 58 -19.59 26.20 -23.69
CA ILE C 58 -19.23 26.95 -24.86
C ILE C 58 -20.51 27.28 -25.66
N ASP C 59 -20.78 28.59 -25.82
CA ASP C 59 -22.04 29.07 -26.44
C ASP C 59 -23.21 28.46 -25.66
N GLY C 60 -23.04 28.39 -24.33
CA GLY C 60 -24.04 27.87 -23.42
C GLY C 60 -24.09 26.35 -23.32
N LYS C 61 -23.51 25.58 -24.27
CA LYS C 61 -23.55 24.11 -24.25
C LYS C 61 -22.37 23.47 -23.49
N LEU C 62 -22.65 22.34 -22.84
CA LEU C 62 -21.67 21.61 -22.02
C LEU C 62 -20.97 20.54 -22.87
N TYR C 63 -19.66 20.46 -22.68
CA TYR C 63 -18.80 19.49 -23.34
C TYR C 63 -17.92 18.85 -22.28
N CYS C 64 -17.67 17.55 -22.43
CA CYS C 64 -16.82 16.85 -21.50
C CYS C 64 -15.70 16.10 -22.24
N LEU C 65 -14.47 16.41 -21.84
CA LEU C 65 -13.19 15.79 -22.29
C LEU C 65 -12.51 15.11 -21.09
N LYS C 66 -11.88 13.96 -21.33
CA LYS C 66 -10.96 13.37 -20.39
C LYS C 66 -9.80 14.34 -20.13
N ASP C 67 -9.55 14.62 -18.84
CA ASP C 67 -8.51 15.48 -18.37
C ASP C 67 -7.21 14.68 -18.33
N ARG C 68 -6.77 14.23 -19.50
CA ARG C 68 -5.47 13.55 -19.60
C ARG C 68 -4.97 13.63 -21.03
N CYS C 69 -3.94 14.45 -21.25
CA CYS C 69 -3.30 14.58 -22.59
C CYS C 69 -2.96 13.19 -23.12
N LEU C 70 -3.20 12.95 -24.40
CA LEU C 70 -2.79 11.70 -25.09
C LEU C 70 -1.26 11.48 -25.11
N HIS C 71 -0.47 12.54 -25.02
CA HIS C 71 0.94 12.49 -25.33
C HIS C 71 1.72 11.86 -24.16
N ARG C 72 1.93 12.58 -23.05
CA ARG C 72 2.62 12.15 -21.86
C ARG C 72 1.71 12.04 -20.62
N GLY C 73 0.39 12.09 -20.78
CA GLY C 73 -0.56 11.72 -19.72
C GLY C 73 -0.71 12.69 -18.58
N VAL C 74 -0.45 13.98 -18.82
CA VAL C 74 -0.64 15.02 -17.83
C VAL C 74 -2.10 15.45 -17.87
N GLN C 75 -2.53 16.05 -16.77
CA GLN C 75 -3.85 16.68 -16.75
C GLN C 75 -3.69 18.02 -17.47
N LEU C 76 -4.54 18.27 -18.46
CA LEU C 76 -4.64 19.62 -19.11
C LEU C 76 -4.89 20.71 -18.06
N SER C 77 -5.61 20.34 -16.99
CA SER C 77 -6.07 21.29 -16.00
C SER C 77 -4.95 21.77 -15.08
N VAL C 78 -3.73 21.21 -15.14
CA VAL C 78 -2.66 21.77 -14.36
C VAL C 78 -2.49 23.24 -14.77
N LYS C 79 -2.76 23.53 -16.04
CA LYS C 79 -2.65 24.87 -16.59
C LYS C 79 -3.46 24.93 -17.88
N VAL C 80 -4.70 25.37 -17.71
CA VAL C 80 -5.63 25.37 -18.79
C VAL C 80 -5.21 26.47 -19.77
N GLU C 81 -5.21 26.14 -21.05
CA GLU C 81 -4.89 27.07 -22.12
C GLU C 81 -5.97 26.85 -23.16
N CYS C 82 -7.05 27.64 -23.05
CA CYS C 82 -8.08 27.70 -24.08
C CYS C 82 -7.75 28.90 -25.00
N LYS C 83 -7.26 28.62 -26.21
CA LYS C 83 -6.62 29.65 -27.07
C LYS C 83 -7.61 30.13 -28.11
N THR C 84 -8.50 29.24 -28.51
CA THR C 84 -9.66 29.57 -29.27
C THR C 84 -10.86 29.05 -28.49
N LYS C 85 -12.06 29.45 -28.91
CA LYS C 85 -13.26 29.20 -28.15
C LYS C 85 -13.63 27.72 -28.21
N SER C 86 -13.29 27.05 -29.32
CA SER C 86 -13.68 25.70 -29.58
C SER C 86 -12.59 24.65 -29.21
N THR C 87 -11.50 25.07 -28.56
CA THR C 87 -10.37 24.12 -28.37
C THR C 87 -9.76 24.32 -27.00
N ILE C 88 -8.95 23.33 -26.58
CA ILE C 88 -8.06 23.48 -25.46
C ILE C 88 -6.67 23.00 -25.93
N THR C 89 -5.64 23.70 -25.48
CA THR C 89 -4.26 23.41 -25.83
C THR C 89 -3.55 22.89 -24.57
N CYS C 90 -3.01 21.67 -24.62
CA CYS C 90 -2.19 21.21 -23.52
C CYS C 90 -1.02 22.16 -23.30
N TRP C 91 -0.74 22.44 -22.03
CA TRP C 91 0.27 23.38 -21.61
C TRP C 91 1.70 22.86 -21.87
N TYR C 92 1.85 21.55 -22.13
CA TYR C 92 3.15 20.93 -22.14
C TYR C 92 3.84 21.09 -23.53
N HIS C 93 3.30 20.47 -24.55
CA HIS C 93 3.80 20.49 -25.93
C HIS C 93 2.73 20.99 -26.90
N ALA C 94 1.60 21.50 -26.35
CA ALA C 94 0.60 22.26 -27.10
C ALA C 94 -0.14 21.39 -28.09
N TRP C 95 -0.35 20.11 -27.75
CA TRP C 95 -1.32 19.40 -28.47
C TRP C 95 -2.70 20.03 -28.18
N THR C 96 -3.50 20.21 -29.23
CA THR C 96 -4.70 21.03 -29.18
C THR C 96 -5.88 20.21 -29.64
N TYR C 97 -6.93 20.20 -28.82
CA TYR C 97 -8.07 19.32 -29.00
C TYR C 97 -9.35 20.15 -29.10
N ARG C 98 -10.30 19.65 -29.89
CA ARG C 98 -11.62 20.29 -30.06
C ARG C 98 -12.54 19.78 -28.93
N TRP C 99 -13.18 20.70 -28.20
CA TRP C 99 -14.15 20.35 -27.16
C TRP C 99 -15.23 19.45 -27.74
N GLU C 100 -15.55 19.61 -29.02
CA GLU C 100 -16.78 19.06 -29.54
C GLU C 100 -16.64 17.57 -29.90
N ASP C 101 -15.44 17.11 -30.27
CA ASP C 101 -15.28 15.67 -30.61
C ASP C 101 -13.95 15.12 -30.08
N GLY C 102 -13.16 15.96 -29.39
CA GLY C 102 -11.86 15.55 -28.82
C GLY C 102 -10.74 15.34 -29.85
N VAL C 103 -11.01 15.62 -31.14
CA VAL C 103 -10.01 15.38 -32.23
C VAL C 103 -8.82 16.28 -31.94
N LEU C 104 -7.62 15.68 -32.02
CA LEU C 104 -6.38 16.39 -31.95
C LEU C 104 -6.27 17.15 -33.29
N CYS C 105 -6.46 18.46 -33.26
CA CYS C 105 -6.68 19.19 -34.53
C CYS C 105 -5.50 20.10 -34.89
N ASP C 106 -4.63 20.41 -33.92
CA ASP C 106 -3.44 21.17 -34.11
C ASP C 106 -2.37 20.78 -33.07
N ILE C 107 -1.11 20.99 -33.44
CA ILE C 107 -0.03 20.93 -32.49
C ILE C 107 0.87 22.13 -32.69
N LEU C 108 0.92 23.02 -31.71
CA LEU C 108 1.56 24.29 -31.90
C LEU C 108 3.08 24.08 -32.03
N THR C 109 3.63 23.06 -31.33
CA THR C 109 5.08 22.82 -31.30
C THR C 109 5.54 22.08 -32.56
N ASN C 110 4.61 21.60 -33.37
CA ASN C 110 4.98 20.86 -34.59
C ASN C 110 3.79 20.78 -35.53
N PRO C 111 3.55 21.84 -36.33
CA PRO C 111 2.42 21.88 -37.27
C PRO C 111 2.47 20.84 -38.38
N THR C 112 3.63 20.19 -38.59
CA THR C 112 3.76 19.18 -39.64
C THR C 112 3.55 17.77 -39.10
N SER C 113 3.30 17.62 -37.79
CA SER C 113 3.24 16.32 -37.19
C SER C 113 2.16 15.48 -37.83
N ALA C 114 2.47 14.19 -38.03
CA ALA C 114 1.58 13.20 -38.58
C ALA C 114 0.48 12.83 -37.60
N GLN C 115 0.61 13.20 -36.32
CA GLN C 115 -0.44 12.85 -35.33
C GLN C 115 -1.70 13.69 -35.57
N ILE C 116 -1.53 14.85 -36.20
CA ILE C 116 -2.64 15.81 -36.39
C ILE C 116 -3.76 15.15 -37.17
N GLY C 117 -4.97 15.19 -36.62
CA GLY C 117 -6.15 14.62 -37.22
C GLY C 117 -6.22 13.11 -37.10
N ARG C 118 -5.21 12.43 -36.52
CA ARG C 118 -5.17 10.96 -36.47
CA ARG C 118 -5.18 10.97 -36.47
C ARG C 118 -5.24 10.48 -35.00
N GLN C 119 -5.58 11.35 -34.06
CA GLN C 119 -5.82 10.93 -32.64
C GLN C 119 -7.07 11.65 -32.11
N LYS C 120 -7.73 11.05 -31.12
CA LYS C 120 -8.96 11.56 -30.50
C LYS C 120 -8.90 11.32 -28.98
N LEU C 121 -8.99 12.41 -28.21
CA LEU C 121 -9.17 12.41 -26.78
C LEU C 121 -10.61 11.96 -26.45
N LYS C 122 -10.75 11.05 -25.51
CA LYS C 122 -12.06 10.57 -25.07
C LYS C 122 -12.95 11.75 -24.65
N THR C 123 -14.15 11.73 -25.21
CA THR C 123 -15.23 12.60 -24.82
C THR C 123 -16.37 11.77 -24.24
N TYR C 124 -17.15 12.42 -23.39
CA TYR C 124 -18.32 11.85 -22.83
C TYR C 124 -19.52 12.75 -23.09
N PRO C 125 -20.69 12.18 -23.42
CA PRO C 125 -21.93 12.97 -23.45
C PRO C 125 -22.22 13.68 -22.10
N VAL C 126 -22.71 14.92 -22.18
CA VAL C 126 -23.16 15.70 -21.06
C VAL C 126 -24.54 16.26 -21.40
N GLN C 127 -25.44 16.30 -20.43
CA GLN C 127 -26.79 16.83 -20.58
C GLN C 127 -27.20 17.47 -19.24
N GLU C 128 -27.75 18.69 -19.34
CA GLU C 128 -28.31 19.40 -18.22
C GLU C 128 -29.82 19.14 -18.21
N ALA C 129 -30.34 18.78 -17.04
CA ALA C 129 -31.81 18.62 -16.83
C ALA C 129 -32.12 18.98 -15.37
N LYS C 130 -33.14 19.84 -15.20
CA LYS C 130 -33.57 20.31 -13.86
C LYS C 130 -32.45 21.01 -13.08
N GLY C 131 -31.58 21.74 -13.77
CA GLY C 131 -30.53 22.47 -13.08
C GLY C 131 -29.35 21.59 -12.68
N CYS C 132 -29.33 20.34 -13.13
CA CYS C 132 -28.31 19.35 -12.77
C CYS C 132 -27.55 18.92 -14.04
N VAL C 133 -26.23 18.72 -13.90
CA VAL C 133 -25.37 18.28 -14.99
C VAL C 133 -25.12 16.78 -14.87
N PHE C 134 -25.59 16.05 -15.86
CA PHE C 134 -25.39 14.63 -15.99
C PHE C 134 -24.32 14.30 -17.04
N ILE C 135 -23.40 13.40 -16.70
CA ILE C 135 -22.39 12.90 -17.67
C ILE C 135 -22.70 11.43 -17.89
N TYR C 136 -22.73 11.00 -19.15
CA TYR C 136 -22.84 9.63 -19.47
C TYR C 136 -21.41 9.06 -19.48
N LEU C 137 -21.04 8.35 -18.41
CA LEU C 137 -19.73 7.77 -18.29
C LEU C 137 -19.80 6.40 -18.92
N GLY C 138 -19.72 6.40 -20.25
CA GLY C 138 -19.88 5.22 -21.03
C GLY C 138 -19.50 5.42 -22.47
N ASP C 139 -19.63 4.33 -23.25
CA ASP C 139 -19.09 4.25 -24.60
C ASP C 139 -20.26 4.16 -25.57
N GLY C 140 -20.09 4.76 -26.75
CA GLY C 140 -21.11 4.79 -27.79
C GLY C 140 -22.28 5.68 -27.42
N ASP C 141 -23.38 5.49 -28.16
CA ASP C 141 -24.54 6.36 -28.18
C ASP C 141 -25.29 6.21 -26.86
N PRO C 142 -25.50 7.31 -26.14
CA PRO C 142 -26.16 7.24 -24.84
C PRO C 142 -27.61 6.79 -24.93
N PRO C 143 -28.16 6.12 -23.89
CA PRO C 143 -29.60 5.90 -23.82
C PRO C 143 -30.26 7.18 -23.34
N PRO C 144 -31.61 7.28 -23.38
CA PRO C 144 -32.32 8.40 -22.74
C PRO C 144 -31.94 8.56 -21.26
N LEU C 145 -31.80 9.80 -20.78
CA LEU C 145 -31.50 10.10 -19.40
C LEU C 145 -32.53 9.42 -18.49
N ALA C 146 -33.80 9.43 -18.89
CA ALA C 146 -34.92 8.91 -18.14
C ALA C 146 -34.66 7.50 -17.61
N ARG C 147 -33.93 6.68 -18.37
CA ARG C 147 -33.54 5.32 -17.98
C ARG C 147 -32.83 5.28 -16.61
N ASP C 148 -32.06 6.32 -16.30
CA ASP C 148 -31.14 6.35 -15.15
C ASP C 148 -31.58 7.39 -14.15
N THR C 149 -32.87 7.79 -14.24
CA THR C 149 -33.47 8.68 -13.26
C THR C 149 -34.70 7.99 -12.65
N PRO C 150 -35.03 8.31 -11.39
CA PRO C 150 -36.19 7.73 -10.75
C PRO C 150 -37.46 8.34 -11.33
N PRO C 151 -38.63 7.65 -11.24
CA PRO C 151 -39.90 8.23 -11.68
C PRO C 151 -40.11 9.60 -11.04
N ASN C 152 -40.59 10.53 -11.88
CA ASN C 152 -41.08 11.87 -11.54
C ASN C 152 -39.97 12.92 -11.46
N PHE C 153 -38.70 12.53 -11.51
CA PHE C 153 -37.62 13.52 -11.34
C PHE C 153 -37.68 14.52 -12.51
N LEU C 154 -38.08 14.04 -13.67
CA LEU C 154 -38.08 14.82 -14.93
C LEU C 154 -39.47 15.38 -15.26
N ASP C 155 -40.46 15.22 -14.38
CA ASP C 155 -41.82 15.74 -14.65
C ASP C 155 -41.73 17.26 -14.92
N ASP C 156 -42.59 17.75 -15.82
CA ASP C 156 -42.64 19.17 -16.26
C ASP C 156 -42.63 20.17 -15.08
N ASP C 157 -43.48 19.94 -14.07
CA ASP C 157 -43.70 20.94 -12.99
C ASP C 157 -42.74 20.76 -11.82
N MET C 158 -41.99 19.65 -11.80
CA MET C 158 -41.23 19.32 -10.61
C MET C 158 -40.04 20.29 -10.54
N GLU C 159 -40.02 21.19 -9.56
CA GLU C 159 -38.91 22.06 -9.36
C GLU C 159 -37.88 21.34 -8.47
N ILE C 160 -36.60 21.30 -8.91
CA ILE C 160 -35.52 20.58 -8.24
C ILE C 160 -34.52 21.58 -7.64
N LEU C 161 -34.27 21.47 -6.34
CA LEU C 161 -33.17 22.21 -5.69
C LEU C 161 -32.30 21.19 -4.94
N GLY C 162 -31.05 21.55 -4.62
CA GLY C 162 -30.20 20.54 -4.04
C GLY C 162 -28.89 21.06 -3.51
N LYS C 163 -28.05 20.10 -3.12
CA LYS C 163 -26.80 20.28 -2.53
C LYS C 163 -25.96 19.08 -2.98
N ASN C 164 -24.64 19.29 -3.09
CA ASN C 164 -23.73 18.21 -3.48
C ASN C 164 -22.44 18.36 -2.67
N GLN C 165 -21.83 17.24 -2.29
CA GLN C 165 -20.62 17.25 -1.53
C GLN C 165 -19.93 15.92 -1.71
N ILE C 166 -18.65 15.91 -1.33
CA ILE C 166 -17.84 14.73 -1.46
C ILE C 166 -17.80 14.06 -0.10
N ILE C 167 -18.12 12.77 -0.05
CA ILE C 167 -18.17 11.96 1.16
C ILE C 167 -17.15 10.82 1.03
N LYS C 168 -16.42 10.55 2.11
CA LYS C 168 -15.39 9.51 2.13
C LYS C 168 -16.01 8.18 2.58
N SER C 169 -16.78 7.60 1.67
CA SER C 169 -17.02 6.22 1.69
C SER C 169 -17.22 5.75 0.24
N ASN C 170 -17.15 4.45 0.02
CA ASN C 170 -17.55 3.83 -1.21
C ASN C 170 -19.05 4.09 -1.43
N TRP C 171 -19.42 4.22 -2.69
CA TRP C 171 -20.75 4.55 -3.12
C TRP C 171 -21.77 3.47 -2.70
N ARG C 172 -21.36 2.20 -2.64
CA ARG C 172 -22.31 1.12 -2.33
C ARG C 172 -22.76 1.21 -0.86
N LEU C 173 -21.86 1.62 0.05
CA LEU C 173 -22.23 1.80 1.46
C LEU C 173 -23.33 2.88 1.59
N ALA C 174 -23.20 3.92 0.77
CA ALA C 174 -24.15 5.03 0.73
C ALA C 174 -25.51 4.49 0.26
N VAL C 175 -25.50 3.73 -0.82
CA VAL C 175 -26.76 3.19 -1.39
C VAL C 175 -27.44 2.30 -0.36
N GLU C 176 -26.69 1.37 0.24
CA GLU C 176 -27.31 0.45 1.14
C GLU C 176 -27.84 1.19 2.38
N ASN C 177 -27.05 2.11 2.94
CA ASN C 177 -27.53 2.85 4.08
C ASN C 177 -28.89 3.51 3.75
N GLY C 178 -28.99 4.17 2.60
CA GLY C 178 -30.18 4.92 2.16
C GLY C 178 -31.43 4.06 2.01
N PHE C 179 -31.28 2.87 1.44
CA PHE C 179 -32.40 1.99 1.16
C PHE C 179 -32.68 1.01 2.31
N ASP C 180 -31.90 1.07 3.39
CA ASP C 180 -32.01 0.16 4.52
C ASP C 180 -33.20 0.52 5.42
N PRO C 181 -34.26 -0.30 5.45
CA PRO C 181 -35.47 0.05 6.20
C PRO C 181 -35.25 0.32 7.70
N SER C 182 -34.36 -0.44 8.32
CA SER C 182 -34.17 -0.37 9.75
C SER C 182 -33.23 0.76 10.17
N HIS C 183 -32.55 1.41 9.22
CA HIS C 183 -31.54 2.39 9.62
C HIS C 183 -32.22 3.65 10.12
N ILE C 184 -33.54 3.75 9.92
CA ILE C 184 -34.35 4.86 10.41
C ILE C 184 -34.11 5.15 11.91
N TYR C 185 -33.68 4.13 12.65
CA TYR C 185 -33.28 4.24 14.03
C TYR C 185 -32.31 5.42 14.24
N ILE C 186 -31.35 5.65 13.31
CA ILE C 186 -30.30 6.60 13.50
C ILE C 186 -30.87 8.02 13.44
N HIS C 187 -32.06 8.15 12.86
CA HIS C 187 -32.72 9.48 12.70
C HIS C 187 -33.69 9.87 13.83
N LYS C 188 -33.82 9.03 14.86
CA LYS C 188 -34.90 9.21 15.88
C LYS C 188 -34.76 10.55 16.61
N ASP C 189 -33.55 11.14 16.65
CA ASP C 189 -33.37 12.45 17.34
C ASP C 189 -33.07 13.60 16.36
N SER C 190 -33.33 13.41 15.06
CA SER C 190 -33.11 14.44 14.10
C SER C 190 -33.99 15.67 14.39
N ILE C 191 -33.43 16.87 14.19
CA ILE C 191 -34.17 18.15 14.41
C ILE C 191 -35.40 18.21 13.49
N LEU C 192 -35.39 17.53 12.34
CA LEU C 192 -36.57 17.49 11.47
C LEU C 192 -37.76 16.79 12.10
N VAL C 193 -37.51 15.74 12.90
CA VAL C 193 -38.62 14.94 13.45
C VAL C 193 -39.51 15.81 14.36
N LYS C 194 -38.90 16.51 15.30
CA LYS C 194 -39.60 17.48 16.16
C LYS C 194 -40.04 18.71 15.37
N ASP C 195 -39.07 19.42 14.74
CA ASP C 195 -39.34 20.74 14.17
C ASP C 195 -40.23 20.65 12.92
N ASN C 196 -40.47 19.46 12.34
CA ASN C 196 -41.46 19.32 11.23
C ASN C 196 -42.60 18.34 11.59
N ASP C 197 -42.77 18.03 12.87
CA ASP C 197 -43.92 17.20 13.38
C ASP C 197 -44.07 15.86 12.63
N LEU C 198 -42.96 15.12 12.43
CA LEU C 198 -43.03 13.84 11.70
C LEU C 198 -43.48 12.69 12.62
N ALA C 199 -44.26 11.78 12.05
CA ALA C 199 -44.42 10.44 12.54
C ALA C 199 -43.19 9.68 12.04
N LEU C 200 -42.50 9.01 12.94
CA LEU C 200 -41.29 8.24 12.53
C LEU C 200 -41.17 7.08 13.48
N PRO C 201 -41.37 5.85 12.99
CA PRO C 201 -41.14 4.68 13.81
C PRO C 201 -39.63 4.46 14.03
N LEU C 202 -39.32 3.50 14.91
CA LEU C 202 -37.94 3.11 15.21
C LEU C 202 -37.48 2.01 14.25
N GLY C 203 -38.43 1.31 13.63
CA GLY C 203 -38.15 0.20 12.76
C GLY C 203 -39.45 -0.51 12.41
N PHE C 204 -39.35 -1.75 11.95
CA PHE C 204 -40.46 -2.50 11.43
C PHE C 204 -40.34 -3.96 11.82
N ALA C 205 -41.46 -4.56 12.26
CA ALA C 205 -41.51 -6.00 12.35
C ALA C 205 -42.13 -6.49 11.04
N PRO C 206 -41.37 -7.17 10.17
CA PRO C 206 -41.89 -7.56 8.86
C PRO C 206 -43.03 -8.58 8.98
N GLY C 207 -43.87 -8.61 7.94
CA GLY C 207 -44.88 -9.61 7.79
C GLY C 207 -44.85 -10.19 6.38
N GLY C 208 -45.56 -11.33 6.23
CA GLY C 208 -45.75 -12.01 4.94
C GLY C 208 -44.47 -12.65 4.50
N ASP C 209 -44.36 -13.03 3.23
CA ASP C 209 -43.17 -13.76 2.76
C ASP C 209 -42.13 -12.81 2.16
N ARG C 210 -41.03 -13.40 1.69
CA ARG C 210 -39.88 -12.69 1.21
C ARG C 210 -40.24 -11.86 -0.03
N LYS C 211 -40.95 -12.47 -0.99
CA LYS C 211 -41.26 -11.81 -2.23
C LYS C 211 -42.09 -10.52 -1.97
N GLN C 212 -42.94 -10.53 -0.93
CA GLN C 212 -43.80 -9.38 -0.58
C GLN C 212 -43.03 -8.23 0.09
N GLN C 213 -41.75 -8.43 0.46
CA GLN C 213 -40.98 -7.36 1.17
C GLN C 213 -40.56 -6.26 0.18
N THR C 214 -40.53 -6.59 -1.13
CA THR C 214 -40.13 -5.63 -2.15
C THR C 214 -40.97 -5.77 -3.41
N ARG C 215 -40.83 -4.78 -4.32
CA ARG C 215 -41.28 -4.88 -5.71
CA ARG C 215 -41.29 -4.90 -5.72
C ARG C 215 -40.12 -4.54 -6.64
N VAL C 216 -39.65 -5.53 -7.37
CA VAL C 216 -38.57 -5.42 -8.31
C VAL C 216 -39.18 -4.89 -9.62
N VAL C 217 -38.70 -3.73 -10.09
CA VAL C 217 -39.20 -3.15 -11.29
C VAL C 217 -38.18 -3.42 -12.40
N ASP C 218 -38.55 -4.27 -13.36
CA ASP C 218 -37.69 -4.50 -14.54
C ASP C 218 -38.52 -4.51 -15.83
N ASP C 219 -39.69 -3.86 -15.81
CA ASP C 219 -40.59 -3.79 -16.95
C ASP C 219 -41.09 -2.35 -17.19
N ASP C 220 -40.39 -1.34 -16.66
CA ASP C 220 -40.76 0.07 -16.87
C ASP C 220 -40.48 0.38 -18.35
N VAL C 221 -41.38 1.11 -18.99
CA VAL C 221 -41.36 1.30 -20.46
C VAL C 221 -40.09 2.06 -20.85
N VAL C 222 -39.64 3.01 -20.01
CA VAL C 222 -38.45 3.84 -20.26
C VAL C 222 -37.18 3.05 -19.91
N GLY C 223 -37.32 1.83 -19.38
CA GLY C 223 -36.20 0.93 -19.18
C GLY C 223 -35.52 1.09 -17.81
N ARG C 224 -36.07 1.91 -16.89
CA ARG C 224 -35.46 2.07 -15.58
C ARG C 224 -35.58 0.77 -14.75
N LYS C 225 -34.59 0.55 -13.89
CA LYS C 225 -34.46 -0.73 -13.16
C LYS C 225 -34.24 -0.39 -11.70
N GLY C 226 -35.06 -0.98 -10.83
CA GLY C 226 -35.04 -0.58 -9.41
C GLY C 226 -35.89 -1.46 -8.53
N VAL C 227 -35.98 -1.05 -7.26
CA VAL C 227 -36.64 -1.83 -6.24
C VAL C 227 -37.37 -0.89 -5.29
N TYR C 228 -38.66 -1.17 -5.04
CA TYR C 228 -39.44 -0.54 -3.97
C TYR C 228 -39.35 -1.38 -2.68
N ASP C 229 -39.16 -0.68 -1.58
CA ASP C 229 -39.17 -1.24 -0.21
C ASP C 229 -40.64 -1.33 0.26
N LEU C 230 -41.21 -2.52 0.33
CA LEU C 230 -42.60 -2.67 0.77
C LEU C 230 -42.72 -3.23 2.20
N ILE C 231 -41.71 -3.00 3.07
CA ILE C 231 -41.72 -3.61 4.43
C ILE C 231 -42.99 -3.21 5.20
N GLY C 232 -43.46 -1.99 4.96
CA GLY C 232 -44.58 -1.41 5.72
C GLY C 232 -45.95 -1.86 5.24
N GLU C 233 -46.02 -2.71 4.20
CA GLU C 233 -47.30 -3.21 3.67
C GLU C 233 -47.86 -4.34 4.53
N HIS C 234 -47.02 -5.22 5.09
CA HIS C 234 -47.48 -6.29 5.98
C HIS C 234 -46.78 -6.23 7.34
N GLY C 235 -45.88 -5.25 7.50
CA GLY C 235 -45.16 -5.10 8.72
C GLY C 235 -45.90 -4.23 9.70
N VAL C 236 -45.65 -4.48 10.98
CA VAL C 236 -46.08 -3.64 12.05
C VAL C 236 -44.93 -2.66 12.31
N PRO C 237 -45.15 -1.34 12.22
CA PRO C 237 -44.10 -0.38 12.58
C PRO C 237 -43.80 -0.51 14.09
N VAL C 238 -42.57 -0.21 14.49
CA VAL C 238 -42.14 -0.32 15.86
C VAL C 238 -42.13 1.09 16.43
N PHE C 239 -42.98 1.37 17.44
CA PHE C 239 -42.97 2.69 18.10
C PHE C 239 -42.42 2.59 19.53
N GLU C 240 -42.40 1.36 20.10
CA GLU C 240 -41.95 1.11 21.45
C GLU C 240 -40.79 0.13 21.39
N GLY C 241 -39.57 0.65 21.58
CA GLY C 241 -38.38 -0.21 21.57
C GLY C 241 -38.13 -0.78 22.95
N THR C 242 -38.02 -2.11 23.04
CA THR C 242 -37.89 -2.78 24.31
C THR C 242 -36.57 -3.55 24.45
N ILE C 243 -36.07 -3.57 25.69
CA ILE C 243 -34.99 -4.45 26.09
C ILE C 243 -35.51 -5.28 27.28
N GLY C 244 -35.43 -6.60 27.16
CA GLY C 244 -36.04 -7.48 28.18
C GLY C 244 -37.52 -7.16 28.43
N GLY C 245 -38.26 -6.78 27.39
CA GLY C 245 -39.67 -6.39 27.51
C GLY C 245 -39.94 -4.99 28.10
N GLU C 246 -38.91 -4.24 28.50
CA GLU C 246 -39.08 -2.90 29.06
C GLU C 246 -38.85 -1.83 27.99
N VAL C 247 -39.74 -0.83 27.95
CA VAL C 247 -39.71 0.18 26.95
C VAL C 247 -38.59 1.18 27.29
N VAL C 248 -37.58 1.28 26.42
CA VAL C 248 -36.40 2.12 26.67
C VAL C 248 -36.37 3.31 25.70
N ARG C 249 -37.11 3.23 24.59
CA ARG C 249 -37.17 4.32 23.63
C ARG C 249 -38.50 4.27 22.86
N GLU C 250 -39.05 5.43 22.56
CA GLU C 250 -40.23 5.51 21.71
CA GLU C 250 -40.20 5.43 21.67
C GLU C 250 -39.84 6.21 20.41
N GLY C 251 -40.58 5.87 19.35
CA GLY C 251 -40.62 6.57 18.12
C GLY C 251 -41.31 7.92 18.27
N ALA C 252 -41.56 8.55 17.11
CA ALA C 252 -42.13 9.88 17.08
C ALA C 252 -43.57 9.81 16.56
N TYR C 253 -44.46 10.47 17.31
CA TYR C 253 -45.92 10.38 17.10
C TYR C 253 -46.50 11.66 16.48
N GLY C 254 -45.76 12.31 15.59
CA GLY C 254 -46.23 13.50 14.92
C GLY C 254 -47.31 13.18 13.90
N GLU C 255 -47.90 14.23 13.34
CA GLU C 255 -49.06 14.13 12.43
C GLU C 255 -48.65 13.84 10.98
N LYS C 256 -47.52 14.39 10.52
CA LYS C 256 -47.13 14.32 9.12
C LYS C 256 -46.58 12.95 8.75
N ILE C 257 -47.21 12.28 7.77
CA ILE C 257 -46.85 10.98 7.26
C ILE C 257 -45.87 11.19 6.09
N VAL C 258 -44.69 10.57 6.18
CA VAL C 258 -43.67 10.73 5.13
C VAL C 258 -43.10 9.35 4.82
N ALA C 259 -42.44 9.24 3.66
CA ALA C 259 -41.77 7.99 3.25
C ALA C 259 -42.75 6.82 3.13
N ASN C 260 -43.88 7.06 2.47
CA ASN C 260 -44.81 6.03 2.03
C ASN C 260 -44.16 5.13 0.98
N ASP C 261 -43.43 5.67 -0.01
CA ASP C 261 -42.69 4.81 -0.89
C ASP C 261 -41.21 5.24 -0.98
N ILE C 262 -40.38 4.22 -0.86
CA ILE C 262 -38.96 4.28 -0.98
C ILE C 262 -38.55 3.32 -2.08
N SER C 263 -37.80 3.85 -3.06
CA SER C 263 -37.27 3.05 -4.10
C SER C 263 -35.81 3.43 -4.39
N ILE C 264 -35.04 2.42 -4.81
CA ILE C 264 -33.65 2.62 -5.23
C ILE C 264 -33.61 2.19 -6.70
N TRP C 265 -32.87 2.95 -7.50
CA TRP C 265 -32.78 2.71 -8.94
C TRP C 265 -31.32 2.68 -9.39
N LEU C 266 -31.03 1.85 -10.38
CA LEU C 266 -29.74 1.93 -11.09
C LEU C 266 -29.60 3.32 -11.72
N PRO C 267 -28.40 3.92 -11.69
CA PRO C 267 -27.13 3.37 -11.24
C PRO C 267 -26.83 3.53 -9.74
N GLY C 268 -27.75 4.14 -9.00
CA GLY C 268 -27.59 4.34 -7.55
C GLY C 268 -28.20 5.63 -7.14
N VAL C 269 -29.54 5.71 -7.27
CA VAL C 269 -30.30 6.87 -6.89
C VAL C 269 -31.55 6.43 -6.09
N LEU C 270 -31.75 7.05 -4.93
CA LEU C 270 -32.87 6.77 -4.03
C LEU C 270 -33.98 7.82 -4.25
N LYS C 271 -35.24 7.36 -4.20
CA LYS C 271 -36.39 8.23 -4.20
C LYS C 271 -37.19 7.96 -2.92
N VAL C 272 -37.41 9.00 -2.10
CA VAL C 272 -38.25 8.90 -0.91
C VAL C 272 -39.42 9.88 -1.09
N ASN C 273 -40.63 9.33 -0.99
CA ASN C 273 -41.82 10.08 -1.29
C ASN C 273 -42.92 9.76 -0.27
N PRO C 274 -43.60 10.74 0.32
CA PRO C 274 -43.16 12.13 0.32
C PRO C 274 -42.11 12.37 1.41
N PHE C 275 -41.23 13.35 1.19
CA PHE C 275 -40.17 13.68 2.15
C PHE C 275 -39.53 14.97 1.67
N PRO C 276 -39.12 15.87 2.57
CA PRO C 276 -39.22 15.79 4.02
C PRO C 276 -40.58 16.30 4.55
N ASN C 277 -41.48 16.64 3.62
CA ASN C 277 -42.77 17.19 3.91
C ASN C 277 -43.76 16.46 3.03
N PRO C 278 -45.04 16.34 3.43
CA PRO C 278 -46.00 15.56 2.64
C PRO C 278 -46.28 16.00 1.20
N ASP C 279 -45.84 17.21 0.81
CA ASP C 279 -46.03 17.71 -0.57
C ASP C 279 -44.72 17.75 -1.40
N MET C 280 -43.64 17.11 -0.90
CA MET C 280 -42.31 17.16 -1.52
C MET C 280 -41.77 15.74 -1.72
N MET C 281 -40.70 15.61 -2.49
CA MET C 281 -40.03 14.33 -2.76
C MET C 281 -38.54 14.53 -2.59
N GLN C 282 -37.80 13.51 -2.14
CA GLN C 282 -36.36 13.54 -2.08
C GLN C 282 -35.79 12.55 -3.10
N PHE C 283 -34.81 13.02 -3.90
CA PHE C 283 -34.04 12.18 -4.81
C PHE C 283 -32.57 12.34 -4.43
N GLU C 284 -31.87 11.25 -4.17
CA GLU C 284 -30.47 11.40 -3.88
C GLU C 284 -29.65 10.33 -4.61
N TRP C 285 -28.55 10.79 -5.18
CA TRP C 285 -27.62 9.95 -5.89
C TRP C 285 -26.37 9.77 -5.03
N TYR C 286 -25.75 8.60 -5.18
CA TYR C 286 -24.45 8.33 -4.59
C TYR C 286 -23.47 7.94 -5.73
N VAL C 287 -22.70 8.91 -6.18
CA VAL C 287 -21.99 8.85 -7.42
C VAL C 287 -20.55 8.47 -7.15
N PRO C 288 -20.07 7.37 -7.74
CA PRO C 288 -18.71 6.91 -7.49
C PRO C 288 -17.70 7.90 -8.09
N ILE C 289 -16.79 8.37 -7.26
CA ILE C 289 -15.65 9.21 -7.63
C ILE C 289 -14.42 8.32 -7.78
N ASP C 290 -14.15 7.50 -6.77
CA ASP C 290 -13.04 6.54 -6.78
C ASP C 290 -13.45 5.42 -5.80
N GLU C 291 -12.55 4.49 -5.46
CA GLU C 291 -12.97 3.33 -4.62
C GLU C 291 -13.46 3.82 -3.25
N ASN C 292 -12.97 4.97 -2.77
CA ASN C 292 -13.13 5.39 -1.38
C ASN C 292 -14.10 6.57 -1.18
N THR C 293 -14.62 7.16 -2.28
CA THR C 293 -15.35 8.41 -2.15
CA THR C 293 -15.26 8.46 -2.26
C THR C 293 -16.49 8.43 -3.18
N HIS C 294 -17.51 9.25 -2.85
CA HIS C 294 -18.69 9.44 -3.71
C HIS C 294 -19.17 10.89 -3.58
N TYR C 295 -19.82 11.39 -4.64
CA TYR C 295 -20.71 12.54 -4.52
C TYR C 295 -22.03 12.11 -3.85
N TYR C 296 -22.38 12.86 -2.82
CA TYR C 296 -23.70 12.76 -2.22
C TYR C 296 -24.53 13.90 -2.81
N PHE C 297 -25.27 13.53 -3.85
CA PHE C 297 -25.95 14.48 -4.70
C PHE C 297 -27.43 14.46 -4.31
N GLN C 298 -27.80 15.42 -3.45
CA GLN C 298 -29.11 15.45 -2.80
C GLN C 298 -29.98 16.47 -3.55
N THR C 299 -31.19 16.06 -3.92
CA THR C 299 -32.14 16.95 -4.49
C THR C 299 -33.52 16.75 -3.84
N LEU C 300 -34.22 17.88 -3.70
CA LEU C 300 -35.60 17.99 -3.22
C LEU C 300 -36.44 18.55 -4.37
N GLY C 301 -37.51 17.83 -4.67
CA GLY C 301 -38.45 18.15 -5.67
C GLY C 301 -39.78 18.58 -5.06
N LYS C 302 -40.37 19.66 -5.59
CA LYS C 302 -41.74 20.07 -5.24
C LYS C 302 -42.43 20.63 -6.47
N PRO C 303 -43.67 20.20 -6.81
CA PRO C 303 -44.41 20.81 -7.92
C PRO C 303 -44.55 22.32 -7.67
N CYS C 304 -44.16 23.11 -8.67
CA CYS C 304 -44.36 24.53 -8.75
C CYS C 304 -44.94 24.84 -10.14
N ALA C 305 -45.96 25.70 -10.19
CA ALA C 305 -46.75 25.92 -11.45
C ALA C 305 -46.30 27.19 -12.18
N ASN C 306 -45.57 28.07 -11.48
CA ASN C 306 -45.12 29.31 -12.06
C ASN C 306 -43.90 29.84 -11.31
N ASP C 307 -43.49 31.05 -11.66
CA ASP C 307 -42.25 31.61 -11.20
C ASP C 307 -42.37 32.11 -9.74
N GLU C 308 -43.59 32.50 -9.33
CA GLU C 308 -43.82 32.97 -7.96
C GLU C 308 -43.61 31.81 -6.97
N GLU C 309 -44.23 30.66 -7.28
CA GLU C 309 -44.08 29.41 -6.52
C GLU C 309 -42.61 28.95 -6.47
N ARG C 310 -41.90 29.00 -7.60
CA ARG C 310 -40.49 28.59 -7.67
C ARG C 310 -39.67 29.40 -6.69
N LYS C 311 -39.87 30.74 -6.68
CA LYS C 311 -39.13 31.62 -5.79
C LYS C 311 -39.52 31.34 -4.34
N LYS C 312 -40.78 31.04 -4.12
CA LYS C 312 -41.24 30.78 -2.77
C LYS C 312 -40.55 29.50 -2.26
N TYR C 313 -40.56 28.45 -3.10
CA TYR C 313 -39.89 27.17 -2.84
C TYR C 313 -38.41 27.42 -2.56
N GLU C 314 -37.74 28.21 -3.40
CA GLU C 314 -36.30 28.46 -3.27
C GLU C 314 -36.01 29.10 -1.90
N GLN C 315 -36.92 29.97 -1.45
CA GLN C 315 -36.72 30.67 -0.16
C GLN C 315 -36.98 29.71 1.01
N GLU C 316 -38.03 28.89 0.96
CA GLU C 316 -38.27 27.78 1.96
C GLU C 316 -37.07 26.79 2.04
N PHE C 317 -36.48 26.46 0.88
CA PHE C 317 -35.35 25.55 0.74
C PHE C 317 -34.15 26.08 1.52
N GLU C 318 -33.79 27.34 1.27
CA GLU C 318 -32.59 27.97 1.85
C GLU C 318 -32.73 28.16 3.36
N SER C 319 -33.94 28.49 3.82
CA SER C 319 -34.20 28.89 5.22
C SER C 319 -34.63 27.69 6.07
N LYS C 320 -35.33 26.71 5.46
CA LYS C 320 -35.85 25.56 6.16
C LYS C 320 -35.25 24.24 5.67
N TRP C 321 -35.55 23.82 4.42
CA TRP C 321 -35.37 22.42 4.04
C TRP C 321 -33.89 22.02 3.99
N LYS C 322 -33.02 22.92 3.55
CA LYS C 322 -31.65 22.54 3.42
C LYS C 322 -31.03 22.38 4.80
N PRO C 323 -31.11 23.38 5.72
CA PRO C 323 -30.56 23.20 7.07
C PRO C 323 -31.27 22.14 7.94
N MET C 324 -32.58 22.00 7.79
CA MET C 324 -33.35 21.14 8.69
C MET C 324 -33.38 19.70 8.16
N ALA C 325 -33.50 19.53 6.85
CA ALA C 325 -33.64 18.20 6.27
C ALA C 325 -32.33 17.70 5.62
N LEU C 326 -31.86 18.37 4.57
CA LEU C 326 -30.66 17.93 3.86
C LEU C 326 -29.49 17.83 4.83
N GLU C 327 -29.38 18.76 5.79
CA GLU C 327 -28.33 18.72 6.79
C GLU C 327 -28.85 18.04 8.05
N GLY C 328 -29.93 18.57 8.65
CA GLY C 328 -30.37 18.14 9.98
C GLY C 328 -30.83 16.68 10.03
N PHE C 329 -31.35 16.16 8.92
CA PHE C 329 -31.77 14.75 8.87
C PHE C 329 -30.62 13.90 8.29
N ASN C 330 -30.02 14.30 7.18
CA ASN C 330 -29.12 13.41 6.48
C ASN C 330 -27.68 13.49 6.97
N ASN C 331 -27.29 14.47 7.81
CA ASN C 331 -25.97 14.45 8.34
C ASN C 331 -25.66 13.12 9.06
N ASP C 332 -26.65 12.50 9.70
CA ASP C 332 -26.41 11.25 10.41
C ASP C 332 -26.13 10.12 9.40
N ASP C 333 -26.70 10.20 8.21
CA ASP C 333 -26.38 9.21 7.17
C ASP C 333 -24.91 9.27 6.78
N ILE C 334 -24.31 10.46 6.80
N ILE C 334 -24.31 10.46 6.79
CA ILE C 334 -22.94 10.64 6.35
CA ILE C 334 -22.93 10.61 6.36
C ILE C 334 -22.01 9.85 7.29
C ILE C 334 -22.03 9.81 7.29
N TRP C 335 -22.17 10.02 8.60
CA TRP C 335 -21.24 9.37 9.52
C TRP C 335 -21.57 7.89 9.65
N ALA C 336 -22.83 7.51 9.41
CA ALA C 336 -23.21 6.07 9.35
C ALA C 336 -22.43 5.36 8.25
N ARG C 337 -22.44 5.95 7.04
CA ARG C 337 -21.72 5.44 5.88
C ARG C 337 -20.23 5.27 6.22
N GLU C 338 -19.64 6.31 6.82
CA GLU C 338 -18.21 6.33 7.18
C GLU C 338 -17.86 5.23 8.18
N ALA C 339 -18.81 4.86 9.07
CA ALA C 339 -18.60 3.86 10.13
C ALA C 339 -18.52 2.42 9.57
N MET C 340 -19.02 2.21 8.36
CA MET C 340 -18.95 0.91 7.69
C MET C 340 -17.70 0.75 6.80
N VAL C 341 -16.91 1.81 6.60
CA VAL C 341 -15.76 1.73 5.68
C VAL C 341 -14.82 0.62 6.12
N ASP C 342 -14.40 0.60 7.40
CA ASP C 342 -13.31 -0.34 7.83
C ASP C 342 -13.71 -1.79 7.57
N PHE C 343 -14.97 -2.14 7.87
CA PHE C 343 -15.43 -3.55 7.72
C PHE C 343 -15.42 -4.03 6.27
N TYR C 344 -15.77 -3.13 5.34
CA TYR C 344 -15.88 -3.46 3.92
C TYR C 344 -14.59 -3.11 3.13
N ALA C 345 -13.63 -2.40 3.72
CA ALA C 345 -12.45 -1.80 3.00
C ALA C 345 -11.50 -2.86 2.44
N ASP C 346 -11.43 -4.01 3.12
CA ASP C 346 -10.59 -5.11 2.67
C ASP C 346 -11.45 -6.08 1.84
N ASP C 347 -12.71 -5.71 1.61
CA ASP C 347 -13.70 -6.53 0.86
C ASP C 347 -14.24 -7.74 1.69
N LYS C 348 -13.81 -7.89 2.94
CA LYS C 348 -14.19 -9.07 3.74
C LYS C 348 -15.59 -8.93 4.36
N GLY C 349 -16.03 -7.68 4.58
CA GLY C 349 -17.36 -7.38 5.11
C GLY C 349 -18.47 -7.97 4.24
N TRP C 350 -18.21 -8.14 2.94
CA TRP C 350 -19.19 -8.73 1.99
C TRP C 350 -19.36 -10.22 2.27
N VAL C 351 -18.41 -10.84 2.99
CA VAL C 351 -18.57 -12.22 3.41
C VAL C 351 -19.06 -12.32 4.87
N ASN C 352 -18.56 -11.46 5.77
CA ASN C 352 -18.69 -11.66 7.23
C ASN C 352 -19.93 -10.99 7.84
N GLU C 353 -20.54 -10.03 7.14
CA GLU C 353 -21.80 -9.38 7.58
C GLU C 353 -22.82 -10.44 8.00
N ILE C 354 -23.53 -10.16 9.11
CA ILE C 354 -24.62 -11.02 9.58
C ILE C 354 -25.93 -10.25 9.38
N LEU C 355 -26.69 -10.64 8.36
CA LEU C 355 -27.93 -9.88 7.98
C LEU C 355 -29.11 -10.28 8.88
N PHE C 356 -30.13 -9.43 8.94
CA PHE C 356 -31.44 -9.84 9.52
C PHE C 356 -32.55 -9.44 8.54
N GLU C 357 -33.79 -9.55 8.98
CA GLU C 357 -34.91 -9.70 8.01
C GLU C 357 -35.12 -8.46 7.17
N SER C 358 -34.97 -7.25 7.73
CA SER C 358 -35.17 -6.04 6.93
C SER C 358 -34.13 -5.89 5.80
N ASP C 359 -33.01 -6.62 5.86
CA ASP C 359 -31.98 -6.55 4.83
C ASP C 359 -32.47 -7.25 3.54
N GLU C 360 -33.64 -7.90 3.58
CA GLU C 360 -34.24 -8.41 2.33
C GLU C 360 -34.27 -7.33 1.23
N ALA C 361 -34.52 -6.07 1.61
CA ALA C 361 -34.55 -4.99 0.61
C ALA C 361 -33.16 -4.79 -0.01
N ILE C 362 -32.11 -4.77 0.83
CA ILE C 362 -30.77 -4.58 0.38
C ILE C 362 -30.36 -5.72 -0.54
N VAL C 363 -30.73 -6.96 -0.20
CA VAL C 363 -30.41 -8.14 -1.00
C VAL C 363 -31.09 -8.05 -2.38
N ALA C 364 -32.36 -7.67 -2.41
CA ALA C 364 -33.10 -7.39 -3.67
C ALA C 364 -32.35 -6.35 -4.55
N TRP C 365 -31.83 -5.27 -3.94
CA TRP C 365 -31.06 -4.28 -4.68
C TRP C 365 -29.77 -4.91 -5.23
N ARG C 366 -29.07 -5.68 -4.39
CA ARG C 366 -27.83 -6.26 -4.77
C ARG C 366 -28.02 -7.15 -6.01
N LYS C 367 -29.10 -7.92 -6.04
CA LYS C 367 -29.33 -8.85 -7.12
C LYS C 367 -29.80 -8.09 -8.37
N LEU C 368 -30.67 -7.11 -8.20
CA LEU C 368 -31.08 -6.17 -9.29
C LEU C 368 -29.83 -5.55 -9.94
N ALA C 369 -28.95 -4.97 -9.13
CA ALA C 369 -27.81 -4.22 -9.62
C ALA C 369 -26.86 -5.16 -10.36
N SER C 370 -26.70 -6.36 -9.82
CA SER C 370 -25.85 -7.42 -10.39
C SER C 370 -26.37 -7.83 -11.76
N GLU C 371 -27.69 -7.94 -11.92
CA GLU C 371 -28.27 -8.47 -13.15
C GLU C 371 -28.39 -7.39 -14.26
N HIS C 372 -28.64 -6.13 -13.92
CA HIS C 372 -29.14 -5.13 -14.87
C HIS C 372 -28.19 -3.94 -15.06
N ASN C 373 -27.04 -3.92 -14.38
CA ASN C 373 -26.05 -2.86 -14.59
C ASN C 373 -25.57 -2.94 -16.05
N GLN C 374 -25.01 -1.85 -16.59
CA GLN C 374 -24.62 -1.81 -18.02
C GLN C 374 -23.11 -1.97 -18.20
N GLY C 375 -22.37 -2.28 -17.12
CA GLY C 375 -20.96 -2.67 -17.22
C GLY C 375 -20.18 -2.30 -15.98
N ILE C 376 -19.08 -3.03 -15.70
CA ILE C 376 -18.30 -2.86 -14.49
C ILE C 376 -17.11 -1.99 -14.85
N GLN C 377 -16.95 -0.83 -14.19
CA GLN C 377 -15.79 0.01 -14.38
C GLN C 377 -14.60 -0.71 -13.73
N THR C 378 -13.45 -0.74 -14.41
CA THR C 378 -12.22 -1.42 -13.93
C THR C 378 -11.07 -0.42 -13.94
N GLN C 379 -9.96 -0.77 -13.25
CA GLN C 379 -8.87 0.14 -13.17
C GLN C 379 -8.25 0.30 -14.59
N ALA C 380 -8.42 -0.68 -15.47
CA ALA C 380 -7.94 -0.61 -16.83
C ALA C 380 -8.72 0.43 -17.65
N HIS C 381 -10.01 0.64 -17.35
CA HIS C 381 -10.75 1.73 -17.98
C HIS C 381 -10.10 3.05 -17.58
N VAL C 382 -9.61 3.13 -16.35
CA VAL C 382 -8.96 4.34 -15.87
C VAL C 382 -7.61 4.53 -16.57
N SER C 383 -6.77 3.50 -16.62
CA SER C 383 -5.37 3.66 -17.07
C SER C 383 -5.25 3.53 -18.60
N GLY C 384 -6.08 2.66 -19.18
CA GLY C 384 -6.08 2.37 -20.60
C GLY C 384 -6.35 0.90 -20.83
N LEU C 385 -7.38 0.60 -21.63
CA LEU C 385 -7.82 -0.78 -21.76
C LEU C 385 -6.70 -1.58 -22.41
N GLU C 386 -6.65 -2.86 -22.01
CA GLU C 386 -5.57 -3.76 -22.26
C GLU C 386 -6.15 -4.98 -22.99
N HIS C 387 -5.44 -5.46 -24.01
CA HIS C 387 -5.83 -6.68 -24.74
C HIS C 387 -4.62 -7.16 -25.54
N HIS C 388 -4.27 -8.44 -25.39
CA HIS C 388 -3.22 -9.11 -26.15
C HIS C 388 -3.88 -10.02 -27.19
N HIS C 389 -3.40 -9.96 -28.44
CA HIS C 389 -3.85 -10.87 -29.50
C HIS C 389 -3.45 -12.30 -29.14
N ILE D 4 48.85 -30.38 17.70
CA ILE D 4 48.56 -30.01 16.27
C ILE D 4 47.34 -30.79 15.74
N TRP D 5 47.12 -32.06 16.16
CA TRP D 5 45.95 -32.89 15.66
C TRP D 5 45.04 -33.33 16.82
N LEU D 6 43.73 -33.17 16.60
CA LEU D 6 42.66 -33.52 17.56
C LEU D 6 41.93 -34.78 17.06
N LYS D 7 41.65 -35.71 17.97
CA LYS D 7 40.93 -36.92 17.60
C LYS D 7 39.43 -36.66 17.73
N VAL D 8 38.69 -36.79 16.63
CA VAL D 8 37.27 -36.42 16.53
C VAL D 8 36.40 -37.65 16.83
N CYS D 9 36.45 -38.64 15.91
CA CYS D 9 35.64 -39.85 16.02
C CYS D 9 36.22 -40.91 15.09
N ALA D 10 35.66 -42.13 15.20
CA ALA D 10 35.75 -43.14 14.15
C ALA D 10 35.06 -42.60 12.90
N ALA D 11 35.53 -42.99 11.71
CA ALA D 11 34.89 -42.61 10.45
C ALA D 11 33.49 -43.22 10.36
N SER D 12 33.33 -44.42 10.94
CA SER D 12 32.07 -45.15 10.91
C SER D 12 31.03 -44.51 11.86
N ASP D 13 31.49 -43.70 12.82
CA ASP D 13 30.63 -42.97 13.81
C ASP D 13 29.75 -41.89 13.14
N MET D 14 30.07 -41.51 11.89
CA MET D 14 29.37 -40.44 11.16
C MET D 14 28.83 -41.00 9.84
N GLN D 15 27.52 -40.85 9.64
CA GLN D 15 26.85 -41.22 8.39
C GLN D 15 27.21 -40.20 7.32
N PRO D 16 27.11 -40.54 6.01
CA PRO D 16 27.14 -39.52 4.96
C PRO D 16 26.04 -38.46 5.22
N GLY D 17 26.37 -37.22 4.84
CA GLY D 17 25.52 -36.04 5.01
C GLY D 17 25.32 -35.60 6.47
N THR D 18 26.27 -35.90 7.37
CA THR D 18 26.11 -35.54 8.79
C THR D 18 27.24 -34.61 9.23
N ILE D 19 26.96 -33.93 10.36
CA ILE D 19 27.78 -32.85 10.93
C ILE D 19 28.08 -33.20 12.39
N ARG D 20 29.31 -32.99 12.84
CA ARG D 20 29.67 -33.21 14.23
C ARG D 20 30.40 -31.98 14.79
N ARG D 21 29.90 -31.46 15.92
CA ARG D 21 30.51 -30.37 16.66
C ARG D 21 31.74 -30.88 17.41
N VAL D 22 32.87 -30.19 17.30
CA VAL D 22 34.08 -30.52 18.08
C VAL D 22 34.39 -29.39 19.08
N ASN D 23 34.07 -29.61 20.35
CA ASN D 23 34.44 -28.69 21.43
C ASN D 23 35.96 -28.82 21.67
N ARG D 24 36.63 -27.68 21.79
CA ARG D 24 38.04 -27.58 22.13
C ARG D 24 38.17 -26.75 23.40
N VAL D 25 38.78 -27.31 24.44
CA VAL D 25 39.05 -26.57 25.70
C VAL D 25 40.01 -25.40 25.37
N GLY D 26 39.58 -24.20 25.75
CA GLY D 26 40.34 -22.96 25.59
C GLY D 26 40.27 -22.36 24.20
N ALA D 27 39.32 -22.80 23.35
CA ALA D 27 39.27 -22.35 21.95
C ALA D 27 37.84 -22.41 21.40
N ALA D 28 37.61 -21.68 20.30
CA ALA D 28 36.30 -21.68 19.59
C ALA D 28 36.02 -23.08 19.01
N PRO D 29 34.76 -23.57 19.03
CA PRO D 29 34.42 -24.89 18.48
C PRO D 29 34.60 -25.01 16.95
N LEU D 30 34.78 -26.25 16.49
CA LEU D 30 34.86 -26.59 15.06
C LEU D 30 33.66 -27.45 14.69
N ALA D 31 33.42 -27.52 13.38
CA ALA D 31 32.42 -28.44 12.80
C ALA D 31 33.13 -29.34 11.79
N VAL D 32 32.84 -30.63 11.88
CA VAL D 32 33.36 -31.64 10.96
C VAL D 32 32.18 -32.18 10.15
N TYR D 33 32.33 -32.17 8.83
CA TYR D 33 31.28 -32.57 7.92
C TYR D 33 31.73 -33.82 7.16
N ARG D 34 30.84 -34.81 7.04
CA ARG D 34 31.05 -35.96 6.15
C ARG D 34 30.23 -35.79 4.87
N VAL D 35 30.95 -35.55 3.76
CA VAL D 35 30.37 -35.45 2.42
C VAL D 35 30.79 -36.70 1.63
N GLY D 36 29.87 -37.68 1.56
CA GLY D 36 30.14 -39.00 0.99
C GLY D 36 31.05 -39.79 1.91
N ASP D 37 32.31 -39.98 1.50
CA ASP D 37 33.29 -40.67 2.33
C ASP D 37 34.44 -39.71 2.72
N GLN D 38 34.45 -38.49 2.16
CA GLN D 38 35.40 -37.40 2.50
C GLN D 38 34.93 -36.62 3.76
N PHE D 39 35.89 -36.02 4.47
CA PHE D 39 35.60 -35.19 5.68
C PHE D 39 36.20 -33.78 5.51
N TYR D 40 35.51 -32.80 6.10
CA TYR D 40 35.90 -31.39 6.04
C TYR D 40 35.70 -30.79 7.42
N ALA D 41 36.44 -29.72 7.71
CA ALA D 41 36.28 -29.05 9.00
C ALA D 41 36.37 -27.53 8.77
N THR D 42 35.51 -26.81 9.51
CA THR D 42 35.45 -25.36 9.50
C THR D 42 35.30 -24.92 10.94
N GLU D 43 35.43 -23.61 11.17
CA GLU D 43 34.86 -23.01 12.41
C GLU D 43 33.40 -23.48 12.52
N ASP D 44 32.94 -23.71 13.76
CA ASP D 44 31.51 -24.00 14.04
C ASP D 44 30.66 -22.72 13.97
N THR D 45 31.22 -21.58 14.39
CA THR D 45 30.44 -20.35 14.45
C THR D 45 30.29 -19.74 13.06
N CYS D 46 29.03 -19.48 12.69
CA CYS D 46 28.71 -18.76 11.48
C CYS D 46 29.39 -17.37 11.49
N THR D 47 29.99 -16.97 10.38
CA THR D 47 30.68 -15.69 10.27
C THR D 47 29.68 -14.52 10.27
N HIS D 48 28.40 -14.81 10.00
CA HIS D 48 27.39 -13.74 9.93
C HIS D 48 26.80 -13.40 11.31
N GLY D 49 27.12 -14.16 12.35
CA GLY D 49 26.48 -13.93 13.64
C GLY D 49 27.07 -14.81 14.72
N ILE D 50 26.22 -15.53 15.44
CA ILE D 50 26.67 -16.35 16.57
C ILE D 50 26.06 -17.75 16.50
N ALA D 51 25.45 -18.11 15.35
CA ALA D 51 24.86 -19.46 15.18
C ALA D 51 25.94 -20.56 15.23
N SER D 52 25.53 -21.75 15.71
CA SER D 52 26.32 -22.97 15.56
C SER D 52 25.94 -23.73 14.27
N LEU D 53 26.87 -23.78 13.32
CA LEU D 53 26.69 -24.41 12.00
C LEU D 53 26.43 -25.92 12.12
N SER D 54 26.89 -26.53 13.22
CA SER D 54 26.70 -27.94 13.47
C SER D 54 25.20 -28.24 13.74
N GLU D 55 24.41 -27.19 13.99
CA GLU D 55 22.98 -27.34 14.14
C GLU D 55 22.30 -27.03 12.82
N GLY D 56 23.08 -26.84 11.75
CA GLY D 56 22.54 -26.47 10.46
C GLY D 56 22.17 -27.70 9.66
N THR D 57 22.02 -27.53 8.34
CA THR D 57 21.63 -28.60 7.43
C THR D 57 22.66 -28.68 6.32
N LEU D 58 23.23 -29.87 6.12
CA LEU D 58 24.20 -30.15 5.05
C LEU D 58 23.47 -30.67 3.80
N ASP D 59 23.74 -30.02 2.66
CA ASP D 59 23.22 -30.41 1.35
C ASP D 59 24.40 -30.54 0.37
N GLY D 60 24.86 -31.78 0.16
CA GLY D 60 26.13 -32.00 -0.53
C GLY D 60 27.28 -31.44 0.29
N ASP D 61 28.03 -30.51 -0.32
CA ASP D 61 29.19 -29.87 0.31
C ASP D 61 28.85 -28.47 0.83
N VAL D 62 27.55 -28.17 1.04
CA VAL D 62 27.12 -26.81 1.43
C VAL D 62 26.36 -26.91 2.76
N ILE D 63 26.82 -26.15 3.75
CA ILE D 63 26.20 -26.11 5.07
C ILE D 63 25.32 -24.86 5.14
N GLU D 64 24.06 -25.05 5.55
CA GLU D 64 23.11 -23.97 5.68
C GLU D 64 22.99 -23.63 7.17
N CYS D 65 23.15 -22.33 7.48
CA CYS D 65 23.11 -21.86 8.86
C CYS D 65 21.66 -21.84 9.36
N PRO D 66 21.41 -22.30 10.60
CA PRO D 66 20.05 -22.39 11.15
C PRO D 66 19.38 -21.05 11.51
N PHE D 67 20.18 -19.98 11.68
CA PHE D 67 19.67 -18.69 12.08
C PHE D 67 19.00 -17.97 10.93
N HIS D 68 19.73 -17.70 9.83
CA HIS D 68 19.22 -16.82 8.77
C HIS D 68 19.22 -17.48 7.39
N GLY D 69 19.60 -18.76 7.29
CA GLY D 69 19.67 -19.47 5.99
C GLY D 69 20.87 -19.10 5.11
N GLY D 70 21.83 -18.33 5.62
CA GLY D 70 23.17 -18.24 5.00
C GLY D 70 23.82 -19.60 4.88
N ALA D 71 24.76 -19.73 3.94
CA ALA D 71 25.36 -21.02 3.66
C ALA D 71 26.81 -20.87 3.21
N PHE D 72 27.58 -21.92 3.46
CA PHE D 72 28.99 -21.96 3.08
C PHE D 72 29.30 -23.29 2.41
N ASN D 73 30.24 -23.24 1.45
CA ASN D 73 30.90 -24.45 0.91
C ASN D 73 31.86 -24.98 1.98
N VAL D 74 31.68 -26.22 2.46
CA VAL D 74 32.47 -26.72 3.61
C VAL D 74 33.93 -27.07 3.25
N CYS D 75 34.24 -27.27 1.96
CA CYS D 75 35.60 -27.51 1.48
C CYS D 75 36.40 -26.20 1.42
N THR D 76 35.83 -25.16 0.78
CA THR D 76 36.53 -23.88 0.57
C THR D 76 36.24 -22.87 1.70
N GLY D 77 35.13 -23.06 2.43
CA GLY D 77 34.67 -22.09 3.44
C GLY D 77 34.13 -20.81 2.84
N MET D 78 33.94 -20.79 1.51
CA MET D 78 33.41 -19.61 0.84
C MET D 78 31.89 -19.56 1.02
N PRO D 79 31.33 -18.34 1.25
CA PRO D 79 29.88 -18.18 1.31
C PRO D 79 29.20 -18.77 0.05
N ALA D 80 28.07 -19.45 0.24
CA ALA D 80 27.30 -20.00 -0.90
C ALA D 80 25.90 -19.36 -1.01
N SER D 81 25.33 -18.85 0.10
CA SER D 81 24.07 -18.10 0.11
C SER D 81 24.19 -16.86 1.01
N SER D 82 23.45 -15.81 0.62
CA SER D 82 23.16 -14.65 1.42
C SER D 82 22.44 -15.10 2.69
N PRO D 83 22.58 -14.34 3.80
CA PRO D 83 23.30 -13.07 3.90
C PRO D 83 24.82 -13.18 4.17
N CYS D 84 25.35 -14.41 4.22
CA CYS D 84 26.78 -14.64 4.54
C CYS D 84 27.72 -14.02 3.49
N THR D 85 28.78 -13.33 3.96
CA THR D 85 29.76 -12.66 3.07
C THR D 85 31.21 -12.94 3.50
N VAL D 86 31.47 -13.27 4.77
CA VAL D 86 32.82 -13.48 5.28
C VAL D 86 33.15 -14.97 5.23
N PRO D 87 34.28 -15.40 4.58
CA PRO D 87 34.64 -16.83 4.52
C PRO D 87 34.88 -17.47 5.89
N LEU D 88 34.57 -18.76 6.02
CA LEU D 88 34.85 -19.54 7.21
C LEU D 88 36.34 -19.93 7.24
N GLY D 89 36.92 -19.96 8.44
CA GLY D 89 38.15 -20.68 8.70
C GLY D 89 37.98 -22.15 8.35
N VAL D 90 38.90 -22.68 7.52
CA VAL D 90 38.94 -24.12 7.17
C VAL D 90 40.08 -24.75 7.96
N PHE D 91 39.83 -25.95 8.48
CA PHE D 91 40.76 -26.70 9.31
C PHE D 91 41.05 -28.04 8.61
N GLU D 92 42.35 -28.38 8.55
CA GLU D 92 42.82 -29.61 7.90
C GLU D 92 42.21 -30.83 8.61
N VAL D 93 41.70 -31.78 7.80
CA VAL D 93 41.23 -33.08 8.28
C VAL D 93 42.09 -34.20 7.66
N GLU D 94 42.43 -35.20 8.48
CA GLU D 94 43.08 -36.45 8.03
C GLU D 94 42.36 -37.67 8.64
N VAL D 95 42.03 -38.65 7.78
CA VAL D 95 41.61 -39.98 8.24
C VAL D 95 42.85 -40.87 8.20
N LYS D 96 43.19 -41.49 9.34
CA LYS D 96 44.34 -42.41 9.46
C LYS D 96 43.97 -43.54 10.42
N GLU D 97 43.74 -44.74 9.85
CA GLU D 97 43.54 -46.01 10.60
C GLU D 97 42.11 -46.06 11.17
N GLY D 98 41.13 -45.70 10.33
CA GLY D 98 39.70 -45.66 10.69
C GLY D 98 39.35 -44.52 11.64
N GLU D 99 40.20 -43.49 11.70
CA GLU D 99 40.09 -42.39 12.70
C GLU D 99 40.13 -41.04 11.98
N VAL D 100 39.20 -40.15 12.37
CA VAL D 100 39.10 -38.78 11.83
C VAL D 100 39.90 -37.88 12.77
N TYR D 101 40.77 -37.06 12.19
CA TYR D 101 41.58 -36.12 12.96
C TYR D 101 41.42 -34.71 12.37
N VAL D 102 41.37 -33.69 13.24
CA VAL D 102 41.25 -32.27 12.82
C VAL D 102 42.48 -31.50 13.30
N ALA D 103 43.11 -30.76 12.37
CA ALA D 103 44.22 -29.85 12.67
C ALA D 103 43.74 -28.79 13.69
N GLY D 104 44.44 -28.71 14.84
CA GLY D 104 44.19 -27.70 15.87
C GLY D 104 44.29 -26.29 15.32
N GLU D 105 45.04 -26.13 14.21
CA GLU D 105 45.21 -24.85 13.57
C GLU D 105 44.50 -24.81 12.20
N LYS D 106 44.05 -23.59 11.85
CA LYS D 106 43.46 -23.25 10.58
C LYS D 106 44.58 -23.26 9.52
N LYS D 107 44.24 -23.60 8.28
CA LYS D 107 45.22 -23.74 7.18
C LYS D 107 45.38 -22.39 6.45
N LEU D 108 46.42 -22.30 5.58
CA LEU D 108 46.47 -21.32 4.45
C LEU D 108 47.42 -21.84 3.37
N GLN E 3 3.40 7.61 -58.19
CA GLN E 3 2.70 6.85 -59.26
C GLN E 3 1.75 5.82 -58.64
N ILE E 4 0.81 5.35 -59.46
CA ILE E 4 -0.32 4.55 -59.01
C ILE E 4 0.16 3.22 -58.40
N TRP E 5 1.02 2.49 -59.13
CA TRP E 5 1.61 1.26 -58.62
C TRP E 5 3.12 1.51 -58.47
N LEU E 6 3.66 1.16 -57.29
CA LEU E 6 5.09 1.41 -56.91
C LEU E 6 5.80 0.05 -56.94
N LYS E 7 6.81 -0.14 -57.79
CA LYS E 7 7.57 -1.40 -57.80
C LYS E 7 8.31 -1.53 -56.47
N VAL E 8 8.11 -2.65 -55.75
CA VAL E 8 8.77 -2.92 -54.50
C VAL E 8 10.03 -3.76 -54.74
N CYS E 9 9.86 -5.01 -55.14
CA CYS E 9 10.94 -5.98 -55.33
C CYS E 9 10.39 -7.14 -56.15
N ALA E 10 11.21 -8.17 -56.41
CA ALA E 10 10.70 -9.45 -56.93
C ALA E 10 10.04 -10.21 -55.80
N ALA E 11 8.97 -10.95 -56.11
CA ALA E 11 8.28 -11.68 -55.07
C ALA E 11 9.24 -12.67 -54.40
N SER E 12 10.21 -13.19 -55.17
CA SER E 12 11.21 -14.18 -54.66
C SER E 12 12.23 -13.53 -53.70
N ASP E 13 12.33 -12.19 -53.69
CA ASP E 13 13.24 -11.49 -52.79
C ASP E 13 12.66 -11.36 -51.36
N MET E 14 11.47 -11.93 -51.08
CA MET E 14 10.88 -11.91 -49.74
C MET E 14 10.48 -13.34 -49.35
N GLN E 15 10.96 -13.75 -48.17
CA GLN E 15 10.60 -15.02 -47.56
C GLN E 15 9.26 -14.86 -46.87
N PRO E 16 8.47 -15.94 -46.72
CA PRO E 16 7.31 -15.92 -45.83
C PRO E 16 7.72 -15.31 -44.48
N GLY E 17 6.82 -14.51 -43.87
CA GLY E 17 6.94 -14.03 -42.52
C GLY E 17 7.90 -12.87 -42.39
N THR E 18 8.26 -12.24 -43.51
CA THR E 18 9.12 -11.08 -43.49
C THR E 18 8.36 -9.82 -43.91
N ILE E 19 9.03 -8.68 -43.72
CA ILE E 19 8.47 -7.34 -43.88
C ILE E 19 9.52 -6.51 -44.61
N ARG E 20 9.09 -5.67 -45.52
CA ARG E 20 9.97 -4.77 -46.19
C ARG E 20 9.40 -3.34 -46.10
N ARG E 21 10.29 -2.39 -45.82
CA ARG E 21 9.92 -1.01 -45.75
C ARG E 21 10.02 -0.43 -47.16
N VAL E 22 9.06 0.41 -47.58
CA VAL E 22 9.11 1.07 -48.86
C VAL E 22 9.07 2.57 -48.66
N ASN E 23 10.21 3.22 -48.91
CA ASN E 23 10.38 4.63 -48.72
C ASN E 23 9.86 5.34 -49.96
N ARG E 24 9.22 6.49 -49.75
CA ARG E 24 8.60 7.24 -50.82
C ARG E 24 8.98 8.71 -50.71
N VAL E 25 9.43 9.29 -51.82
CA VAL E 25 9.69 10.72 -51.90
C VAL E 25 8.37 11.46 -51.65
N GLY E 26 8.39 12.36 -50.67
CA GLY E 26 7.31 13.29 -50.42
C GLY E 26 6.15 12.70 -49.62
N ALA E 27 6.28 11.44 -49.20
CA ALA E 27 5.21 10.74 -48.47
C ALA E 27 5.79 9.82 -47.40
N ALA E 28 4.91 9.35 -46.53
CA ALA E 28 5.30 8.51 -45.41
C ALA E 28 5.56 7.11 -45.95
N PRO E 29 6.47 6.36 -45.28
CA PRO E 29 6.84 5.03 -45.73
C PRO E 29 5.73 4.00 -45.61
N LEU E 30 5.82 2.93 -46.41
CA LEU E 30 4.91 1.83 -46.33
C LEU E 30 5.67 0.63 -45.80
N ALA E 31 4.93 -0.38 -45.34
CA ALA E 31 5.46 -1.65 -45.01
C ALA E 31 4.77 -2.69 -45.87
N VAL E 32 5.56 -3.57 -46.49
CA VAL E 32 4.99 -4.71 -47.19
C VAL E 32 5.33 -6.00 -46.45
N TYR E 33 4.32 -6.84 -46.24
CA TYR E 33 4.37 -8.05 -45.46
C TYR E 33 4.09 -9.23 -46.39
N ARG E 34 4.90 -10.30 -46.28
CA ARG E 34 4.61 -11.57 -46.95
C ARG E 34 4.05 -12.57 -45.93
N VAL E 35 2.78 -12.94 -46.10
CA VAL E 35 2.12 -13.93 -45.25
C VAL E 35 1.81 -15.17 -46.13
N GLY E 36 2.62 -16.22 -45.94
CA GLY E 36 2.64 -17.37 -46.82
C GLY E 36 3.12 -16.96 -48.21
N ASP E 37 2.21 -17.07 -49.18
CA ASP E 37 2.46 -16.70 -50.56
C ASP E 37 1.78 -15.36 -50.91
N GLN E 38 1.04 -14.78 -49.96
CA GLN E 38 0.31 -13.56 -50.20
C GLN E 38 1.09 -12.38 -49.66
N PHE E 39 0.73 -11.19 -50.13
CA PHE E 39 1.40 -9.93 -49.85
C PHE E 39 0.37 -8.89 -49.42
N TYR E 40 0.71 -8.13 -48.37
CA TYR E 40 -0.14 -7.10 -47.88
C TYR E 40 0.73 -5.88 -47.63
N ALA E 41 0.11 -4.72 -47.50
CA ALA E 41 0.84 -3.50 -47.25
C ALA E 41 0.01 -2.60 -46.35
N THR E 42 0.70 -1.89 -45.45
CA THR E 42 0.11 -0.85 -44.62
C THR E 42 1.08 0.33 -44.60
N GLU E 43 0.66 1.44 -43.99
CA GLU E 43 1.54 2.43 -43.49
C GLU E 43 2.61 1.72 -42.62
N ASP E 44 3.84 2.21 -42.68
CA ASP E 44 4.96 1.66 -41.91
C ASP E 44 4.99 2.24 -40.48
N THR E 45 4.54 3.48 -40.28
CA THR E 45 4.52 4.11 -38.97
C THR E 45 3.35 3.59 -38.15
N CYS E 46 3.66 3.06 -36.96
CA CYS E 46 2.64 2.63 -36.01
C CYS E 46 1.69 3.79 -35.77
N THR E 47 0.38 3.53 -35.69
CA THR E 47 -0.57 4.64 -35.45
C THR E 47 -0.61 5.09 -33.98
N HIS E 48 0.09 4.37 -33.09
CA HIS E 48 0.13 4.72 -31.70
C HIS E 48 1.31 5.65 -31.41
N GLY E 49 2.17 5.85 -32.40
CA GLY E 49 3.35 6.62 -32.09
C GLY E 49 4.21 6.85 -33.30
N ILE E 50 5.51 6.68 -33.12
CA ILE E 50 6.49 7.02 -34.20
C ILE E 50 7.34 5.80 -34.55
N ALA E 51 6.97 4.61 -34.06
CA ALA E 51 7.73 3.43 -34.35
C ALA E 51 7.59 3.02 -35.83
N SER E 52 8.57 2.28 -36.35
CA SER E 52 8.49 1.64 -37.66
C SER E 52 8.06 0.17 -37.50
N LEU E 53 6.91 -0.17 -38.07
CA LEU E 53 6.38 -1.51 -37.93
C LEU E 53 7.25 -2.51 -38.68
N SER E 54 8.04 -2.05 -39.65
CA SER E 54 8.90 -2.97 -40.39
C SER E 54 10.06 -3.43 -39.49
N GLU E 55 10.25 -2.79 -38.33
CA GLU E 55 11.23 -3.24 -37.31
C GLU E 55 10.55 -4.11 -36.25
N GLY E 56 9.29 -4.48 -36.47
CA GLY E 56 8.50 -5.27 -35.54
C GLY E 56 8.62 -6.76 -35.81
N THR E 57 7.70 -7.53 -35.25
CA THR E 57 7.63 -8.96 -35.39
C THR E 57 6.27 -9.35 -35.98
N LEU E 58 6.30 -10.10 -37.09
CA LEU E 58 5.14 -10.64 -37.77
C LEU E 58 4.85 -12.04 -37.21
N ASP E 59 3.60 -12.31 -36.85
CA ASP E 59 3.15 -13.58 -36.31
C ASP E 59 1.87 -13.94 -37.06
N GLY E 60 1.99 -14.74 -38.12
CA GLY E 60 0.86 -14.98 -39.02
C GLY E 60 0.55 -13.68 -39.74
N ASP E 61 -0.68 -13.19 -39.60
CA ASP E 61 -1.06 -11.95 -40.29
C ASP E 61 -1.14 -10.78 -39.28
N VAL E 62 -0.47 -10.91 -38.12
CA VAL E 62 -0.50 -9.84 -37.09
C VAL E 62 0.92 -9.28 -36.94
N ILE E 63 1.06 -7.97 -37.15
CA ILE E 63 2.35 -7.28 -36.94
C ILE E 63 2.37 -6.68 -35.52
N GLU E 64 3.46 -6.95 -34.80
CA GLU E 64 3.63 -6.45 -33.43
C GLU E 64 4.63 -5.28 -33.45
N CYS E 65 4.19 -4.14 -32.93
CA CYS E 65 4.99 -2.94 -32.90
C CYS E 65 6.14 -3.11 -31.90
N PRO E 66 7.37 -2.67 -32.23
CA PRO E 66 8.53 -2.85 -31.35
C PRO E 66 8.66 -1.89 -30.16
N PHE E 67 7.82 -0.86 -30.09
CA PHE E 67 7.95 0.16 -29.05
C PHE E 67 7.19 -0.28 -27.79
N HIS E 68 5.90 -0.63 -27.95
CA HIS E 68 5.00 -0.78 -26.81
C HIS E 68 4.23 -2.11 -26.84
N GLY E 69 4.46 -2.91 -27.87
CA GLY E 69 3.84 -4.21 -28.03
C GLY E 69 2.42 -4.16 -28.54
N GLY E 70 1.93 -2.99 -29.00
CA GLY E 70 0.70 -2.92 -29.77
C GLY E 70 0.82 -3.75 -31.04
N ALA E 71 -0.30 -4.08 -31.69
CA ALA E 71 -0.24 -4.96 -32.86
C ALA E 71 -1.41 -4.68 -33.80
N PHE E 72 -1.24 -5.06 -35.07
CA PHE E 72 -2.33 -4.87 -36.08
C PHE E 72 -2.52 -6.12 -36.91
N ASN E 73 -3.73 -6.33 -37.43
CA ASN E 73 -3.94 -7.27 -38.52
C ASN E 73 -3.44 -6.61 -39.81
N VAL E 74 -2.44 -7.20 -40.48
CA VAL E 74 -1.87 -6.59 -41.68
C VAL E 74 -2.84 -6.65 -42.88
N CYS E 75 -3.82 -7.57 -42.89
CA CYS E 75 -4.83 -7.63 -44.02
C CYS E 75 -5.85 -6.50 -43.91
N THR E 76 -6.34 -6.26 -42.69
CA THR E 76 -7.43 -5.33 -42.44
C THR E 76 -6.89 -3.97 -41.96
N GLY E 77 -5.67 -3.94 -41.41
CA GLY E 77 -5.15 -2.77 -40.72
C GLY E 77 -5.78 -2.55 -39.34
N MET E 78 -6.67 -3.42 -38.88
CA MET E 78 -7.39 -3.15 -37.58
C MET E 78 -6.47 -3.47 -36.37
N PRO E 79 -6.53 -2.69 -35.26
CA PRO E 79 -5.76 -3.04 -34.06
C PRO E 79 -6.04 -4.47 -33.61
N ALA E 80 -5.00 -5.21 -33.21
CA ALA E 80 -5.17 -6.55 -32.66
C ALA E 80 -4.76 -6.62 -31.16
N SER E 81 -3.89 -5.70 -30.73
CA SER E 81 -3.38 -5.59 -29.35
C SER E 81 -3.33 -4.12 -28.94
N SER E 82 -3.64 -3.88 -27.67
CA SER E 82 -3.44 -2.60 -27.00
C SER E 82 -1.94 -2.33 -26.96
N PRO E 83 -1.51 -1.07 -26.88
CA PRO E 83 -2.36 0.11 -26.79
C PRO E 83 -2.88 0.71 -28.11
N CYS E 84 -2.65 0.04 -29.24
CA CYS E 84 -3.12 0.51 -30.56
C CYS E 84 -4.65 0.56 -30.58
N THR E 85 -5.21 1.69 -31.06
CA THR E 85 -6.63 1.89 -31.24
C THR E 85 -7.03 2.44 -32.63
N VAL E 86 -6.13 3.11 -33.35
CA VAL E 86 -6.40 3.74 -34.65
C VAL E 86 -5.96 2.78 -35.74
N PRO E 87 -6.88 2.36 -36.65
CA PRO E 87 -6.51 1.47 -37.75
C PRO E 87 -5.41 2.01 -38.69
N LEU E 88 -4.64 1.10 -39.24
CA LEU E 88 -3.63 1.47 -40.22
C LEU E 88 -4.32 1.69 -41.57
N GLY E 89 -3.75 2.63 -42.35
CA GLY E 89 -3.98 2.67 -43.78
C GLY E 89 -3.51 1.39 -44.46
N VAL E 90 -4.37 0.79 -45.29
CA VAL E 90 -4.09 -0.43 -46.05
C VAL E 90 -3.88 -0.07 -47.53
N PHE E 91 -2.82 -0.63 -48.12
CA PHE E 91 -2.46 -0.41 -49.51
C PHE E 91 -2.48 -1.74 -50.25
N GLU E 92 -3.14 -1.71 -51.42
CA GLU E 92 -3.30 -2.90 -52.27
C GLU E 92 -1.92 -3.28 -52.81
N VAL E 93 -1.65 -4.59 -52.82
CA VAL E 93 -0.48 -5.16 -53.39
C VAL E 93 -0.88 -6.12 -54.51
N GLU E 94 -0.17 -6.04 -55.64
CA GLU E 94 -0.35 -6.93 -56.76
C GLU E 94 1.01 -7.46 -57.23
N VAL E 95 1.02 -8.75 -57.58
CA VAL E 95 2.17 -9.42 -58.22
C VAL E 95 1.91 -9.56 -59.73
N LYS E 96 2.77 -8.94 -60.53
CA LYS E 96 2.69 -8.97 -61.97
C LYS E 96 4.06 -9.32 -62.55
N GLU E 97 4.12 -10.48 -63.23
CA GLU E 97 5.36 -11.06 -63.77
C GLU E 97 6.37 -11.26 -62.62
N GLY E 98 5.89 -11.83 -61.51
CA GLY E 98 6.69 -12.06 -60.30
C GLY E 98 7.33 -10.80 -59.71
N GLU E 99 6.85 -9.60 -60.07
CA GLU E 99 7.28 -8.32 -59.44
C GLU E 99 6.16 -7.86 -58.50
N VAL E 100 6.55 -7.41 -57.29
CA VAL E 100 5.61 -6.97 -56.26
C VAL E 100 5.40 -5.48 -56.49
N TYR E 101 4.12 -5.10 -56.58
CA TYR E 101 3.73 -3.68 -56.68
C TYR E 101 2.81 -3.32 -55.53
N VAL E 102 2.98 -2.11 -55.01
CA VAL E 102 2.11 -1.65 -53.93
C VAL E 102 1.44 -0.36 -54.38
N ALA E 103 0.15 -0.20 -54.05
CA ALA E 103 -0.59 1.03 -54.40
C ALA E 103 0.07 2.28 -53.79
N GLY E 104 0.03 3.40 -54.51
CA GLY E 104 0.50 4.68 -54.00
C GLY E 104 -0.54 5.42 -53.16
N GLU E 105 -1.78 4.92 -53.14
CA GLU E 105 -2.86 5.55 -52.38
C GLU E 105 -3.55 4.44 -51.60
N LYS E 106 -3.97 4.75 -50.38
CA LYS E 106 -4.60 3.74 -49.54
C LYS E 106 -6.04 3.51 -49.99
N LYS E 107 -6.54 2.32 -49.66
CA LYS E 107 -7.91 1.91 -49.78
C LYS E 107 -8.83 2.87 -49.01
N LEU E 108 -10.02 3.11 -49.59
CA LEU E 108 -11.01 4.17 -49.23
C LEU E 108 -10.36 5.55 -49.31
N GLN F 3 -48.35 -36.37 17.14
CA GLN F 3 -48.09 -35.51 15.95
C GLN F 3 -46.72 -35.88 15.38
N ILE F 4 -45.69 -35.71 16.23
CA ILE F 4 -44.25 -35.55 15.89
C ILE F 4 -43.97 -35.67 14.38
N TRP F 5 -43.79 -36.89 13.82
CA TRP F 5 -43.23 -37.03 12.43
C TRP F 5 -44.14 -36.33 11.41
N LEU F 6 -43.49 -35.62 10.49
CA LEU F 6 -44.11 -34.89 9.40
C LEU F 6 -43.75 -35.60 8.08
N LYS F 7 -44.79 -35.88 7.29
CA LYS F 7 -44.63 -36.48 5.97
C LYS F 7 -44.40 -35.36 4.96
N VAL F 8 -43.24 -35.42 4.31
CA VAL F 8 -42.74 -34.33 3.48
C VAL F 8 -43.16 -34.54 2.02
N CYS F 9 -42.86 -35.73 1.49
CA CYS F 9 -43.00 -35.99 0.03
C CYS F 9 -42.68 -37.47 -0.25
N ALA F 10 -43.01 -37.88 -1.48
CA ALA F 10 -42.49 -39.12 -2.07
C ALA F 10 -40.97 -38.98 -2.23
N ALA F 11 -40.23 -40.00 -1.85
CA ALA F 11 -38.79 -40.07 -2.14
C ALA F 11 -38.50 -39.66 -3.61
N SER F 12 -39.31 -40.18 -4.54
CA SER F 12 -39.13 -39.99 -5.98
C SER F 12 -39.40 -38.54 -6.42
N ASP F 13 -40.03 -37.71 -5.55
CA ASP F 13 -40.34 -36.29 -5.88
C ASP F 13 -39.06 -35.45 -5.85
N MET F 14 -38.00 -36.00 -5.26
CA MET F 14 -36.71 -35.33 -5.23
C MET F 14 -35.67 -36.11 -6.06
N GLN F 15 -35.09 -35.42 -7.05
CA GLN F 15 -33.89 -35.90 -7.79
C GLN F 15 -32.67 -35.88 -6.85
N PRO F 16 -31.67 -36.77 -7.05
CA PRO F 16 -30.48 -36.76 -6.19
C PRO F 16 -29.77 -35.41 -6.30
N GLY F 17 -29.07 -35.03 -5.22
CA GLY F 17 -28.37 -33.78 -5.10
C GLY F 17 -29.27 -32.56 -5.07
N THR F 18 -30.56 -32.71 -4.71
CA THR F 18 -31.49 -31.57 -4.65
C THR F 18 -31.95 -31.36 -3.19
N ILE F 19 -32.60 -30.20 -2.99
CA ILE F 19 -32.99 -29.70 -1.69
C ILE F 19 -34.42 -29.21 -1.82
N ARG F 20 -35.21 -29.45 -0.79
CA ARG F 20 -36.58 -29.05 -0.78
C ARG F 20 -36.84 -28.31 0.53
N ARG F 21 -37.48 -27.15 0.39
CA ARG F 21 -37.92 -26.35 1.50
C ARG F 21 -39.25 -26.90 2.03
N VAL F 22 -39.32 -27.13 3.35
CA VAL F 22 -40.55 -27.55 4.00
C VAL F 22 -41.00 -26.40 4.92
N ASN F 23 -42.06 -25.70 4.48
CA ASN F 23 -42.72 -24.62 5.28
C ASN F 23 -43.52 -25.30 6.41
N ARG F 24 -43.55 -24.66 7.58
CA ARG F 24 -44.28 -25.14 8.78
C ARG F 24 -44.98 -23.95 9.48
N VAL F 25 -46.33 -23.94 9.50
CA VAL F 25 -47.10 -22.86 10.20
C VAL F 25 -46.60 -22.74 11.64
N GLY F 26 -46.32 -21.48 12.05
CA GLY F 26 -45.92 -21.08 13.42
C GLY F 26 -44.52 -21.52 13.80
N ALA F 27 -43.64 -21.73 12.81
CA ALA F 27 -42.31 -22.35 13.04
C ALA F 27 -41.40 -22.10 11.83
N ALA F 28 -40.08 -22.22 12.06
CA ALA F 28 -39.06 -21.92 11.03
C ALA F 28 -39.06 -23.02 9.96
N PRO F 29 -38.91 -22.65 8.67
CA PRO F 29 -38.82 -23.66 7.59
C PRO F 29 -37.65 -24.64 7.80
N LEU F 30 -37.83 -25.88 7.28
CA LEU F 30 -36.81 -26.91 7.20
C LEU F 30 -36.35 -27.08 5.75
N ALA F 31 -35.15 -27.64 5.61
CA ALA F 31 -34.60 -28.03 4.33
C ALA F 31 -34.42 -29.54 4.38
N VAL F 32 -34.97 -30.19 3.36
CA VAL F 32 -34.75 -31.64 3.20
C VAL F 32 -33.77 -31.82 2.04
N TYR F 33 -32.68 -32.54 2.29
CA TYR F 33 -31.60 -32.78 1.30
C TYR F 33 -31.66 -34.24 0.82
N ARG F 34 -31.63 -34.45 -0.50
CA ARG F 34 -31.41 -35.80 -1.02
C ARG F 34 -29.97 -35.88 -1.53
N VAL F 35 -29.16 -36.70 -0.83
CA VAL F 35 -27.75 -36.98 -1.06
C VAL F 35 -27.63 -38.42 -1.56
N GLY F 36 -27.49 -38.59 -2.88
CA GLY F 36 -27.69 -39.87 -3.55
C GLY F 36 -29.10 -40.41 -3.30
N ASP F 37 -29.22 -41.51 -2.54
CA ASP F 37 -30.51 -42.18 -2.23
C ASP F 37 -30.88 -42.00 -0.75
N GLN F 38 -30.10 -41.19 -0.02
CA GLN F 38 -30.28 -40.86 1.39
C GLN F 38 -30.92 -39.48 1.57
N PHE F 39 -31.65 -39.29 2.68
CA PHE F 39 -32.31 -38.04 2.97
C PHE F 39 -31.84 -37.52 4.34
N TYR F 40 -31.72 -36.20 4.44
CA TYR F 40 -31.31 -35.51 5.66
C TYR F 40 -32.20 -34.27 5.78
N ALA F 41 -32.29 -33.70 7.00
CA ALA F 41 -33.07 -32.51 7.21
C ALA F 41 -32.39 -31.58 8.24
N THR F 42 -32.39 -30.28 7.94
CA THR F 42 -31.89 -29.26 8.85
C THR F 42 -32.93 -28.13 8.88
N GLU F 43 -32.68 -27.15 9.76
CA GLU F 43 -33.27 -25.84 9.61
C GLU F 43 -32.88 -25.32 8.21
N ASP F 44 -33.80 -24.60 7.55
CA ASP F 44 -33.57 -23.99 6.25
C ASP F 44 -32.73 -22.71 6.32
N THR F 45 -32.90 -21.93 7.40
CA THR F 45 -32.29 -20.59 7.49
C THR F 45 -30.83 -20.75 7.87
N CYS F 46 -29.94 -20.24 7.03
CA CYS F 46 -28.52 -20.24 7.39
C CYS F 46 -28.37 -19.60 8.80
N THR F 47 -27.50 -20.14 9.66
CA THR F 47 -27.30 -19.61 11.04
C THR F 47 -26.50 -18.29 11.04
N HIS F 48 -25.96 -17.92 9.89
CA HIS F 48 -25.13 -16.72 9.74
C HIS F 48 -25.93 -15.52 9.24
N GLY F 49 -27.22 -15.69 8.93
CA GLY F 49 -27.89 -14.62 8.17
C GLY F 49 -29.34 -14.97 7.95
N ILE F 50 -29.89 -14.55 6.81
CA ILE F 50 -31.30 -14.79 6.45
C ILE F 50 -31.43 -15.67 5.19
N ALA F 51 -30.32 -16.19 4.64
CA ALA F 51 -30.29 -17.01 3.42
C ALA F 51 -31.08 -18.31 3.63
N SER F 52 -31.70 -18.77 2.55
CA SER F 52 -32.35 -20.08 2.52
C SER F 52 -31.35 -21.13 2.02
N LEU F 53 -31.03 -22.12 2.87
CA LEU F 53 -30.08 -23.15 2.45
C LEU F 53 -30.66 -23.98 1.29
N SER F 54 -31.99 -24.01 1.18
CA SER F 54 -32.66 -24.69 0.06
CA SER F 54 -32.71 -24.65 0.07
C SER F 54 -32.36 -24.00 -1.27
N GLU F 55 -31.73 -22.81 -1.24
CA GLU F 55 -31.37 -22.06 -2.48
C GLU F 55 -29.85 -22.14 -2.69
N GLY F 56 -29.20 -23.02 -1.93
CA GLY F 56 -27.76 -23.20 -1.98
C GLY F 56 -27.37 -24.38 -2.86
N THR F 57 -26.17 -24.88 -2.62
CA THR F 57 -25.46 -25.84 -3.46
C THR F 57 -25.02 -26.99 -2.58
N LEU F 58 -25.55 -28.18 -2.86
CA LEU F 58 -25.16 -29.41 -2.15
C LEU F 58 -23.89 -29.97 -2.83
N ASP F 59 -22.86 -30.26 -2.04
CA ASP F 59 -21.62 -30.91 -2.50
C ASP F 59 -21.37 -32.12 -1.59
N GLY F 60 -21.82 -33.31 -2.03
CA GLY F 60 -21.84 -34.46 -1.13
C GLY F 60 -22.81 -34.24 0.01
N ASP F 61 -22.32 -34.27 1.24
CA ASP F 61 -23.18 -34.12 2.45
C ASP F 61 -22.97 -32.71 3.05
N VAL F 62 -22.49 -31.76 2.23
CA VAL F 62 -22.23 -30.39 2.71
C VAL F 62 -23.07 -29.45 1.86
N ILE F 63 -23.90 -28.64 2.53
CA ILE F 63 -24.68 -27.60 1.89
C ILE F 63 -23.90 -26.27 1.96
N GLU F 64 -23.74 -25.62 0.82
CA GLU F 64 -23.09 -24.33 0.73
C GLU F 64 -24.17 -23.25 0.66
N CYS F 65 -24.11 -22.29 1.59
CA CYS F 65 -25.04 -21.19 1.61
C CYS F 65 -24.86 -20.29 0.39
N PRO F 66 -25.98 -19.81 -0.22
CA PRO F 66 -25.91 -18.97 -1.42
C PRO F 66 -25.51 -17.50 -1.22
N PHE F 67 -25.49 -17.03 0.04
CA PHE F 67 -25.18 -15.61 0.32
C PHE F 67 -23.65 -15.41 0.37
N HIS F 68 -22.99 -16.13 1.30
CA HIS F 68 -21.58 -15.83 1.70
C HIS F 68 -20.67 -17.05 1.53
N GLY F 69 -21.20 -18.19 1.09
CA GLY F 69 -20.35 -19.38 0.87
C GLY F 69 -19.97 -20.07 2.16
N GLY F 70 -20.65 -19.74 3.27
CA GLY F 70 -20.59 -20.57 4.44
C GLY F 70 -21.17 -21.93 4.09
N ALA F 71 -20.91 -22.93 4.94
CA ALA F 71 -21.39 -24.26 4.65
C ALA F 71 -21.48 -25.08 5.94
N PHE F 72 -22.26 -26.16 5.81
CA PHE F 72 -22.64 -27.06 6.87
C PHE F 72 -22.64 -28.48 6.35
N ASN F 73 -22.19 -29.41 7.18
CA ASN F 73 -22.48 -30.83 7.04
C ASN F 73 -23.96 -31.07 7.35
N VAL F 74 -24.73 -31.58 6.40
CA VAL F 74 -26.20 -31.71 6.57
C VAL F 74 -26.55 -32.91 7.48
N CYS F 75 -25.59 -33.82 7.73
CA CYS F 75 -25.79 -34.99 8.64
C CYS F 75 -25.67 -34.57 10.11
N THR F 76 -24.63 -33.80 10.44
CA THR F 76 -24.32 -33.37 11.82
C THR F 76 -24.73 -31.92 12.11
N GLY F 77 -24.94 -31.09 11.07
CA GLY F 77 -25.33 -29.66 11.22
C GLY F 77 -24.16 -28.75 11.60
N MET F 78 -22.95 -29.30 11.68
CA MET F 78 -21.80 -28.54 12.15
C MET F 78 -21.27 -27.68 11.01
N PRO F 79 -20.72 -26.47 11.28
CA PRO F 79 -20.10 -25.67 10.22
C PRO F 79 -18.95 -26.42 9.52
N ALA F 80 -18.90 -26.31 8.19
CA ALA F 80 -17.89 -26.92 7.34
C ALA F 80 -17.04 -25.83 6.69
N SER F 81 -17.63 -24.62 6.53
CA SER F 81 -16.94 -23.44 5.99
C SER F 81 -17.36 -22.19 6.76
N SER F 82 -16.38 -21.30 6.98
CA SER F 82 -16.58 -19.90 7.39
C SER F 82 -17.43 -19.21 6.31
N PRO F 83 -18.17 -18.17 6.69
CA PRO F 83 -18.21 -17.58 8.03
C PRO F 83 -19.20 -18.18 9.05
N CYS F 84 -19.88 -19.27 8.68
CA CYS F 84 -20.74 -19.98 9.64
C CYS F 84 -19.92 -20.52 10.82
N THR F 85 -20.46 -20.25 12.01
CA THR F 85 -19.91 -20.67 13.30
C THR F 85 -20.99 -21.31 14.19
N VAL F 86 -22.28 -20.99 14.00
CA VAL F 86 -23.32 -21.57 14.86
C VAL F 86 -23.86 -22.83 14.17
N PRO F 87 -23.83 -24.02 14.84
CA PRO F 87 -24.39 -25.24 14.27
C PRO F 87 -25.88 -25.14 13.89
N LEU F 88 -26.22 -25.74 12.74
CA LEU F 88 -27.62 -25.93 12.29
C LEU F 88 -28.34 -26.94 13.21
N GLY F 89 -29.60 -26.66 13.49
CA GLY F 89 -30.51 -27.67 13.99
C GLY F 89 -30.68 -28.77 12.95
N VAL F 90 -30.52 -30.02 13.40
CA VAL F 90 -30.64 -31.23 12.59
CA VAL F 90 -30.65 -31.22 12.58
C VAL F 90 -31.95 -31.92 12.99
N PHE F 91 -32.64 -32.49 12.00
CA PHE F 91 -33.91 -33.22 12.23
C PHE F 91 -33.75 -34.64 11.68
N GLU F 92 -34.18 -35.65 12.47
CA GLU F 92 -34.05 -37.05 12.05
C GLU F 92 -35.01 -37.29 10.87
N VAL F 93 -34.55 -38.08 9.91
CA VAL F 93 -35.35 -38.42 8.73
C VAL F 93 -35.41 -39.94 8.62
N GLU F 94 -36.61 -40.45 8.27
CA GLU F 94 -36.84 -41.86 7.98
C GLU F 94 -37.60 -41.97 6.66
N VAL F 95 -37.16 -42.91 5.83
CA VAL F 95 -37.88 -43.24 4.61
C VAL F 95 -38.59 -44.57 4.86
N LYS F 96 -39.92 -44.57 4.77
N LYS F 96 -39.92 -44.56 4.79
CA LYS F 96 -40.69 -45.80 4.95
CA LYS F 96 -40.76 -45.75 4.99
C LYS F 96 -41.71 -45.92 3.82
C LYS F 96 -41.71 -45.90 3.80
N GLU F 97 -41.51 -46.98 3.02
CA GLU F 97 -42.40 -47.27 1.84
C GLU F 97 -42.32 -46.16 0.79
N GLY F 98 -41.09 -45.71 0.50
CA GLY F 98 -40.85 -44.62 -0.49
C GLY F 98 -41.44 -43.26 -0.08
N GLU F 99 -41.75 -43.10 1.22
CA GLU F 99 -42.26 -41.84 1.81
C GLU F 99 -41.21 -41.25 2.76
N VAL F 100 -41.03 -39.92 2.64
CA VAL F 100 -40.01 -39.19 3.42
C VAL F 100 -40.72 -38.56 4.62
N TYR F 101 -40.27 -38.95 5.82
CA TYR F 101 -40.77 -38.37 7.08
C TYR F 101 -39.62 -37.67 7.80
N VAL F 102 -39.93 -36.50 8.38
CA VAL F 102 -38.99 -35.66 9.18
C VAL F 102 -39.53 -35.48 10.60
N ALA F 103 -38.69 -35.81 11.60
CA ALA F 103 -38.94 -35.52 13.06
C ALA F 103 -39.59 -34.14 13.28
N GLY F 104 -40.40 -34.06 14.33
CA GLY F 104 -41.05 -32.82 14.75
C GLY F 104 -40.06 -31.79 15.28
N GLU F 105 -39.09 -32.25 16.09
CA GLU F 105 -38.11 -31.38 16.77
C GLU F 105 -36.68 -31.92 16.57
N LYS F 106 -35.71 -31.08 16.99
CA LYS F 106 -34.26 -31.17 16.74
C LYS F 106 -33.65 -32.49 17.23
N LYS F 107 -32.35 -32.65 16.95
CA LYS F 107 -31.45 -33.66 17.52
C LYS F 107 -31.95 -35.07 17.15
FE FE2 G . 16.91 0.34 28.36
FE1 FES H . -25.08 -2.57 14.52
FE2 FES H . -26.75 -2.77 12.30
S1 FES H . -27.30 -3.00 14.44
S2 FES H . -24.51 -2.35 12.31
CK1 BPY I . 15.96 -3.04 32.21
CK2 BPY I . 17.00 -2.29 31.79
CK3 BPY I . 16.69 -1.39 30.68
CK4 BPY I . 15.37 -1.29 30.10
CK5 BPY I . 14.36 -2.06 30.59
CK6 BPY I . 14.68 -2.91 31.63
CK7 BPY I . 18.33 -2.43 32.43
CK8 BPY I . 19.11 -3.52 32.11
CK9 BPY I . 20.39 -3.64 32.66
CKA BPY I . 20.89 -2.70 33.56
CKB BPY I . 20.10 -1.59 33.88
CKC BPY I . 18.82 -1.47 33.31
OK1 BPY I . 15.25 -0.43 29.10
OK2 BPY I . 17.57 -0.58 30.12
C1 EDO J . -1.08 -1.68 44.59
O1 EDO J . -0.80 -2.84 43.82
C2 EDO J . -2.09 -0.76 43.93
O2 EDO J . -1.52 0.54 44.04
C1 PGE K . 23.54 -7.62 33.06
O1 PGE K . 22.58 -7.61 31.97
C2 PGE K . 22.89 -7.74 34.44
O2 PGE K . 23.09 -8.99 35.13
C3 PGE K . 23.22 -10.18 34.31
C4 PGE K . 23.75 -11.31 35.16
O4 PGE K . 21.01 -13.05 37.66
C6 PGE K . 22.41 -13.43 37.84
C5 PGE K . 23.48 -12.42 37.33
O3 PGE K . 23.02 -11.39 36.42
C ACT L . -30.94 -8.66 29.49
O ACT L . -31.81 -7.75 29.37
OXT ACT L . -31.02 -9.71 28.79
CH3 ACT L . -29.81 -8.49 30.49
C1 PEG M . 41.09 -8.22 25.53
O1 PEG M . 41.52 -8.61 26.83
C2 PEG M . 40.28 -6.93 25.65
O2 PEG M . 40.61 -5.96 24.66
C3 PEG M . 40.89 -4.64 25.18
C4 PEG M . 40.33 -3.47 24.35
O4 PEG M . 39.70 -2.52 25.22
C1 EDO N . -0.55 3.35 38.88
O1 EDO N . 0.14 4.60 39.14
C2 EDO N . -2.03 3.38 39.22
O2 EDO N . -2.47 2.23 40.00
FE FE2 O . 12.80 23.15 -19.51
FE1 FES P . 24.68 -0.29 16.02
FE2 FES P . 23.93 -2.35 17.75
S1 FES P . 25.89 -1.21 17.59
S2 FES P . 22.67 -1.35 16.15
CK1 BPY Q . 17.51 25.23 -20.61
CK2 BPY Q . 16.85 24.34 -21.47
CK3 BPY Q . 16.52 22.99 -20.92
CK4 BPY Q . 16.89 22.64 -19.52
CK5 BPY Q . 17.54 23.60 -18.74
CK6 BPY Q . 17.83 24.88 -19.27
CK7 BPY Q . 16.51 24.71 -22.89
CK8 BPY Q . 16.36 23.73 -23.88
CK9 BPY Q . 16.03 24.07 -25.19
CKA BPY Q . 15.87 25.41 -25.51
CKB BPY Q . 16.02 26.40 -24.54
CKC BPY Q . 16.33 26.06 -23.23
OK1 BPY Q . 16.57 21.40 -19.02
OK2 BPY Q . 15.92 22.04 -21.69
C1 EDO R . 14.54 25.48 -10.26
O1 EDO R . 13.59 26.18 -11.05
C2 EDO R . 14.84 26.23 -8.99
O2 EDO R . 16.25 26.26 -8.72
C1 PEG S . 41.52 4.17 14.46
O1 PEG S . 41.27 4.30 13.04
C2 PEG S . 42.43 2.99 14.75
O2 PEG S . 41.88 1.79 14.18
C3 PEG S . 42.09 0.63 14.99
C4 PEG S . 41.15 0.66 16.20
O4 PEG S . 41.41 -0.44 17.08
C1 EDO T . 17.57 -1.17 5.26
O1 EDO T . 16.46 -1.79 4.59
C2 EDO T . 17.16 0.21 5.72
O2 EDO T . 16.72 0.09 7.05
C1 EDO U . 36.79 7.91 -1.32
O1 EDO U . 36.82 8.46 -2.59
C2 EDO U . 36.46 9.02 -0.36
O2 EDO U . 37.17 8.66 0.79
C1 EDO V . 19.14 21.82 -31.10
O1 EDO V . 18.90 21.20 -32.38
C2 EDO V . 18.38 23.14 -30.91
O2 EDO V . 16.99 22.89 -30.64
C1 EDO W . 27.57 27.21 -4.91
O1 EDO W . 26.68 27.85 -5.83
C2 EDO W . 28.84 26.86 -5.67
O2 EDO W . 29.79 26.27 -4.77
FE FE2 X . -31.05 7.90 6.52
FE1 FES Y . 0.15 17.29 -23.56
FE2 FES Y . 2.73 16.72 -24.44
S1 FES Y . 1.19 17.97 -25.46
S2 FES Y . 1.70 16.03 -22.53
CK1 BPY Z . -35.24 10.16 3.73
CK2 BPY Z . -35.13 8.80 4.05
CK3 BPY Z . -33.93 8.04 3.55
CK4 BPY Z . -32.92 8.80 2.74
CK5 BPY Z . -33.12 10.17 2.49
CK6 BPY Z . -34.26 10.84 2.96
CK7 BPY Z . -36.19 8.12 4.87
CK8 BPY Z . -36.59 6.81 4.60
CK9 BPY Z . -37.58 6.21 5.40
CKA BPY Z . -38.13 6.91 6.46
CKB BPY Z . -37.72 8.21 6.73
CKC BPY Z . -36.75 8.81 5.94
OK1 BPY Z . -31.82 8.18 2.26
OK2 BPY Z . -33.79 6.71 3.81
C1 EDO AA . -41.67 1.08 3.16
O1 EDO AA . -42.75 0.14 3.17
C2 EDO AA . -42.07 2.32 3.95
O2 EDO AA . -41.64 2.10 5.30
C1 GOL BA . -20.19 19.90 -7.63
O1 GOL BA . -21.37 20.36 -7.01
C2 GOL BA . -19.11 19.60 -6.62
O2 GOL BA . -17.94 20.20 -7.17
C3 GOL BA . -19.42 20.07 -5.18
O3 GOL BA . -18.66 19.30 -4.23
C1 EDO CA . -0.61 22.93 -35.51
O1 EDO CA . -1.29 22.11 -36.44
C2 EDO CA . -0.50 24.35 -35.97
O2 EDO CA . 0.15 25.05 -34.93
C1 EDO DA . 3.13 26.22 -20.72
O1 EDO DA . 1.88 26.10 -21.30
C2 EDO DA . 3.05 26.96 -19.42
O2 EDO DA . 4.27 26.93 -18.67
FE1 FES EA . 24.45 -17.66 10.18
FE2 FES EA . 23.09 -15.27 10.13
S1 FES EA . 23.29 -16.80 8.49
S2 FES EA . 24.14 -16.20 11.85
FE1 FES FA . 3.50 1.23 -31.68
FE2 FES FA . 3.14 2.46 -29.21
S1 FES FA . 2.50 0.47 -29.87
S2 FES FA . 4.30 3.17 -31.05
C1 PEG GA . 2.89 -1.93 -63.15
O1 PEG GA . 2.40 -0.63 -63.54
C2 PEG GA . 1.74 -2.94 -63.21
O2 PEG GA . 1.19 -3.14 -61.92
C3 PEG GA . -0.25 -3.26 -61.91
C4 PEG GA . -0.60 -3.96 -60.62
O4 PEG GA . -1.76 -4.76 -60.75
C1 PGE HA . -7.58 4.03 -42.72
O1 PGE HA . -7.93 4.31 -44.09
C2 PGE HA . -6.83 5.17 -42.02
O2 PGE HA . -6.07 6.09 -42.84
C3 PGE HA . -4.63 6.05 -42.81
C4 PGE HA . -4.00 7.41 -43.16
O4 PGE HA . -1.99 8.02 -46.64
C6 PGE HA . -1.27 7.57 -45.50
C5 PGE HA . -2.22 6.69 -44.71
O3 PGE HA . -2.60 7.29 -43.45
FE1 FES IA . -25.25 -18.07 5.02
FE2 FES IA . -23.82 -15.76 5.43
S1 FES IA . -23.04 -17.83 4.93
S2 FES IA . -26.09 -16.02 5.35
#